data_6AQH
#
_entry.id   6AQH
#
_cell.length_a   53.460
_cell.length_b   88.160
_cell.length_c   123.430
_cell.angle_alpha   93.340
_cell.angle_beta   96.450
_cell.angle_gamma   98.930
#
_symmetry.space_group_name_H-M   'P 1'
#
loop_
_entity.id
_entity.type
_entity.pdbx_description
1 polymer 'Lysine--tRNA ligase'
2 non-polymer LYSINE
3 non-polymer cladosporin
4 non-polymer 1,2-ETHANEDIOL
5 water water
#
_entity_poly.entity_id   1
_entity_poly.type   'polypeptide(L)'
_entity_poly.pdbx_seq_one_letter_code
;MAHHHHHHMTPPESVDPDLPEQFRIRQAKRADLLAQGRQPYPVDVPRTHTLLEIRQAYPDLPVDARTGEIVGVTGRVVFA
RNSGKLCFATLQEGDGTQLQAMISLAEVGQEALDNWKTYVDIGDIVFVHGEVITSKRGELSVLADSWQMAAKALRPLPVA
HKEMSEESRVRQRYVDLIVRDQARKVARQRIAVMRAIRSALERRGFLEVETPMLQTLAGGAAARPFVTHSNALDTELYLR
IAPELFLKRCLVGGFERVFELNRVFRNEGADSTHSPEFVMLETYQAYGTYDDSAVVTRELIQEVADEAIGTRQVPLPDGT
VYDLDGEWESIQMYPSLSEALGEEITPDTPAETLWAIADRLGLDIPRDRGYGHGKLVEELWEHTVGAKLWAPTFVKDFPV
ETTPLTRSHRSIPGVTEKWDLYVRRIELATGYSELTDPIIQRERFEAQARAAAAGDDEAMALDEDFLAALEYGMPPSTGT
GMGIDRLMMTLTGLSIRETVLFPIVKPR
;
_entity_poly.pdbx_strand_id   A,B,C,D
#
loop_
_chem_comp.id
_chem_comp.type
_chem_comp.name
_chem_comp.formula
EDO non-polymer 1,2-ETHANEDIOL 'C2 H6 O2'
KRS non-polymer cladosporin 'C16 H20 O5'
#
# COMPACT_ATOMS: atom_id res chain seq x y z
N LEU A 19 -36.70 22.77 49.70
CA LEU A 19 -37.77 21.96 50.27
C LEU A 19 -38.30 20.97 49.24
N PRO A 20 -38.59 19.73 49.68
CA PRO A 20 -39.14 18.73 48.74
C PRO A 20 -40.53 19.07 48.25
N GLU A 21 -41.29 19.90 48.96
CA GLU A 21 -42.60 20.30 48.48
C GLU A 21 -42.49 21.19 47.25
N GLN A 22 -41.49 22.07 47.22
CA GLN A 22 -41.26 22.90 46.04
C GLN A 22 -40.89 22.07 44.81
N PHE A 23 -40.36 20.87 45.02
CA PHE A 23 -40.01 20.01 43.90
C PHE A 23 -41.26 19.48 43.20
N ARG A 24 -42.25 19.02 43.97
CA ARG A 24 -43.47 18.51 43.38
C ARG A 24 -44.37 19.63 42.89
N ILE A 25 -44.27 20.83 43.48
CA ILE A 25 -45.01 21.97 42.96
C ILE A 25 -44.55 22.30 41.55
N ARG A 26 -43.23 22.30 41.32
CA ARG A 26 -42.71 22.52 39.98
C ARG A 26 -42.96 21.34 39.07
N GLN A 27 -43.07 20.13 39.63
CA GLN A 27 -43.43 18.96 38.83
C GLN A 27 -44.86 19.07 38.33
N ALA A 28 -45.79 19.46 39.22
CA ALA A 28 -47.19 19.60 38.82
C ALA A 28 -47.36 20.68 37.75
N LYS A 29 -46.63 21.79 37.89
CA LYS A 29 -46.67 22.83 36.87
C LYS A 29 -46.16 22.30 35.53
N ARG A 30 -45.13 21.45 35.57
CA ARG A 30 -44.59 20.89 34.33
C ARG A 30 -45.57 19.90 33.70
N ALA A 31 -46.08 18.95 34.50
CA ALA A 31 -46.97 17.94 33.96
C ALA A 31 -48.29 18.55 33.47
N ASP A 32 -48.80 19.56 34.20
CA ASP A 32 -50.00 20.24 33.74
C ASP A 32 -49.72 21.01 32.44
N LEU A 33 -48.54 21.63 32.34
CA LEU A 33 -48.19 22.37 31.13
C LEU A 33 -48.04 21.43 29.95
N LEU A 34 -47.40 20.28 30.15
CA LEU A 34 -47.20 19.34 29.05
C LEU A 34 -48.51 18.72 28.59
N ALA A 35 -49.38 18.35 29.54
CA ALA A 35 -50.62 17.68 29.17
C ALA A 35 -51.57 18.62 28.44
N GLN A 36 -51.51 19.92 28.73
CA GLN A 36 -52.41 20.90 28.14
C GLN A 36 -51.93 21.41 26.79
N GLY A 37 -50.97 20.72 26.16
CA GLY A 37 -50.48 21.09 24.85
C GLY A 37 -49.30 22.05 24.87
N ARG A 38 -49.15 22.83 25.94
CA ARG A 38 -47.95 23.64 26.08
C ARG A 38 -46.74 22.74 26.22
N GLN A 39 -45.58 23.26 25.81
CA GLN A 39 -44.36 22.46 25.87
C GLN A 39 -43.41 23.06 26.89
N PRO A 40 -43.26 22.46 28.08
CA PRO A 40 -42.30 22.99 29.06
C PRO A 40 -40.85 22.83 28.64
N TYR A 41 -40.58 21.97 27.66
CA TYR A 41 -39.22 21.77 27.14
C TYR A 41 -39.30 21.66 25.62
N PRO A 42 -39.57 22.78 24.93
CA PRO A 42 -39.73 22.73 23.48
C PRO A 42 -38.40 22.50 22.78
N VAL A 43 -38.49 22.10 21.51
CA VAL A 43 -37.28 21.87 20.73
C VAL A 43 -36.62 23.18 20.31
N ASP A 44 -37.39 24.26 20.25
CA ASP A 44 -36.84 25.57 19.88
C ASP A 44 -37.83 26.65 20.27
N VAL A 45 -37.35 27.88 20.28
CA VAL A 45 -38.18 29.07 20.48
C VAL A 45 -37.71 30.13 19.48
N PRO A 46 -38.61 30.95 18.93
CA PRO A 46 -38.19 31.97 17.96
C PRO A 46 -37.31 33.04 18.60
N ARG A 47 -36.08 32.67 18.95
CA ARG A 47 -35.14 33.58 19.61
C ARG A 47 -34.43 34.42 18.54
N THR A 48 -34.57 35.75 18.64
CA THR A 48 -33.98 36.66 17.67
C THR A 48 -32.88 37.54 18.23
N HIS A 49 -32.91 37.85 19.53
CA HIS A 49 -31.94 38.73 20.14
C HIS A 49 -31.45 38.14 21.45
N THR A 50 -30.18 38.41 21.76
CA THR A 50 -29.64 38.15 23.08
C THR A 50 -29.87 39.36 23.97
N LEU A 51 -29.75 39.15 25.28
CA LEU A 51 -29.93 40.26 26.21
C LEU A 51 -28.80 41.27 26.09
N LEU A 52 -27.60 40.82 25.70
CA LEU A 52 -26.45 41.71 25.66
C LEU A 52 -26.56 42.71 24.52
N GLU A 53 -26.94 42.25 23.32
CA GLU A 53 -27.05 43.17 22.19
C GLU A 53 -28.16 44.19 22.37
N ILE A 54 -29.18 43.86 23.18
CA ILE A 54 -30.23 44.82 23.46
C ILE A 54 -29.71 45.92 24.38
N ARG A 55 -28.85 45.56 25.33
CA ARG A 55 -28.26 46.58 26.20
C ARG A 55 -27.29 47.47 25.44
N GLN A 56 -26.52 46.88 24.52
CA GLN A 56 -25.56 47.67 23.74
C GLN A 56 -26.28 48.56 22.73
N ALA A 57 -27.40 48.11 22.18
CA ALA A 57 -28.13 48.91 21.20
C ALA A 57 -28.86 50.08 21.84
N TYR A 58 -29.16 50.01 23.13
CA TYR A 58 -29.85 51.08 23.85
C TYR A 58 -29.12 51.37 25.14
N PRO A 59 -27.95 52.04 25.07
CA PRO A 59 -27.17 52.31 26.29
C PRO A 59 -27.90 53.22 27.26
N ASP A 60 -28.25 54.43 26.82
CA ASP A 60 -29.01 55.37 27.61
C ASP A 60 -30.35 55.64 26.93
N LEU A 61 -31.42 55.58 27.71
CA LEU A 61 -32.76 55.84 27.23
C LEU A 61 -33.55 56.53 28.33
N PRO A 62 -34.34 57.54 27.99
CA PRO A 62 -35.22 58.15 28.99
C PRO A 62 -36.31 57.18 29.42
N VAL A 63 -36.89 57.47 30.59
CA VAL A 63 -37.96 56.63 31.10
C VAL A 63 -39.18 56.74 30.20
N ASP A 64 -39.97 55.66 30.17
CA ASP A 64 -41.19 55.57 29.35
C ASP A 64 -40.86 55.86 27.87
N ALA A 65 -40.08 54.94 27.30
CA ALA A 65 -39.68 55.01 25.90
C ALA A 65 -40.10 53.75 25.18
N ARG A 66 -40.73 53.91 24.03
CA ARG A 66 -41.18 52.80 23.19
C ARG A 66 -40.30 52.78 21.94
N THR A 67 -39.32 51.88 21.94
CA THR A 67 -38.34 51.86 20.85
C THR A 67 -38.96 51.33 19.56
N GLY A 68 -39.99 50.49 19.66
CA GLY A 68 -40.58 49.86 18.50
C GLY A 68 -39.87 48.62 18.01
N GLU A 69 -38.68 48.33 18.53
CA GLU A 69 -37.93 47.15 18.13
C GLU A 69 -38.61 45.91 18.69
N ILE A 70 -39.18 45.09 17.79
CA ILE A 70 -39.86 43.86 18.20
C ILE A 70 -38.83 42.74 18.22
N VAL A 71 -38.63 42.14 19.40
CA VAL A 71 -37.61 41.13 19.58
C VAL A 71 -38.20 39.89 20.23
N GLY A 72 -37.44 38.81 20.19
CA GLY A 72 -37.78 37.58 20.88
C GLY A 72 -36.59 37.05 21.65
N VAL A 73 -36.61 37.18 22.97
CA VAL A 73 -35.45 36.89 23.80
C VAL A 73 -35.76 35.74 24.75
N THR A 74 -34.69 35.18 25.30
CA THR A 74 -34.77 34.12 26.30
C THR A 74 -33.88 34.49 27.48
N GLY A 75 -34.05 33.76 28.57
CA GLY A 75 -33.26 34.00 29.77
C GLY A 75 -33.82 33.33 31.00
N ARG A 76 -32.94 32.99 31.95
CA ARG A 76 -33.38 32.37 33.19
C ARG A 76 -33.96 33.42 34.12
N VAL A 77 -35.10 33.09 34.73
CA VAL A 77 -35.76 34.01 35.66
C VAL A 77 -35.03 33.95 36.99
N VAL A 78 -34.31 35.02 37.32
CA VAL A 78 -33.59 35.10 38.58
C VAL A 78 -34.26 36.00 39.60
N PHE A 79 -35.33 36.72 39.22
CA PHE A 79 -36.09 37.54 40.15
C PHE A 79 -37.46 37.81 39.54
N ALA A 80 -38.50 37.63 40.34
CA ALA A 80 -39.88 37.81 39.90
C ALA A 80 -40.64 38.66 40.90
N ARG A 81 -41.44 39.60 40.39
CA ARG A 81 -42.28 40.45 41.22
C ARG A 81 -43.67 40.49 40.60
N ASN A 82 -44.66 40.00 41.33
CA ASN A 82 -46.03 39.97 40.85
C ASN A 82 -46.78 41.23 41.24
N SER A 83 -47.53 41.77 40.29
CA SER A 83 -48.47 42.86 40.54
C SER A 83 -49.72 42.60 39.72
N GLY A 84 -50.83 43.17 40.17
CA GLY A 84 -52.15 42.90 39.62
C GLY A 84 -52.24 42.79 38.11
N LYS A 85 -52.03 43.89 37.40
CA LYS A 85 -52.14 43.92 35.95
C LYS A 85 -50.81 43.79 35.24
N LEU A 86 -49.68 43.86 35.95
CA LEU A 86 -48.37 43.90 35.33
C LEU A 86 -47.41 43.06 36.15
N CYS A 87 -46.80 42.06 35.52
CA CYS A 87 -45.83 41.19 36.18
C CYS A 87 -44.42 41.55 35.73
N PHE A 88 -43.53 41.73 36.70
CA PHE A 88 -42.13 42.05 36.45
C PHE A 88 -41.29 40.81 36.69
N ALA A 89 -40.27 40.62 35.85
CA ALA A 89 -39.35 39.50 35.98
C ALA A 89 -38.00 39.87 35.41
N THR A 90 -36.94 39.54 36.14
CA THR A 90 -35.58 39.79 35.70
C THR A 90 -35.06 38.54 34.97
N LEU A 91 -34.78 38.68 33.69
CA LEU A 91 -34.19 37.60 32.90
C LEU A 91 -32.67 37.73 32.89
N GLN A 92 -32.00 36.58 32.83
CA GLN A 92 -30.54 36.55 32.83
C GLN A 92 -30.09 35.43 31.89
N GLU A 93 -29.25 35.78 30.92
CA GLU A 93 -28.72 34.80 29.99
C GLU A 93 -27.41 34.23 30.55
N GLY A 94 -26.60 33.61 29.70
CA GLY A 94 -25.47 32.83 30.19
C GLY A 94 -24.37 33.68 30.80
N ASP A 95 -23.92 34.70 30.06
CA ASP A 95 -22.79 35.49 30.52
C ASP A 95 -23.13 36.41 31.69
N GLY A 96 -24.35 36.39 32.21
CA GLY A 96 -24.75 37.24 33.30
C GLY A 96 -25.50 38.49 32.91
N THR A 97 -25.67 38.74 31.61
CA THR A 97 -26.42 39.92 31.18
C THR A 97 -27.89 39.79 31.60
N GLN A 98 -28.43 40.87 32.16
CA GLN A 98 -29.78 40.88 32.68
C GLN A 98 -30.66 41.84 31.89
N LEU A 99 -31.96 41.53 31.86
CA LEU A 99 -32.95 42.36 31.18
C LEU A 99 -34.32 42.03 31.75
N GLN A 100 -35.10 43.06 32.05
CA GLN A 100 -36.39 42.86 32.71
C GLN A 100 -37.45 42.45 31.71
N ALA A 101 -38.35 41.57 32.14
CA ALA A 101 -39.50 41.16 31.36
C ALA A 101 -40.76 41.76 31.95
N MET A 102 -41.60 42.35 31.10
CA MET A 102 -42.83 43.00 31.53
C MET A 102 -44.02 42.29 30.90
N ILE A 103 -44.86 41.69 31.73
CA ILE A 103 -46.07 40.99 31.29
C ILE A 103 -47.25 41.78 31.80
N SER A 104 -47.95 42.47 30.91
CA SER A 104 -49.09 43.31 31.26
C SER A 104 -50.34 42.77 30.59
N LEU A 105 -51.49 43.02 31.23
CA LEU A 105 -52.77 42.58 30.68
C LEU A 105 -53.04 43.24 29.33
N ALA A 106 -52.64 44.51 29.17
CA ALA A 106 -52.95 45.24 27.96
C ALA A 106 -52.19 44.75 26.74
N GLU A 107 -51.13 43.96 26.93
CA GLU A 107 -50.29 43.52 25.82
C GLU A 107 -50.32 42.03 25.58
N VAL A 108 -50.41 41.21 26.63
CA VAL A 108 -50.42 39.75 26.46
C VAL A 108 -51.82 39.16 26.53
N GLY A 109 -52.79 39.86 27.11
CA GLY A 109 -54.13 39.33 27.28
C GLY A 109 -54.34 38.79 28.68
N GLN A 110 -55.55 38.27 28.89
CA GLN A 110 -55.93 37.80 30.22
C GLN A 110 -55.33 36.43 30.52
N GLU A 111 -55.52 35.47 29.62
CA GLU A 111 -55.06 34.11 29.90
C GLU A 111 -53.53 34.02 29.90
N ALA A 112 -52.87 34.77 29.02
CA ALA A 112 -51.42 34.80 29.02
C ALA A 112 -50.88 35.42 30.30
N LEU A 113 -51.58 36.42 30.85
CA LEU A 113 -51.18 37.00 32.12
C LEU A 113 -51.41 36.02 33.27
N ASP A 114 -52.56 35.34 33.27
CA ASP A 114 -52.84 34.38 34.34
C ASP A 114 -51.93 33.16 34.25
N ASN A 115 -51.59 32.73 33.02
CA ASN A 115 -50.69 31.59 32.88
C ASN A 115 -49.28 31.93 33.36
N TRP A 116 -48.85 33.19 33.19
CA TRP A 116 -47.55 33.61 33.71
C TRP A 116 -47.51 33.50 35.23
N LYS A 117 -48.57 33.98 35.90
CA LYS A 117 -48.61 33.88 37.36
C LYS A 117 -48.72 32.44 37.82
N THR A 118 -49.32 31.57 37.00
CA THR A 118 -49.58 30.20 37.42
C THR A 118 -48.35 29.30 37.28
N TYR A 119 -47.61 29.42 36.17
CA TYR A 119 -46.59 28.45 35.83
C TYR A 119 -45.16 28.96 35.96
N VAL A 120 -44.92 30.26 35.82
CA VAL A 120 -43.57 30.78 35.83
C VAL A 120 -43.08 30.91 37.27
N ASP A 121 -41.94 30.27 37.57
CA ASP A 121 -41.28 30.36 38.85
C ASP A 121 -39.87 30.88 38.66
N ILE A 122 -39.25 31.30 39.75
CA ILE A 122 -37.86 31.73 39.72
C ILE A 122 -36.97 30.54 39.41
N GLY A 123 -36.08 30.70 38.45
CA GLY A 123 -35.24 29.63 37.97
C GLY A 123 -35.65 29.07 36.62
N ASP A 124 -36.90 29.27 36.22
CA ASP A 124 -37.35 28.79 34.92
C ASP A 124 -36.69 29.59 33.79
N ILE A 125 -36.36 28.88 32.72
CA ILE A 125 -35.89 29.53 31.49
C ILE A 125 -37.11 29.73 30.60
N VAL A 126 -37.38 30.99 30.24
CA VAL A 126 -38.60 31.34 29.52
C VAL A 126 -38.24 32.11 28.27
N PHE A 127 -39.13 32.01 27.28
CA PHE A 127 -39.04 32.82 26.07
C PHE A 127 -40.07 33.93 26.13
N VAL A 128 -39.66 35.14 25.77
CA VAL A 128 -40.51 36.32 25.84
C VAL A 128 -40.38 37.10 24.53
N HIS A 129 -41.51 37.38 23.90
CA HIS A 129 -41.57 38.15 22.67
C HIS A 129 -42.28 39.46 22.94
N GLY A 130 -41.74 40.56 22.46
CA GLY A 130 -42.35 41.86 22.70
C GLY A 130 -41.52 42.99 22.16
N GLU A 131 -41.75 44.17 22.73
CA GLU A 131 -41.13 45.41 22.29
C GLU A 131 -40.15 45.91 23.36
N VAL A 132 -38.96 46.32 22.92
CA VAL A 132 -37.97 46.84 23.84
C VAL A 132 -38.41 48.23 24.32
N ILE A 133 -38.60 48.37 25.63
CA ILE A 133 -39.06 49.62 26.24
C ILE A 133 -38.22 49.90 27.47
N THR A 134 -38.49 51.03 28.10
CA THR A 134 -37.96 51.38 29.41
C THR A 134 -39.12 51.61 30.36
N SER A 135 -38.97 51.14 31.61
CA SER A 135 -40.03 51.26 32.59
C SER A 135 -40.21 52.72 33.01
N LYS A 136 -41.23 52.96 33.83
CA LYS A 136 -41.40 54.28 34.43
C LYS A 136 -40.23 54.67 35.31
N ARG A 137 -39.51 53.68 35.84
CA ARG A 137 -38.30 53.90 36.62
C ARG A 137 -37.04 53.96 35.77
N GLY A 138 -37.16 53.74 34.47
CA GLY A 138 -36.02 53.77 33.57
C GLY A 138 -35.36 52.43 33.33
N GLU A 139 -35.92 51.34 33.86
CA GLU A 139 -35.33 50.02 33.69
C GLU A 139 -35.60 49.51 32.28
N LEU A 140 -34.54 49.20 31.55
CA LEU A 140 -34.69 48.65 30.21
C LEU A 140 -35.35 47.29 30.28
N SER A 141 -36.50 47.15 29.60
CA SER A 141 -37.31 45.94 29.72
C SER A 141 -37.81 45.53 28.34
N VAL A 142 -38.47 44.38 28.31
CA VAL A 142 -39.15 43.87 27.12
C VAL A 142 -40.63 43.80 27.43
N LEU A 143 -41.40 44.71 26.84
CA LEU A 143 -42.86 44.71 27.02
C LEU A 143 -43.43 43.55 26.22
N ALA A 144 -43.76 42.45 26.90
CA ALA A 144 -44.15 41.23 26.23
C ALA A 144 -45.56 41.34 25.67
N ASP A 145 -45.78 40.66 24.53
CA ASP A 145 -47.12 40.40 24.03
C ASP A 145 -47.44 38.90 24.00
N SER A 146 -46.44 38.04 24.15
CA SER A 146 -46.62 36.60 24.19
C SER A 146 -45.36 35.98 24.76
N TRP A 147 -45.52 34.98 25.63
CA TRP A 147 -44.39 34.30 26.24
C TRP A 147 -44.53 32.80 26.02
N GLN A 148 -43.46 32.08 26.33
CA GLN A 148 -43.45 30.63 26.17
C GLN A 148 -42.38 30.04 27.08
N MET A 149 -42.70 28.90 27.68
CA MET A 149 -41.75 28.22 28.55
C MET A 149 -40.65 27.56 27.72
N ALA A 150 -39.40 27.83 28.08
CA ALA A 150 -38.26 27.21 27.41
C ALA A 150 -37.65 26.06 28.20
N ALA A 151 -37.67 26.13 29.52
CA ALA A 151 -37.18 25.04 30.37
C ALA A 151 -37.76 25.22 31.76
N LYS A 152 -38.69 24.35 32.13
CA LYS A 152 -39.30 24.40 33.46
C LYS A 152 -38.32 23.81 34.48
N ALA A 153 -37.87 24.64 35.41
CA ALA A 153 -36.92 24.21 36.41
C ALA A 153 -37.65 23.47 37.55
N LEU A 154 -37.15 22.29 37.90
CA LEU A 154 -37.73 21.51 38.98
C LEU A 154 -37.05 21.77 40.32
N ARG A 155 -35.80 22.22 40.32
CA ARG A 155 -35.11 22.59 41.54
C ARG A 155 -34.90 24.09 41.56
N PRO A 156 -35.39 24.81 42.57
CA PRO A 156 -35.22 26.26 42.60
C PRO A 156 -33.78 26.65 42.87
N LEU A 157 -33.40 27.82 42.34
CA LEU A 157 -32.10 28.39 42.64
C LEU A 157 -32.02 28.72 44.13
N PRO A 158 -30.81 28.82 44.67
CA PRO A 158 -30.67 29.23 46.07
C PRO A 158 -31.29 30.59 46.31
N VAL A 159 -31.81 30.79 47.52
CA VAL A 159 -32.42 32.07 47.88
C VAL A 159 -31.40 33.18 47.71
N ALA A 160 -31.90 34.39 47.46
CA ALA A 160 -31.03 35.53 47.19
C ALA A 160 -30.08 35.77 48.37
N HIS A 161 -28.79 35.82 48.06
CA HIS A 161 -27.70 36.09 49.00
C HIS A 161 -27.49 34.98 50.02
N LYS A 162 -28.14 33.83 49.85
CA LYS A 162 -27.82 32.65 50.64
C LYS A 162 -26.46 32.14 50.18
N GLU A 163 -25.41 32.47 50.93
CA GLU A 163 -24.04 32.21 50.49
C GLU A 163 -23.80 30.71 50.31
N MET A 164 -23.36 30.34 49.11
CA MET A 164 -23.01 28.95 48.85
C MET A 164 -21.66 28.64 49.49
N SER A 165 -21.59 27.51 50.19
CA SER A 165 -20.34 27.11 50.82
C SER A 165 -19.30 26.77 49.76
N GLU A 166 -18.03 26.76 50.18
CA GLU A 166 -16.94 26.44 49.27
C GLU A 166 -17.09 25.03 48.69
N GLU A 167 -17.63 24.10 49.48
CA GLU A 167 -17.83 22.74 48.98
C GLU A 167 -19.01 22.68 48.02
N SER A 168 -20.05 23.49 48.26
CA SER A 168 -21.21 23.49 47.38
C SER A 168 -20.90 24.11 46.02
N ARG A 169 -19.98 25.08 45.98
CA ARG A 169 -19.61 25.69 44.71
C ARG A 169 -18.94 24.67 43.79
N VAL A 170 -18.18 23.74 44.36
CA VAL A 170 -17.52 22.72 43.56
C VAL A 170 -18.51 21.62 43.17
N ARG A 171 -19.34 21.18 44.12
CA ARG A 171 -20.25 20.09 43.82
C ARG A 171 -21.33 20.51 42.82
N GLN A 172 -21.63 21.81 42.75
CA GLN A 172 -22.64 22.35 41.86
C GLN A 172 -22.08 23.62 41.19
N ARG A 173 -21.10 23.43 40.29
CA ARG A 173 -20.53 24.57 39.58
C ARG A 173 -21.56 25.23 38.66
N TYR A 174 -22.50 24.44 38.12
CA TYR A 174 -23.52 25.02 37.25
C TYR A 174 -24.40 26.00 38.00
N VAL A 175 -24.70 25.71 39.27
CA VAL A 175 -25.41 26.68 40.09
C VAL A 175 -24.51 27.86 40.44
N ASP A 176 -23.21 27.57 40.68
CA ASP A 176 -22.28 28.64 41.02
C ASP A 176 -22.12 29.64 39.88
N LEU A 177 -22.19 29.17 38.63
CA LEU A 177 -22.06 30.05 37.48
C LEU A 177 -23.30 30.90 37.25
N ILE A 178 -24.42 30.60 37.91
CA ILE A 178 -25.64 31.37 37.71
C ILE A 178 -25.75 32.51 38.72
N VAL A 179 -25.37 32.25 39.98
CA VAL A 179 -25.63 33.21 41.06
C VAL A 179 -24.41 34.05 41.42
N ARG A 180 -23.20 33.61 41.09
CA ARG A 180 -21.98 34.31 41.48
C ARG A 180 -21.26 34.79 40.24
N ASP A 181 -21.10 36.11 40.12
CA ASP A 181 -20.42 36.68 38.97
C ASP A 181 -18.93 36.34 38.97
N GLN A 182 -18.35 36.12 40.15
CA GLN A 182 -16.93 35.77 40.23
C GLN A 182 -16.65 34.40 39.61
N ALA A 183 -17.62 33.49 39.67
CA ALA A 183 -17.42 32.17 39.07
C ALA A 183 -17.37 32.25 37.55
N ARG A 184 -18.19 33.12 36.95
CA ARG A 184 -18.17 33.26 35.50
C ARG A 184 -16.90 33.95 35.03
N LYS A 185 -16.44 34.97 35.77
CA LYS A 185 -15.24 35.69 35.36
C LYS A 185 -14.01 34.79 35.42
N VAL A 186 -13.88 34.00 36.49
CA VAL A 186 -12.72 33.12 36.63
C VAL A 186 -12.76 32.02 35.57
N ALA A 187 -13.95 31.50 35.28
CA ALA A 187 -14.07 30.48 34.25
C ALA A 187 -13.71 31.03 32.88
N ARG A 188 -14.17 32.25 32.57
CA ARG A 188 -13.82 32.86 31.29
C ARG A 188 -12.36 33.32 31.27
N GLN A 189 -11.79 33.59 32.44
CA GLN A 189 -10.36 33.96 32.50
C GLN A 189 -9.49 32.76 32.14
N ARG A 190 -9.84 31.56 32.62
CA ARG A 190 -9.07 30.38 32.28
C ARG A 190 -9.13 30.09 30.78
N ILE A 191 -10.30 30.29 30.17
CA ILE A 191 -10.43 30.09 28.73
C ILE A 191 -9.53 31.07 27.98
N ALA A 192 -9.45 32.31 28.47
CA ALA A 192 -8.58 33.30 27.83
C ALA A 192 -7.11 32.96 28.01
N VAL A 193 -6.73 32.35 29.13
CA VAL A 193 -5.35 31.97 29.35
C VAL A 193 -4.93 30.85 28.40
N MET A 194 -5.79 29.85 28.24
CA MET A 194 -5.46 28.73 27.36
C MET A 194 -5.32 29.18 25.91
N ARG A 195 -6.15 30.13 25.49
CA ARG A 195 -6.02 30.68 24.14
C ARG A 195 -4.83 31.61 24.02
N ALA A 196 -4.49 32.32 25.09
CA ALA A 196 -3.32 33.20 25.05
C ALA A 196 -2.03 32.40 24.92
N ILE A 197 -1.95 31.26 25.63
CA ILE A 197 -0.76 30.42 25.55
C ILE A 197 -0.57 29.89 24.13
N ARG A 198 -1.67 29.45 23.50
CA ARG A 198 -1.58 28.93 22.15
C ARG A 198 -1.18 30.02 21.16
N SER A 199 -1.81 31.20 21.27
CA SER A 199 -1.50 32.29 20.35
C SER A 199 -0.06 32.80 20.54
N ALA A 200 0.46 32.73 21.77
CA ALA A 200 1.81 33.22 22.03
C ALA A 200 2.87 32.21 21.59
N LEU A 201 2.58 30.92 21.68
CA LEU A 201 3.54 29.91 21.26
C LEU A 201 3.51 29.71 19.74
N GLU A 202 2.33 29.79 19.14
CA GLU A 202 2.22 29.59 17.69
C GLU A 202 2.87 30.73 16.92
N ARG A 203 2.87 31.94 17.47
CA ARG A 203 3.55 33.05 16.83
C ARG A 203 5.06 32.97 16.96
N ARG A 204 5.57 32.02 17.73
CA ARG A 204 7.01 31.79 17.85
C ARG A 204 7.47 30.57 17.05
N GLY A 205 6.61 30.01 16.22
CA GLY A 205 6.95 28.85 15.41
C GLY A 205 6.70 27.51 16.06
N PHE A 206 6.08 27.48 17.23
CA PHE A 206 5.81 26.23 17.91
C PHE A 206 4.57 25.55 17.36
N LEU A 207 4.59 24.23 17.30
CA LEU A 207 3.48 23.41 16.85
C LEU A 207 2.93 22.63 18.02
N GLU A 208 1.60 22.60 18.16
CA GLU A 208 0.97 21.84 19.22
C GLU A 208 0.80 20.40 18.77
N VAL A 209 1.34 19.46 19.54
CA VAL A 209 1.26 18.04 19.22
C VAL A 209 0.54 17.32 20.36
N GLU A 210 0.26 16.05 20.14
CA GLU A 210 -0.47 15.21 21.08
C GLU A 210 0.33 13.95 21.36
N THR A 211 0.63 13.70 22.62
CA THR A 211 1.32 12.49 23.03
C THR A 211 0.39 11.62 23.86
N PRO A 212 0.55 10.29 23.84
CA PRO A 212 -0.42 9.42 24.48
C PRO A 212 -0.51 9.65 25.98
N MET A 213 -1.73 9.56 26.51
CA MET A 213 -1.96 9.64 27.95
C MET A 213 -1.95 8.25 28.60
N LEU A 214 -2.25 7.20 27.84
CA LEU A 214 -2.12 5.83 28.31
C LEU A 214 -0.76 5.32 27.87
N GLN A 215 0.18 5.25 28.79
CA GLN A 215 1.54 4.83 28.51
C GLN A 215 1.84 3.49 29.16
N THR A 216 2.74 2.73 28.55
CA THR A 216 3.19 1.46 29.11
C THR A 216 4.18 1.64 30.24
N LEU A 217 4.76 2.84 30.39
CA LEU A 217 5.68 3.13 31.48
C LEU A 217 5.67 4.63 31.70
N ALA A 218 5.18 5.05 32.86
CA ALA A 218 5.08 6.47 33.19
C ALA A 218 6.47 7.03 33.51
N GLY A 219 6.79 8.16 32.90
CA GLY A 219 8.07 8.80 33.12
C GLY A 219 8.01 10.28 32.82
N GLY A 220 9.18 10.90 32.78
CA GLY A 220 9.28 12.31 32.53
C GLY A 220 9.11 13.20 33.74
N ALA A 221 8.86 12.63 34.91
CA ALA A 221 8.70 13.40 36.15
C ALA A 221 8.87 12.45 37.32
N ALA A 222 8.74 12.99 38.53
CA ALA A 222 8.86 12.23 39.77
C ALA A 222 7.51 12.24 40.47
N ALA A 223 6.71 11.20 40.25
CA ALA A 223 5.38 11.10 40.83
C ALA A 223 4.89 9.67 40.69
N ARG A 224 3.87 9.35 41.50
CA ARG A 224 3.20 8.06 41.45
C ARG A 224 2.10 8.08 40.40
N PRO A 225 2.00 7.04 39.56
CA PRO A 225 1.04 7.07 38.45
C PRO A 225 -0.28 6.40 38.76
N PHE A 226 -1.31 6.70 37.96
CA PHE A 226 -2.56 5.97 37.99
C PHE A 226 -2.42 4.71 37.13
N VAL A 227 -2.83 3.57 37.68
CA VAL A 227 -2.71 2.29 37.02
C VAL A 227 -4.10 1.82 36.58
N THR A 228 -4.21 1.37 35.34
CA THR A 228 -5.46 0.85 34.80
C THR A 228 -5.17 -0.37 33.95
N HIS A 229 -6.22 -1.14 33.67
CA HIS A 229 -6.13 -2.36 32.89
C HIS A 229 -6.71 -2.14 31.50
N SER A 230 -6.02 -2.67 30.49
CA SER A 230 -6.46 -2.56 29.10
C SER A 230 -7.09 -3.89 28.67
N ASN A 231 -8.28 -3.82 28.08
CA ASN A 231 -8.92 -5.05 27.63
C ASN A 231 -8.44 -5.46 26.24
N ALA A 232 -8.00 -4.50 25.44
CA ALA A 232 -7.53 -4.81 24.09
C ALA A 232 -6.12 -5.41 24.13
N LEU A 233 -5.29 -4.95 25.05
CA LEU A 233 -3.92 -5.43 25.18
C LEU A 233 -3.75 -6.44 26.31
N ASP A 234 -4.72 -6.55 27.21
CA ASP A 234 -4.66 -7.47 28.35
C ASP A 234 -3.39 -7.26 29.18
N THR A 235 -3.17 -6.00 29.57
CA THR A 235 -2.02 -5.64 30.37
C THR A 235 -2.35 -4.38 31.15
N GLU A 236 -1.42 -4.00 32.04
CA GLU A 236 -1.60 -2.85 32.91
C GLU A 236 -0.97 -1.62 32.25
N LEU A 237 -1.77 -0.58 32.06
CA LEU A 237 -1.30 0.69 31.51
C LEU A 237 -1.23 1.73 32.62
N TYR A 238 -0.60 2.85 32.31
CA TYR A 238 -0.38 3.93 33.28
C TYR A 238 -0.76 5.26 32.65
N LEU A 239 -1.55 6.04 33.37
CA LEU A 239 -1.81 7.41 32.96
C LEU A 239 -0.55 8.23 33.10
N ARG A 240 -0.28 9.06 32.09
CA ARG A 240 0.99 9.78 32.04
C ARG A 240 1.10 10.79 33.17
N ILE A 241 2.31 10.91 33.72
CA ILE A 241 2.63 11.99 34.65
C ILE A 241 3.31 13.16 33.98
N ALA A 242 3.81 12.98 32.75
CA ALA A 242 4.47 14.03 31.98
C ALA A 242 4.63 13.55 30.55
N PRO A 243 4.58 14.44 29.56
CA PRO A 243 4.83 14.01 28.17
C PRO A 243 6.27 14.19 27.75
N GLU A 244 7.17 14.34 28.72
CA GLU A 244 8.55 14.71 28.43
C GLU A 244 9.23 13.69 27.52
N LEU A 245 9.10 12.40 27.86
CA LEU A 245 9.82 11.37 27.10
C LEU A 245 9.29 11.25 25.67
N PHE A 246 8.00 11.46 25.46
CA PHE A 246 7.44 11.38 24.11
C PHE A 246 7.64 12.67 23.34
N LEU A 247 7.64 13.82 24.02
CA LEU A 247 7.97 15.07 23.34
C LEU A 247 9.43 15.09 22.91
N LYS A 248 10.30 14.36 23.61
CA LYS A 248 11.68 14.22 23.17
C LYS A 248 11.79 13.33 21.95
N ARG A 249 10.88 12.35 21.81
CA ARG A 249 10.83 11.57 20.58
C ARG A 249 10.54 12.44 19.36
N CYS A 250 9.78 13.52 19.56
CA CYS A 250 9.50 14.43 18.46
C CYS A 250 10.76 15.19 18.05
N LEU A 251 11.61 15.53 19.02
CA LEU A 251 12.87 16.19 18.70
C LEU A 251 13.75 15.30 17.83
N VAL A 252 13.84 14.01 18.17
CA VAL A 252 14.57 13.06 17.34
C VAL A 252 13.89 12.93 15.98
N GLY A 253 12.55 13.02 15.95
CA GLY A 253 11.82 12.89 14.71
C GLY A 253 11.95 14.07 13.78
N GLY A 254 12.29 15.25 14.30
CA GLY A 254 12.51 16.41 13.47
C GLY A 254 11.78 17.66 13.91
N PHE A 255 10.90 17.55 14.89
CA PHE A 255 10.16 18.71 15.37
C PHE A 255 11.10 19.64 16.12
N GLU A 256 11.30 20.85 15.60
CA GLU A 256 12.20 21.81 16.21
C GLU A 256 11.53 22.62 17.32
N ARG A 257 10.32 23.11 17.06
CA ARG A 257 9.56 23.89 18.05
C ARG A 257 8.22 23.20 18.26
N VAL A 258 8.07 22.55 19.42
CA VAL A 258 6.91 21.72 19.70
C VAL A 258 6.48 21.97 21.14
N PHE A 259 5.17 21.90 21.38
CA PHE A 259 4.64 22.03 22.73
C PHE A 259 3.36 21.21 22.84
N GLU A 260 3.05 20.81 24.08
CA GLU A 260 1.81 20.12 24.40
C GLU A 260 1.17 20.80 25.59
N LEU A 261 -0.15 21.03 25.50
CA LEU A 261 -0.92 21.75 26.52
C LEU A 261 -2.15 20.89 26.82
N ASN A 262 -2.02 19.96 27.77
CA ASN A 262 -3.11 19.03 28.02
C ASN A 262 -3.00 18.51 29.46
N ARG A 263 -3.66 17.39 29.73
CA ARG A 263 -3.80 16.85 31.07
CA ARG A 263 -3.80 16.85 31.07
C ARG A 263 -2.60 15.98 31.44
N VAL A 264 -2.35 15.88 32.74
CA VAL A 264 -1.36 14.96 33.30
C VAL A 264 -1.90 14.46 34.63
N PHE A 265 -1.54 13.23 34.98
CA PHE A 265 -2.13 12.55 36.12
C PHE A 265 -1.02 12.08 37.06
N ARG A 266 -1.02 12.61 38.28
CA ARG A 266 -0.04 12.23 39.30
C ARG A 266 -0.82 11.82 40.55
N ASN A 267 -0.78 10.52 40.86
CA ASN A 267 -1.64 9.93 41.89
C ASN A 267 -1.00 10.11 43.27
N GLU A 268 -1.02 11.36 43.74
CA GLU A 268 -0.46 11.69 45.04
C GLU A 268 -1.50 12.53 45.80
N GLY A 269 -1.04 13.23 46.84
CA GLY A 269 -1.94 13.99 47.69
C GLY A 269 -2.40 15.28 47.05
N ALA A 270 -3.63 15.67 47.37
CA ALA A 270 -4.25 16.89 46.85
C ALA A 270 -4.34 17.91 47.96
N ASP A 271 -3.98 19.16 47.65
CA ASP A 271 -4.06 20.24 48.62
C ASP A 271 -4.27 21.58 47.92
N SER A 272 -3.74 22.65 48.51
CA SER A 272 -3.93 23.99 47.97
C SER A 272 -3.12 24.24 46.71
N THR A 273 -2.05 23.45 46.46
CA THR A 273 -1.22 23.63 45.29
C THR A 273 -1.10 22.38 44.43
N HIS A 274 -1.71 21.27 44.84
CA HIS A 274 -1.61 20.01 44.09
C HIS A 274 -2.99 19.47 43.81
N SER A 275 -3.22 19.07 42.55
CA SER A 275 -4.43 18.37 42.14
C SER A 275 -4.00 17.14 41.35
N PRO A 276 -4.47 15.95 41.72
CA PRO A 276 -4.01 14.73 41.02
C PRO A 276 -4.19 14.80 39.51
N GLU A 277 -5.30 15.35 39.05
CA GLU A 277 -5.51 15.65 37.64
C GLU A 277 -5.35 17.15 37.44
N PHE A 278 -4.39 17.54 36.59
CA PHE A 278 -4.12 18.95 36.37
C PHE A 278 -3.54 19.13 34.97
N VAL A 279 -3.49 20.38 34.53
CA VAL A 279 -3.05 20.75 33.18
C VAL A 279 -1.64 21.33 33.27
N MET A 280 -0.80 20.92 32.34
CA MET A 280 0.58 21.40 32.26
C MET A 280 0.84 21.96 30.87
N LEU A 281 1.97 22.66 30.74
CA LEU A 281 2.50 23.10 29.46
C LEU A 281 3.96 22.67 29.37
N GLU A 282 4.28 21.93 28.31
CA GLU A 282 5.66 21.51 28.06
C GLU A 282 6.04 21.94 26.65
N THR A 283 7.09 22.75 26.54
CA THR A 283 7.61 23.20 25.26
C THR A 283 9.03 22.68 25.08
N TYR A 284 9.41 22.46 23.83
CA TYR A 284 10.75 21.98 23.50
C TYR A 284 11.25 22.69 22.26
N GLN A 285 12.44 23.28 22.36
CA GLN A 285 12.99 24.15 21.32
C GLN A 285 14.37 23.63 20.93
N ALA A 286 14.51 23.22 19.67
CA ALA A 286 15.79 22.69 19.20
C ALA A 286 16.80 23.81 19.05
N TYR A 287 18.08 23.45 19.27
CA TYR A 287 19.21 24.37 19.10
C TYR A 287 19.08 25.59 20.00
N GLY A 288 18.55 25.38 21.20
CA GLY A 288 18.50 26.43 22.20
C GLY A 288 18.85 25.86 23.56
N THR A 289 19.33 26.73 24.43
CA THR A 289 19.74 26.35 25.77
C THR A 289 18.72 26.88 26.79
N TYR A 290 18.92 26.52 28.04
CA TYR A 290 18.00 26.94 29.09
C TYR A 290 18.04 28.44 29.34
N ASP A 291 19.05 29.14 28.82
CA ASP A 291 19.04 30.60 28.86
C ASP A 291 17.97 31.18 27.94
N ASP A 292 17.72 30.51 26.80
CA ASP A 292 16.71 30.98 25.87
C ASP A 292 15.30 30.65 26.35
N SER A 293 15.13 29.49 26.99
CA SER A 293 13.81 29.07 27.45
C SER A 293 13.33 29.92 28.61
N ALA A 294 14.25 30.39 29.46
CA ALA A 294 13.84 31.28 30.55
C ALA A 294 13.32 32.61 30.02
N VAL A 295 13.84 33.08 28.89
CA VAL A 295 13.33 34.29 28.28
C VAL A 295 11.95 34.05 27.67
N VAL A 296 11.78 32.92 26.99
CA VAL A 296 10.48 32.60 26.39
C VAL A 296 9.42 32.44 27.46
N THR A 297 9.75 31.76 28.56
CA THR A 297 8.78 31.53 29.62
C THR A 297 8.36 32.84 30.27
N ARG A 298 9.32 33.75 30.51
CA ARG A 298 8.98 35.04 31.09
C ARG A 298 8.08 35.85 30.17
N GLU A 299 8.44 35.93 28.89
CA GLU A 299 7.64 36.69 27.94
C GLU A 299 6.27 36.05 27.72
N LEU A 300 6.21 34.72 27.74
CA LEU A 300 4.93 34.04 27.60
C LEU A 300 3.98 34.40 28.72
N ILE A 301 4.45 34.32 29.98
CA ILE A 301 3.61 34.64 31.12
C ILE A 301 3.18 36.10 31.07
N GLN A 302 4.10 37.00 30.72
CA GLN A 302 3.76 38.41 30.63
C GLN A 302 2.76 38.67 29.51
N GLU A 303 2.85 37.92 28.40
CA GLU A 303 1.88 38.10 27.32
C GLU A 303 0.53 37.48 27.68
N VAL A 304 0.53 36.39 28.43
CA VAL A 304 -0.73 35.80 28.89
C VAL A 304 -1.44 36.75 29.83
N ALA A 305 -0.69 37.45 30.68
CA ALA A 305 -1.31 38.41 31.60
C ALA A 305 -1.95 39.56 30.85
N ASP A 306 -1.35 39.99 29.74
CA ASP A 306 -1.92 41.09 28.97
C ASP A 306 -3.23 40.68 28.31
N GLU A 307 -3.27 39.49 27.71
CA GLU A 307 -4.43 39.08 26.93
C GLU A 307 -5.58 38.60 27.80
N ALA A 308 -5.29 38.04 28.98
CA ALA A 308 -6.31 37.41 29.80
C ALA A 308 -6.77 38.25 30.97
N ILE A 309 -5.92 39.12 31.49
CA ILE A 309 -6.26 39.93 32.66
C ILE A 309 -6.25 41.40 32.29
N GLY A 310 -5.40 41.77 31.33
CA GLY A 310 -5.30 43.14 30.90
C GLY A 310 -4.28 43.97 31.64
N THR A 311 -3.41 43.35 32.44
CA THR A 311 -2.39 44.06 33.19
C THR A 311 -1.35 43.07 33.66
N ARG A 312 -0.10 43.54 33.75
CA ARG A 312 0.97 42.77 34.35
C ARG A 312 1.11 43.03 35.84
N GLN A 313 0.42 44.05 36.36
CA GLN A 313 0.26 44.26 37.79
C GLN A 313 -1.14 43.78 38.14
N VAL A 314 -1.26 42.48 38.41
CA VAL A 314 -2.56 41.83 38.56
C VAL A 314 -3.14 42.11 39.94
N PRO A 315 -4.47 42.19 40.06
CA PRO A 315 -5.08 42.38 41.39
C PRO A 315 -5.25 41.05 42.10
N LEU A 316 -5.00 41.07 43.41
CA LEU A 316 -5.13 39.91 44.27
C LEU A 316 -6.36 40.04 45.15
N PRO A 317 -6.94 38.91 45.60
CA PRO A 317 -8.18 39.00 46.39
C PRO A 317 -8.04 39.72 47.72
N ASP A 318 -6.81 39.90 48.21
CA ASP A 318 -6.59 40.62 49.46
C ASP A 318 -6.43 42.12 49.25
N GLY A 319 -6.59 42.61 48.02
CA GLY A 319 -6.48 44.01 47.70
C GLY A 319 -5.13 44.44 47.18
N THR A 320 -4.08 43.67 47.46
CA THR A 320 -2.74 44.02 47.01
C THR A 320 -2.59 43.74 45.50
N VAL A 321 -1.52 44.28 44.93
CA VAL A 321 -1.22 44.14 43.52
C VAL A 321 0.16 43.51 43.38
N TYR A 322 0.28 42.53 42.47
CA TYR A 322 1.51 41.79 42.27
C TYR A 322 2.13 42.19 40.94
N ASP A 323 3.40 42.60 40.99
CA ASP A 323 4.11 43.09 39.81
C ASP A 323 4.75 41.91 39.07
N LEU A 324 4.34 41.70 37.83
CA LEU A 324 4.90 40.66 36.97
C LEU A 324 5.67 41.23 35.80
N ASP A 325 5.75 42.55 35.66
CA ASP A 325 6.39 43.17 34.51
C ASP A 325 7.89 43.32 34.73
N GLY A 326 8.60 43.63 33.65
CA GLY A 326 10.03 43.85 33.71
C GLY A 326 10.82 42.56 33.78
N GLU A 327 12.14 42.72 33.86
CA GLU A 327 13.03 41.57 33.98
C GLU A 327 12.90 40.95 35.37
N TRP A 328 13.29 39.68 35.47
CA TRP A 328 13.18 38.92 36.70
C TRP A 328 14.56 38.52 37.20
N GLU A 329 14.69 38.42 38.52
CA GLU A 329 15.95 38.08 39.13
C GLU A 329 16.32 36.62 38.85
N SER A 330 17.60 36.39 38.54
CA SER A 330 18.12 35.06 38.27
C SER A 330 19.30 34.81 39.20
N ILE A 331 19.15 33.83 40.09
CA ILE A 331 20.17 33.51 41.07
C ILE A 331 20.57 32.05 40.90
N GLN A 332 21.84 31.76 41.20
CA GLN A 332 22.32 30.38 41.20
C GLN A 332 22.08 29.75 42.57
N MET A 333 21.83 28.45 42.56
CA MET A 333 21.35 27.78 43.77
C MET A 333 22.47 27.62 44.81
N TYR A 334 23.65 27.20 44.36
CA TYR A 334 24.74 26.95 45.33
C TYR A 334 25.22 28.24 46.00
N PRO A 335 25.56 29.31 45.27
CA PRO A 335 26.02 30.53 45.98
C PRO A 335 24.92 31.23 46.76
N SER A 336 23.66 31.15 46.31
CA SER A 336 22.58 31.75 47.09
C SER A 336 22.40 31.03 48.43
N LEU A 337 22.57 29.70 48.44
CA LEU A 337 22.58 28.98 49.70
C LEU A 337 23.83 29.31 50.51
N SER A 338 24.96 29.52 49.82
CA SER A 338 26.20 29.87 50.52
C SER A 338 26.08 31.22 51.22
N GLU A 339 25.51 32.21 50.54
CA GLU A 339 25.33 33.52 51.17
C GLU A 339 24.30 33.46 52.28
N ALA A 340 23.23 32.69 52.09
CA ALA A 340 22.20 32.58 53.12
C ALA A 340 22.71 31.88 54.37
N LEU A 341 23.64 30.93 54.21
CA LEU A 341 24.22 30.22 55.34
C LEU A 341 25.44 30.91 55.93
N GLY A 342 26.07 31.81 55.19
CA GLY A 342 27.35 32.35 55.62
C GLY A 342 28.46 31.33 55.58
N GLU A 343 28.34 30.32 54.72
CA GLU A 343 29.30 29.23 54.66
C GLU A 343 29.36 28.72 53.22
N GLU A 344 30.57 28.47 52.74
CA GLU A 344 30.76 28.01 51.37
C GLU A 344 30.17 26.63 51.17
N ILE A 345 29.22 26.51 50.26
CA ILE A 345 28.60 25.24 49.90
C ILE A 345 28.82 25.02 48.41
N THR A 346 29.49 23.93 48.08
CA THR A 346 29.83 23.55 46.71
C THR A 346 29.37 22.12 46.46
N PRO A 347 29.35 21.69 45.20
CA PRO A 347 29.05 20.27 44.93
C PRO A 347 30.02 19.30 45.60
N ASP A 348 31.20 19.76 46.00
CA ASP A 348 32.14 18.90 46.72
C ASP A 348 31.82 18.77 48.20
N THR A 349 30.84 19.51 48.70
CA THR A 349 30.47 19.44 50.11
C THR A 349 29.94 18.05 50.44
N PRO A 350 30.53 17.35 51.42
CA PRO A 350 30.05 16.00 51.74
C PRO A 350 28.62 16.01 52.26
N ALA A 351 27.97 14.84 52.13
CA ALA A 351 26.59 14.72 52.57
C ALA A 351 26.48 14.80 54.09
N GLU A 352 27.48 14.31 54.81
CA GLU A 352 27.45 14.38 56.27
C GLU A 352 27.46 15.83 56.75
N THR A 353 28.21 16.69 56.06
CA THR A 353 28.22 18.11 56.41
C THR A 353 26.83 18.72 56.21
N LEU A 354 26.19 18.43 55.08
CA LEU A 354 24.86 18.96 54.83
C LEU A 354 23.83 18.38 55.80
N TRP A 355 24.04 17.14 56.25
CA TRP A 355 23.16 16.58 57.28
C TRP A 355 23.34 17.32 58.61
N ALA A 356 24.59 17.61 58.99
CA ALA A 356 24.82 18.33 60.23
C ALA A 356 24.33 19.77 60.15
N ILE A 357 24.43 20.39 58.97
CA ILE A 357 23.90 21.73 58.80
C ILE A 357 22.37 21.72 58.89
N ALA A 358 21.75 20.71 58.29
CA ALA A 358 20.29 20.59 58.37
C ALA A 358 19.84 20.16 59.77
N ASP A 359 20.67 19.40 60.47
CA ASP A 359 20.33 19.01 61.85
C ASP A 359 20.37 20.20 62.78
N ARG A 360 21.36 21.10 62.59
CA ARG A 360 21.43 22.30 63.41
C ARG A 360 20.27 23.24 63.11
N LEU A 361 19.89 23.36 61.84
CA LEU A 361 18.78 24.23 61.45
C LEU A 361 17.42 23.66 61.84
N GLY A 362 17.37 22.45 62.40
CA GLY A 362 16.11 21.87 62.80
C GLY A 362 15.25 21.33 61.67
N LEU A 363 15.78 21.29 60.45
CA LEU A 363 15.01 20.77 59.33
C LEU A 363 14.79 19.28 59.48
N ASP A 364 13.57 18.83 59.16
CA ASP A 364 13.20 17.42 59.24
C ASP A 364 13.27 16.83 57.84
N ILE A 365 14.29 16.00 57.60
CA ILE A 365 14.47 15.32 56.33
C ILE A 365 14.53 13.83 56.61
N PRO A 366 13.74 13.00 55.92
CA PRO A 366 13.75 11.56 56.19
C PRO A 366 15.10 10.94 55.85
N ARG A 367 15.55 10.03 56.71
CA ARG A 367 16.84 9.38 56.54
C ARG A 367 16.75 8.01 55.88
N ASP A 368 15.55 7.43 55.77
CA ASP A 368 15.36 6.11 55.20
C ASP A 368 14.94 6.16 53.73
N ARG A 369 15.24 7.27 53.04
CA ARG A 369 14.81 7.45 51.66
C ARG A 369 15.97 7.51 50.68
N GLY A 370 17.21 7.34 51.15
CA GLY A 370 18.35 7.35 50.26
C GLY A 370 18.72 8.70 49.69
N TYR A 371 18.49 9.77 50.43
CA TYR A 371 18.84 11.11 49.98
C TYR A 371 20.32 11.36 50.21
N GLY A 372 20.96 12.02 49.24
CA GLY A 372 22.37 12.34 49.36
C GLY A 372 22.70 13.81 49.25
N HIS A 373 23.81 14.13 48.57
CA HIS A 373 24.25 15.51 48.45
C HIS A 373 23.21 16.37 47.74
N GLY A 374 22.62 15.85 46.65
CA GLY A 374 21.72 16.68 45.86
C GLY A 374 20.46 17.06 46.60
N LYS A 375 19.81 16.10 47.25
CA LYS A 375 18.56 16.37 47.94
C LYS A 375 18.77 17.30 49.14
N LEU A 376 19.95 17.23 49.77
CA LEU A 376 20.20 18.06 50.94
C LEU A 376 20.36 19.53 50.56
N VAL A 377 21.03 19.81 49.43
CA VAL A 377 21.19 21.19 49.00
C VAL A 377 19.85 21.78 48.58
N GLU A 378 18.95 20.96 48.03
CA GLU A 378 17.65 21.46 47.62
C GLU A 378 16.80 21.85 48.83
N GLU A 379 16.75 20.99 49.84
CA GLU A 379 15.97 21.30 51.02
C GLU A 379 16.59 22.42 51.85
N LEU A 380 17.92 22.58 51.78
CA LEU A 380 18.56 23.68 52.49
C LEU A 380 18.32 25.01 51.78
N TRP A 381 18.32 25.00 50.45
CA TRP A 381 18.08 26.24 49.71
C TRP A 381 16.66 26.74 49.90
N GLU A 382 15.69 25.82 50.00
CA GLU A 382 14.30 26.24 50.15
C GLU A 382 14.07 26.91 51.50
N HIS A 383 14.65 26.37 52.57
CA HIS A 383 14.43 26.92 53.90
C HIS A 383 15.17 28.23 54.12
N THR A 384 16.22 28.51 53.36
CA THR A 384 17.02 29.71 53.54
C THR A 384 16.86 30.74 52.44
N VAL A 385 16.46 30.34 51.24
CA VAL A 385 16.34 31.27 50.12
C VAL A 385 14.95 31.20 49.53
N GLY A 386 14.47 29.98 49.25
CA GLY A 386 13.19 29.83 48.58
C GLY A 386 12.02 30.32 49.41
N ALA A 387 12.06 30.09 50.72
CA ALA A 387 10.98 30.50 51.60
C ALA A 387 10.92 32.00 51.78
N LYS A 388 11.92 32.75 51.33
CA LYS A 388 11.93 34.20 51.47
C LYS A 388 11.57 34.93 50.17
N LEU A 389 11.60 34.24 49.03
CA LEU A 389 11.28 34.87 47.76
C LEU A 389 9.79 35.20 47.69
N TRP A 390 9.46 36.15 46.80
CA TRP A 390 8.08 36.52 46.55
C TRP A 390 7.92 37.03 45.12
N ALA A 391 8.78 37.97 44.74
CA ALA A 391 8.81 38.45 43.37
C ALA A 391 9.26 37.32 42.43
N PRO A 392 8.93 37.42 41.14
CA PRO A 392 9.33 36.36 40.19
C PRO A 392 10.84 36.23 40.15
N THR A 393 11.33 35.04 40.48
CA THR A 393 12.76 34.80 40.61
C THR A 393 13.12 33.43 40.04
N PHE A 394 14.12 33.41 39.16
CA PHE A 394 14.67 32.15 38.66
C PHE A 394 15.80 31.69 39.57
N VAL A 395 15.84 30.39 39.84
CA VAL A 395 16.98 29.75 40.49
C VAL A 395 17.49 28.66 39.57
N LYS A 396 18.79 28.69 39.28
CA LYS A 396 19.37 27.83 38.25
C LYS A 396 20.60 27.11 38.81
N ASP A 397 21.17 26.24 37.96
CA ASP A 397 22.36 25.46 38.28
C ASP A 397 22.12 24.57 39.49
N PHE A 398 21.49 23.42 39.26
CA PHE A 398 21.04 22.46 40.26
C PHE A 398 22.03 21.32 40.41
N PRO A 399 22.00 20.60 41.53
CA PRO A 399 22.84 19.41 41.67
C PRO A 399 22.49 18.35 40.65
N VAL A 400 23.47 17.49 40.34
CA VAL A 400 23.27 16.50 39.29
C VAL A 400 22.39 15.35 39.77
N GLU A 401 22.41 15.08 41.07
CA GLU A 401 21.67 13.92 41.60
C GLU A 401 20.17 14.10 41.51
N THR A 402 19.68 15.34 41.60
CA THR A 402 18.25 15.61 41.62
C THR A 402 17.71 16.04 40.26
N THR A 403 18.52 15.95 39.20
CA THR A 403 18.12 16.34 37.85
C THR A 403 18.56 15.25 36.88
N PRO A 404 17.81 14.15 36.80
CA PRO A 404 18.25 13.04 35.94
C PRO A 404 18.14 13.33 34.45
N LEU A 405 17.15 14.13 34.03
CA LEU A 405 16.90 14.40 32.63
C LEU A 405 17.52 15.70 32.17
N THR A 406 18.41 16.30 32.96
CA THR A 406 19.01 17.58 32.64
C THR A 406 20.49 17.40 32.32
N ARG A 407 20.96 18.12 31.31
CA ARG A 407 22.36 18.06 30.93
C ARG A 407 23.25 18.72 31.97
N SER A 408 24.46 18.18 32.13
CA SER A 408 25.44 18.80 33.01
C SER A 408 25.81 20.19 32.50
N HIS A 409 26.29 21.02 33.42
CA HIS A 409 26.57 22.42 33.08
C HIS A 409 27.72 22.50 32.09
N ARG A 410 27.68 23.55 31.25
CA ARG A 410 28.69 23.64 30.20
C ARG A 410 30.06 23.93 30.76
N SER A 411 30.14 24.54 31.92
CA SER A 411 31.45 24.89 32.45
C SER A 411 31.58 24.66 33.94
N ILE A 412 30.49 24.76 34.69
CA ILE A 412 30.53 24.61 36.14
C ILE A 412 30.37 23.12 36.46
N PRO A 413 31.37 22.48 37.07
CA PRO A 413 31.23 21.06 37.40
C PRO A 413 30.23 20.83 38.53
N GLY A 414 29.62 19.64 38.51
CA GLY A 414 28.67 19.25 39.53
C GLY A 414 27.28 19.81 39.37
N VAL A 415 27.11 20.87 38.58
CA VAL A 415 25.82 21.51 38.42
C VAL A 415 25.23 21.11 37.07
N THR A 416 23.91 21.23 36.96
CA THR A 416 23.19 20.97 35.73
C THR A 416 22.44 22.23 35.29
N GLU A 417 22.14 22.30 34.00
CA GLU A 417 21.53 23.50 33.42
C GLU A 417 20.01 23.39 33.51
N LYS A 418 19.51 23.62 34.71
CA LYS A 418 18.08 23.64 35.00
C LYS A 418 17.75 24.88 35.80
N TRP A 419 16.68 25.59 35.42
CA TRP A 419 16.18 26.71 36.19
C TRP A 419 14.79 26.41 36.71
N ASP A 420 14.46 27.02 37.85
CA ASP A 420 13.15 26.91 38.48
C ASP A 420 12.59 28.31 38.68
N LEU A 421 11.34 28.51 38.27
CA LEU A 421 10.69 29.81 38.36
C LEU A 421 9.71 29.79 39.53
N TYR A 422 10.01 30.56 40.57
CA TYR A 422 9.15 30.67 41.75
C TYR A 422 8.42 32.00 41.72
N VAL A 423 7.11 31.95 41.95
CA VAL A 423 6.27 33.14 42.02
C VAL A 423 5.39 33.03 43.26
N ARG A 424 5.59 33.94 44.21
CA ARG A 424 4.86 33.93 45.48
C ARG A 424 5.01 32.58 46.19
N ARG A 425 6.25 32.12 46.29
CA ARG A 425 6.59 30.88 46.99
C ARG A 425 5.90 29.66 46.37
N ILE A 426 5.69 29.70 45.06
CA ILE A 426 5.06 28.62 44.32
C ILE A 426 5.89 28.33 43.07
N GLU A 427 6.28 27.08 42.89
CA GLU A 427 7.01 26.68 41.69
C GLU A 427 6.08 26.74 40.49
N LEU A 428 6.28 27.74 39.63
CA LEU A 428 5.42 27.95 38.48
C LEU A 428 5.92 27.20 37.25
N ALA A 429 7.21 27.32 36.94
CA ALA A 429 7.74 26.72 35.73
C ALA A 429 9.17 26.23 35.98
N THR A 430 9.62 25.36 35.07
CA THR A 430 10.99 24.85 35.11
C THR A 430 11.49 24.72 33.67
N GLY A 431 12.80 24.63 33.52
CA GLY A 431 13.40 24.52 32.22
C GLY A 431 14.78 23.89 32.22
N TYR A 432 15.03 22.96 31.31
CA TYR A 432 16.30 22.26 31.23
C TYR A 432 17.00 22.58 29.92
N SER A 433 18.33 22.52 29.95
CA SER A 433 19.10 22.21 28.76
C SER A 433 19.10 20.69 28.64
N GLU A 434 18.39 20.18 27.63
CA GLU A 434 18.04 18.76 27.61
C GLU A 434 19.28 17.88 27.49
N LEU A 435 19.31 16.81 28.28
CA LEU A 435 20.38 15.82 28.23
C LEU A 435 20.21 14.97 26.98
N THR A 436 21.09 15.16 26.01
CA THR A 436 21.01 14.44 24.74
C THR A 436 21.94 13.23 24.67
N ASP A 437 22.88 13.10 25.61
CA ASP A 437 23.84 12.00 25.59
C ASP A 437 23.18 10.72 26.07
N PRO A 438 23.04 9.71 25.20
CA PRO A 438 22.36 8.48 25.63
C PRO A 438 23.14 7.68 26.67
N ILE A 439 24.47 7.70 26.61
CA ILE A 439 25.27 6.94 27.58
C ILE A 439 25.13 7.55 28.96
N ILE A 440 25.28 8.88 29.06
CA ILE A 440 25.12 9.55 30.35
C ILE A 440 23.69 9.42 30.84
N GLN A 441 22.71 9.47 29.94
CA GLN A 441 21.32 9.34 30.34
C GLN A 441 21.04 7.98 30.96
N ARG A 442 21.70 6.93 30.46
CA ARG A 442 21.54 5.61 31.07
C ARG A 442 22.12 5.59 32.48
N GLU A 443 23.23 6.29 32.70
CA GLU A 443 23.81 6.39 34.04
C GLU A 443 22.85 7.11 34.99
N ARG A 444 22.18 8.15 34.50
CA ARG A 444 21.19 8.85 35.32
C ARG A 444 20.05 7.92 35.72
N PHE A 445 19.58 7.09 34.78
CA PHE A 445 18.53 6.13 35.09
C PHE A 445 19.02 5.06 36.06
N GLU A 446 20.26 4.62 35.89
CA GLU A 446 20.82 3.63 36.82
C GLU A 446 20.94 4.21 38.22
N ALA A 447 21.29 5.50 38.33
CA ALA A 447 21.36 6.14 39.65
C ALA A 447 19.96 6.34 40.23
N GLN A 448 18.96 6.57 39.38
CA GLN A 448 17.59 6.74 39.87
C GLN A 448 17.04 5.41 40.38
N ALA A 449 17.15 4.35 39.58
CA ALA A 449 16.74 3.03 40.04
C ALA A 449 17.56 2.59 41.26
N ARG A 450 18.79 3.09 41.39
CA ARG A 450 19.57 2.84 42.59
C ARG A 450 18.94 3.52 43.79
N ALA A 451 18.47 4.76 43.62
CA ALA A 451 17.81 5.46 44.72
C ALA A 451 16.45 4.86 45.04
N ALA A 452 15.75 4.37 44.02
CA ALA A 452 14.47 3.72 44.27
C ALA A 452 14.64 2.45 45.09
N ALA A 453 15.72 1.71 44.84
CA ALA A 453 16.03 0.55 45.66
C ALA A 453 16.45 0.93 47.07
N ALA A 454 16.83 2.18 47.29
CA ALA A 454 17.20 2.67 48.61
C ALA A 454 16.01 3.20 49.40
N GLY A 455 14.82 3.21 48.80
CA GLY A 455 13.63 3.67 49.49
C GLY A 455 13.00 4.94 48.94
N ASP A 456 13.38 5.37 47.74
CA ASP A 456 12.86 6.60 47.14
C ASP A 456 11.78 6.21 46.14
N ASP A 457 10.52 6.33 46.54
CA ASP A 457 9.41 6.01 45.65
C ASP A 457 9.24 7.04 44.54
N GLU A 458 9.88 8.19 44.63
CA GLU A 458 9.77 9.23 43.61
C GLU A 458 10.77 9.06 42.48
N ALA A 459 11.77 8.20 42.64
CA ALA A 459 12.80 8.03 41.63
C ALA A 459 12.21 7.46 40.34
N MET A 460 12.82 7.85 39.22
CA MET A 460 12.37 7.40 37.91
C MET A 460 12.85 5.99 37.62
N ALA A 461 12.24 5.38 36.61
CA ALA A 461 12.59 4.05 36.16
C ALA A 461 13.29 4.12 34.81
N LEU A 462 14.19 3.17 34.57
CA LEU A 462 14.93 3.14 33.32
C LEU A 462 13.99 2.79 32.17
N ASP A 463 14.01 3.62 31.13
CA ASP A 463 13.14 3.46 29.96
C ASP A 463 14.02 3.08 28.78
N GLU A 464 13.97 1.80 28.39
CA GLU A 464 14.78 1.34 27.27
C GLU A 464 14.30 1.94 25.94
N ASP A 465 12.99 2.07 25.76
CA ASP A 465 12.47 2.63 24.51
C ASP A 465 12.85 4.10 24.37
N PHE A 466 12.79 4.87 25.46
CA PHE A 466 13.20 6.26 25.41
C PHE A 466 14.71 6.38 25.20
N LEU A 467 15.48 5.48 25.82
CA LEU A 467 16.93 5.48 25.61
C LEU A 467 17.26 5.16 24.16
N ALA A 468 16.57 4.18 23.58
CA ALA A 468 16.80 3.83 22.18
C ALA A 468 16.51 5.01 21.26
N ALA A 469 15.51 5.82 21.59
CA ALA A 469 15.22 7.01 20.80
C ALA A 469 16.35 8.02 20.87
N LEU A 470 16.98 8.14 22.04
CA LEU A 470 18.11 9.05 22.18
C LEU A 470 19.32 8.58 21.37
N GLU A 471 19.51 7.26 21.29
CA GLU A 471 20.67 6.73 20.60
C GLU A 471 20.65 7.01 19.10
N TYR A 472 19.48 7.31 18.53
CA TYR A 472 19.41 7.74 17.14
C TYR A 472 19.85 9.19 16.96
N GLY A 473 20.03 9.94 18.04
CA GLY A 473 20.52 11.30 17.96
C GLY A 473 19.46 12.35 18.19
N MET A 474 19.50 12.99 19.36
CA MET A 474 18.64 14.12 19.64
C MET A 474 19.47 15.40 19.64
N PRO A 475 19.06 16.42 18.89
CA PRO A 475 19.86 17.64 18.80
C PRO A 475 19.89 18.37 20.13
N PRO A 476 20.91 19.19 20.38
CA PRO A 476 20.91 20.01 21.60
C PRO A 476 19.69 20.92 21.62
N SER A 477 18.92 20.83 22.70
CA SER A 477 17.65 21.52 22.77
C SER A 477 17.34 21.86 24.22
N THR A 478 16.37 22.75 24.40
CA THR A 478 15.90 23.14 25.72
C THR A 478 14.40 22.89 25.83
N GLY A 479 13.97 22.51 27.02
CA GLY A 479 12.57 22.22 27.26
C GLY A 479 12.08 22.89 28.53
N THR A 480 10.79 23.18 28.56
CA THR A 480 10.15 23.83 29.69
C THR A 480 8.95 23.02 30.17
N GLY A 481 8.57 23.27 31.41
CA GLY A 481 7.36 22.72 31.98
C GLY A 481 6.68 23.75 32.87
N MET A 482 5.36 23.83 32.83
CA MET A 482 4.64 24.82 33.61
C MET A 482 3.25 24.33 33.92
N GLY A 483 2.87 24.40 35.19
CA GLY A 483 1.52 24.05 35.60
C GLY A 483 0.55 25.19 35.32
N ILE A 484 -0.39 24.96 34.39
CA ILE A 484 -1.32 26.02 34.00
C ILE A 484 -2.25 26.37 35.15
N ASP A 485 -2.61 25.39 35.97
CA ASP A 485 -3.44 25.67 37.14
C ASP A 485 -2.72 26.60 38.11
N ARG A 486 -1.40 26.43 38.25
CA ARG A 486 -0.62 27.34 39.08
C ARG A 486 -0.42 28.68 38.38
N LEU A 487 -0.43 28.69 37.04
CA LEU A 487 -0.41 29.95 36.32
C LEU A 487 -1.68 30.75 36.61
N MET A 488 -2.82 30.07 36.72
CA MET A 488 -4.05 30.76 37.11
C MET A 488 -3.96 31.29 38.53
N MET A 489 -3.37 30.51 39.45
CA MET A 489 -3.16 31.00 40.81
C MET A 489 -2.25 32.21 40.84
N THR A 490 -1.28 32.27 39.92
CA THR A 490 -0.38 33.42 39.88
C THR A 490 -1.11 34.65 39.35
N LEU A 491 -1.92 34.49 38.32
CA LEU A 491 -2.57 35.64 37.68
C LEU A 491 -3.76 36.15 38.46
N THR A 492 -4.47 35.27 39.19
CA THR A 492 -5.70 35.63 39.87
C THR A 492 -5.59 35.63 41.38
N GLY A 493 -4.72 34.80 41.96
CA GLY A 493 -4.63 34.68 43.39
C GLY A 493 -5.63 33.74 44.02
N LEU A 494 -6.40 33.02 43.21
CA LEU A 494 -7.41 32.11 43.72
C LEU A 494 -6.80 30.75 44.03
N SER A 495 -7.59 29.88 44.65
CA SER A 495 -7.14 28.54 44.98
C SER A 495 -7.06 27.68 43.73
N ILE A 496 -6.42 26.52 43.86
CA ILE A 496 -6.25 25.64 42.71
C ILE A 496 -7.56 24.99 42.31
N ARG A 497 -8.46 24.77 43.27
CA ARG A 497 -9.75 24.17 42.94
C ARG A 497 -10.70 25.16 42.30
N GLU A 498 -10.55 26.45 42.61
CA GLU A 498 -11.41 27.47 42.02
C GLU A 498 -11.12 27.70 40.55
N THR A 499 -9.91 27.38 40.10
CA THR A 499 -9.54 27.58 38.70
C THR A 499 -10.06 26.46 37.79
N VAL A 500 -10.49 25.34 38.36
CA VAL A 500 -11.02 24.22 37.59
C VAL A 500 -12.54 24.28 37.60
N LEU A 501 -13.15 24.06 36.44
CA LEU A 501 -14.61 24.09 36.36
C LEU A 501 -15.23 22.97 37.18
N PHE A 502 -14.81 21.73 36.94
CA PHE A 502 -15.36 20.55 37.62
C PHE A 502 -14.23 19.73 38.22
N PRO A 503 -13.66 20.16 39.35
CA PRO A 503 -12.65 19.34 40.02
C PRO A 503 -13.31 18.20 40.78
N ILE A 504 -12.86 16.98 40.49
CA ILE A 504 -13.42 15.78 41.13
C ILE A 504 -12.92 15.71 42.57
N VAL A 505 -13.74 16.21 43.49
CA VAL A 505 -13.40 16.20 44.90
C VAL A 505 -14.46 15.45 45.70
N PRO B 17 -22.31 -13.56 2.97
CA PRO B 17 -23.39 -13.23 3.89
C PRO B 17 -24.76 -13.19 3.20
N ASP B 18 -25.04 -12.09 2.50
CA ASP B 18 -26.27 -11.95 1.72
C ASP B 18 -26.13 -12.50 0.32
N LEU B 19 -25.02 -13.19 0.01
CA LEU B 19 -24.79 -13.68 -1.35
C LEU B 19 -25.74 -14.82 -1.73
N PRO B 20 -25.95 -15.86 -0.90
CA PRO B 20 -26.76 -16.99 -1.38
C PRO B 20 -28.18 -16.62 -1.80
N GLU B 21 -28.79 -15.62 -1.16
CA GLU B 21 -30.11 -15.20 -1.60
C GLU B 21 -30.04 -14.51 -2.97
N GLN B 22 -28.98 -13.73 -3.20
CA GLN B 22 -28.81 -13.11 -4.51
C GLN B 22 -28.52 -14.15 -5.59
N PHE B 23 -27.89 -15.28 -5.22
CA PHE B 23 -27.56 -16.29 -6.19
C PHE B 23 -28.81 -16.98 -6.72
N ARG B 24 -29.72 -17.38 -5.82
CA ARG B 24 -30.94 -18.04 -6.26
C ARG B 24 -31.88 -17.07 -6.97
N ILE B 25 -31.87 -15.80 -6.57
CA ILE B 25 -32.67 -14.79 -7.27
C ILE B 25 -32.18 -14.63 -8.70
N ARG B 26 -30.87 -14.54 -8.89
CA ARG B 26 -30.32 -14.48 -10.24
C ARG B 26 -30.52 -15.80 -10.98
N GLN B 27 -30.49 -16.92 -10.26
CA GLN B 27 -30.81 -18.20 -10.88
C GLN B 27 -32.25 -18.25 -11.35
N ALA B 28 -33.18 -17.72 -10.53
CA ALA B 28 -34.58 -17.70 -10.92
C ALA B 28 -34.81 -16.84 -12.15
N LYS B 29 -34.12 -15.69 -12.23
CA LYS B 29 -34.24 -14.83 -13.39
C LYS B 29 -33.74 -15.53 -14.65
N ARG B 30 -32.64 -16.29 -14.54
CA ARG B 30 -32.12 -17.03 -15.68
C ARG B 30 -33.12 -18.11 -16.11
N ALA B 31 -33.60 -18.91 -15.15
CA ALA B 31 -34.54 -19.98 -15.48
C ALA B 31 -35.86 -19.43 -15.98
N ASP B 32 -36.28 -18.27 -15.48
CA ASP B 32 -37.50 -17.63 -15.98
C ASP B 32 -37.34 -17.20 -17.42
N LEU B 33 -36.19 -16.60 -17.76
CA LEU B 33 -35.93 -16.20 -19.14
C LEU B 33 -35.89 -17.42 -20.06
N LEU B 34 -35.23 -18.49 -19.64
CA LEU B 34 -35.05 -19.66 -20.48
C LEU B 34 -36.39 -20.30 -20.81
N ALA B 35 -37.24 -20.47 -19.79
CA ALA B 35 -38.58 -21.04 -20.01
C ALA B 35 -39.51 -20.10 -20.73
N GLN B 36 -39.11 -18.84 -20.94
CA GLN B 36 -39.93 -17.84 -21.62
C GLN B 36 -39.53 -17.66 -23.07
N GLY B 37 -38.81 -18.62 -23.65
CA GLY B 37 -38.35 -18.51 -25.02
C GLY B 37 -37.22 -17.55 -25.25
N ARG B 38 -36.75 -16.87 -24.21
CA ARG B 38 -35.65 -15.91 -24.33
C ARG B 38 -34.36 -16.56 -23.85
N GLN B 39 -33.27 -16.27 -24.55
CA GLN B 39 -31.99 -16.90 -24.26
C GLN B 39 -31.18 -16.02 -23.30
N PRO B 40 -31.00 -16.43 -22.04
CA PRO B 40 -30.09 -15.69 -21.16
C PRO B 40 -28.63 -15.82 -21.55
N TYR B 41 -28.30 -16.77 -22.43
CA TYR B 41 -26.93 -16.94 -22.93
C TYR B 41 -27.02 -17.23 -24.43
N PRO B 42 -27.37 -16.23 -25.23
CA PRO B 42 -27.54 -16.46 -26.67
C PRO B 42 -26.21 -16.77 -27.34
N VAL B 43 -26.31 -17.36 -28.54
CA VAL B 43 -25.10 -17.70 -29.28
C VAL B 43 -24.43 -16.43 -29.82
N ASP B 44 -25.19 -15.37 -30.03
CA ASP B 44 -24.65 -14.10 -30.50
C ASP B 44 -25.72 -13.02 -30.33
N VAL B 45 -25.30 -11.77 -30.55
CA VAL B 45 -26.20 -10.62 -30.51
C VAL B 45 -25.88 -9.69 -31.67
N PRO B 46 -26.89 -8.95 -32.14
CA PRO B 46 -26.66 -8.05 -33.29
C PRO B 46 -25.70 -6.91 -32.96
N ARG B 47 -24.45 -7.25 -32.66
CA ARG B 47 -23.46 -6.26 -32.26
C ARG B 47 -22.88 -5.58 -33.49
N THR B 48 -22.91 -4.24 -33.49
CA THR B 48 -22.38 -3.46 -34.61
C THR B 48 -21.34 -2.43 -34.20
N HIS B 49 -21.25 -2.04 -32.93
CA HIS B 49 -20.33 -1.01 -32.50
C HIS B 49 -19.72 -1.39 -31.15
N THR B 50 -18.47 -1.00 -30.97
CA THR B 50 -17.83 -1.08 -29.66
C THR B 50 -18.07 0.22 -28.90
N LEU B 51 -17.97 0.13 -27.57
CA LEU B 51 -18.17 1.33 -26.75
C LEU B 51 -17.07 2.36 -27.01
N LEU B 52 -15.88 1.92 -27.40
CA LEU B 52 -14.76 2.84 -27.60
C LEU B 52 -14.95 3.68 -28.86
N GLU B 53 -15.37 3.06 -29.96
CA GLU B 53 -15.50 3.80 -31.21
C GLU B 53 -16.64 4.82 -31.13
N ILE B 54 -17.65 4.56 -30.30
CA ILE B 54 -18.71 5.56 -30.12
C ILE B 54 -18.17 6.77 -29.38
N ARG B 55 -17.32 6.55 -28.37
CA ARG B 55 -16.70 7.67 -27.67
C ARG B 55 -15.71 8.40 -28.58
N GLN B 56 -15.05 7.68 -29.48
CA GLN B 56 -14.12 8.27 -30.43
C GLN B 56 -14.83 9.01 -31.56
N ALA B 57 -16.10 8.70 -31.83
CA ALA B 57 -16.84 9.34 -32.91
C ALA B 57 -17.63 10.56 -32.46
N TYR B 58 -17.95 10.66 -31.16
CA TYR B 58 -18.73 11.77 -30.62
C TYR B 58 -18.06 12.25 -29.34
N PRO B 59 -16.94 12.98 -29.45
CA PRO B 59 -16.23 13.42 -28.24
C PRO B 59 -16.73 14.75 -27.70
N ASP B 60 -17.19 15.63 -28.59
CA ASP B 60 -17.49 17.01 -28.19
C ASP B 60 -18.95 17.37 -28.44
N LEU B 61 -19.87 16.49 -28.03
CA LEU B 61 -21.27 16.80 -28.25
C LEU B 61 -21.82 17.64 -27.10
N PRO B 62 -22.78 18.52 -27.38
CA PRO B 62 -23.40 19.32 -26.31
C PRO B 62 -24.44 18.51 -25.53
N VAL B 63 -25.15 19.20 -24.64
CA VAL B 63 -26.14 18.55 -23.79
C VAL B 63 -27.42 18.31 -24.58
N ASP B 64 -28.05 17.15 -24.35
CA ASP B 64 -29.33 16.80 -24.97
C ASP B 64 -29.24 16.79 -26.48
N ALA B 65 -28.17 16.21 -27.01
CA ALA B 65 -27.95 16.13 -28.44
C ALA B 65 -28.40 14.78 -28.98
N ARG B 66 -28.88 14.79 -30.22
CA ARG B 66 -29.34 13.59 -30.91
C ARG B 66 -28.59 13.48 -32.22
N THR B 67 -27.90 12.35 -32.41
CA THR B 67 -27.05 12.18 -33.59
C THR B 67 -27.77 11.49 -34.74
N GLY B 68 -28.78 10.67 -34.45
CA GLY B 68 -29.44 9.89 -35.47
C GLY B 68 -28.69 8.64 -35.91
N GLU B 69 -27.56 8.33 -35.27
CA GLU B 69 -26.79 7.14 -35.60
C GLU B 69 -27.32 5.96 -34.79
N ILE B 70 -27.82 4.95 -35.48
CA ILE B 70 -28.38 3.77 -34.83
C ILE B 70 -27.27 2.73 -34.68
N VAL B 71 -27.04 2.30 -33.44
CA VAL B 71 -25.94 1.40 -33.12
C VAL B 71 -26.45 0.23 -32.30
N GLY B 72 -25.66 -0.84 -32.27
CA GLY B 72 -25.92 -1.99 -31.43
C GLY B 72 -24.70 -2.36 -30.62
N VAL B 73 -24.74 -2.10 -29.31
CA VAL B 73 -23.57 -2.24 -28.45
C VAL B 73 -23.84 -3.29 -27.38
N THR B 74 -22.75 -3.73 -26.74
CA THR B 74 -22.81 -4.65 -25.62
C THR B 74 -21.93 -4.12 -24.49
N GLY B 75 -22.04 -4.76 -23.34
CA GLY B 75 -21.24 -4.36 -22.19
C GLY B 75 -21.84 -4.88 -20.91
N ARG B 76 -21.00 -4.94 -19.89
CA ARG B 76 -21.41 -5.41 -18.57
C ARG B 76 -21.94 -4.24 -17.76
N VAL B 77 -23.08 -4.46 -17.10
CA VAL B 77 -23.71 -3.42 -16.28
C VAL B 77 -22.93 -3.32 -14.96
N VAL B 78 -22.29 -2.17 -14.75
CA VAL B 78 -21.54 -1.92 -13.51
C VAL B 78 -22.22 -0.88 -12.63
N PHE B 79 -23.24 -0.18 -13.13
CA PHE B 79 -24.00 0.77 -12.33
C PHE B 79 -25.41 0.85 -12.89
N ALA B 80 -26.40 0.80 -12.00
CA ALA B 80 -27.80 0.81 -12.40
C ALA B 80 -28.56 1.84 -11.58
N ARG B 81 -29.57 2.44 -12.19
CA ARG B 81 -30.42 3.43 -11.53
C ARG B 81 -31.78 3.43 -12.21
N ASN B 82 -32.83 3.13 -11.45
CA ASN B 82 -34.18 3.03 -11.99
C ASN B 82 -35.02 4.18 -11.45
N SER B 83 -35.39 5.10 -12.34
CA SER B 83 -36.32 6.17 -11.98
C SER B 83 -37.75 5.71 -12.26
N GLY B 84 -38.60 6.62 -12.71
CA GLY B 84 -39.95 6.26 -13.07
C GLY B 84 -40.06 5.85 -14.53
N LYS B 85 -39.94 6.84 -15.42
CA LYS B 85 -40.04 6.58 -16.85
C LYS B 85 -38.71 6.21 -17.48
N LEU B 86 -37.60 6.36 -16.76
CA LEU B 86 -36.27 6.23 -17.34
C LEU B 86 -35.41 5.35 -16.45
N CYS B 87 -34.69 4.41 -17.06
CA CYS B 87 -33.73 3.56 -16.37
C CYS B 87 -32.34 3.83 -16.91
N PHE B 88 -31.37 4.00 -16.01
CA PHE B 88 -29.99 4.26 -16.38
C PHE B 88 -29.13 3.04 -16.07
N ALA B 89 -28.15 2.78 -16.93
CA ALA B 89 -27.25 1.66 -16.75
C ALA B 89 -25.91 2.00 -17.37
N THR B 90 -24.85 1.97 -16.56
CA THR B 90 -23.50 2.19 -17.06
C THR B 90 -22.95 0.88 -17.60
N LEU B 91 -22.76 0.81 -18.91
CA LEU B 91 -22.17 -0.35 -19.55
C LEU B 91 -20.66 -0.20 -19.60
N GLN B 92 -19.95 -1.29 -19.32
CA GLN B 92 -18.49 -1.28 -19.30
C GLN B 92 -17.97 -2.34 -20.27
N GLU B 93 -17.08 -1.92 -21.15
CA GLU B 93 -16.48 -2.82 -22.14
C GLU B 93 -15.32 -3.56 -21.48
N GLY B 94 -14.49 -4.23 -22.30
CA GLY B 94 -13.41 -5.02 -21.76
C GLY B 94 -12.28 -4.17 -21.21
N ASP B 95 -11.82 -3.19 -21.99
CA ASP B 95 -10.71 -2.35 -21.58
C ASP B 95 -11.16 -1.20 -20.69
N GLY B 96 -12.21 -1.42 -19.91
CA GLY B 96 -12.72 -0.40 -19.01
C GLY B 96 -13.48 0.71 -19.67
N THR B 97 -13.62 0.71 -21.00
CA THR B 97 -14.38 1.74 -21.69
C THR B 97 -15.85 1.67 -21.27
N GLN B 98 -16.37 2.81 -20.82
CA GLN B 98 -17.73 2.89 -20.29
C GLN B 98 -18.64 3.68 -21.22
N LEU B 99 -19.93 3.39 -21.12
CA LEU B 99 -20.96 4.10 -21.87
C LEU B 99 -22.29 3.86 -21.17
N GLN B 100 -23.14 4.89 -21.15
CA GLN B 100 -24.40 4.82 -20.46
C GLN B 100 -25.50 4.33 -21.39
N ALA B 101 -26.46 3.61 -20.83
CA ALA B 101 -27.64 3.13 -21.54
C ALA B 101 -28.89 3.68 -20.88
N MET B 102 -29.74 4.34 -21.68
CA MET B 102 -30.97 4.94 -21.18
C MET B 102 -32.16 4.15 -21.73
N ILE B 103 -32.95 3.59 -20.82
CA ILE B 103 -34.11 2.77 -21.18
C ILE B 103 -35.35 3.53 -20.73
N SER B 104 -36.15 4.00 -21.70
CA SER B 104 -37.33 4.79 -21.43
C SER B 104 -38.55 4.15 -22.08
N LEU B 105 -39.72 4.42 -21.50
CA LEU B 105 -40.96 3.86 -22.04
C LEU B 105 -41.20 4.35 -23.47
N ALA B 106 -40.88 5.61 -23.75
CA ALA B 106 -41.17 6.21 -25.05
C ALA B 106 -40.37 5.59 -26.18
N GLU B 107 -39.34 4.80 -25.88
CA GLU B 107 -38.46 4.26 -26.92
C GLU B 107 -38.45 2.74 -26.96
N VAL B 108 -38.28 2.07 -25.82
CA VAL B 108 -38.19 0.61 -25.83
C VAL B 108 -39.57 -0.05 -25.80
N GLY B 109 -40.60 0.65 -25.31
CA GLY B 109 -41.92 0.07 -25.17
C GLY B 109 -42.17 -0.42 -23.75
N GLN B 110 -43.45 -0.69 -23.48
CA GLN B 110 -43.86 -1.07 -22.13
C GLN B 110 -43.29 -2.43 -21.73
N GLU B 111 -43.40 -3.42 -22.62
CA GLU B 111 -42.93 -4.77 -22.29
C GLU B 111 -41.41 -4.80 -22.13
N ALA B 112 -40.68 -4.13 -23.02
CA ALA B 112 -39.23 -4.11 -22.91
C ALA B 112 -38.76 -3.36 -21.67
N LEU B 113 -39.48 -2.31 -21.28
CA LEU B 113 -39.12 -1.59 -20.06
C LEU B 113 -39.39 -2.43 -18.82
N ASP B 114 -40.51 -3.14 -18.79
CA ASP B 114 -40.81 -4.01 -17.65
C ASP B 114 -39.81 -5.16 -17.58
N ASN B 115 -39.42 -5.72 -18.73
CA ASN B 115 -38.44 -6.80 -18.72
C ASN B 115 -37.06 -6.32 -18.27
N TRP B 116 -36.71 -5.07 -18.58
CA TRP B 116 -35.42 -4.54 -18.14
C TRP B 116 -35.37 -4.41 -16.62
N LYS B 117 -36.43 -3.87 -16.02
CA LYS B 117 -36.50 -3.73 -14.57
C LYS B 117 -36.63 -5.07 -13.85
N THR B 118 -37.16 -6.09 -14.51
CA THR B 118 -37.39 -7.38 -13.88
C THR B 118 -36.18 -8.30 -13.95
N TYR B 119 -35.35 -8.18 -14.99
CA TYR B 119 -34.33 -9.17 -15.28
C TYR B 119 -32.90 -8.66 -15.24
N VAL B 120 -32.66 -7.39 -15.57
CA VAL B 120 -31.30 -6.87 -15.64
C VAL B 120 -30.80 -6.58 -14.23
N ASP B 121 -29.64 -7.15 -13.90
CA ASP B 121 -28.98 -6.91 -12.62
C ASP B 121 -27.55 -6.44 -12.86
N ILE B 122 -26.95 -5.85 -11.82
CA ILE B 122 -25.57 -5.41 -11.91
C ILE B 122 -24.67 -6.62 -12.10
N GLY B 123 -23.79 -6.54 -13.10
CA GLY B 123 -22.93 -7.64 -13.48
C GLY B 123 -23.37 -8.38 -14.72
N ASP B 124 -24.65 -8.28 -15.09
CA ASP B 124 -25.12 -8.91 -16.31
C ASP B 124 -24.52 -8.25 -17.54
N ILE B 125 -24.27 -9.06 -18.57
CA ILE B 125 -23.84 -8.57 -19.87
C ILE B 125 -25.06 -8.50 -20.76
N VAL B 126 -25.35 -7.33 -21.31
CA VAL B 126 -26.56 -7.10 -22.07
C VAL B 126 -26.21 -6.49 -23.42
N PHE B 127 -27.11 -6.69 -24.37
CA PHE B 127 -27.07 -6.02 -25.66
C PHE B 127 -28.09 -4.89 -25.68
N VAL B 128 -27.71 -3.74 -26.22
CA VAL B 128 -28.57 -2.57 -26.25
C VAL B 128 -28.52 -1.97 -27.65
N HIS B 129 -29.66 -1.96 -28.34
CA HIS B 129 -29.81 -1.33 -29.63
C HIS B 129 -30.52 0.00 -29.46
N GLY B 130 -30.03 1.04 -30.13
CA GLY B 130 -30.63 2.34 -29.99
C GLY B 130 -29.83 3.41 -30.70
N GLU B 131 -30.05 4.66 -30.28
CA GLU B 131 -29.47 5.84 -30.90
C GLU B 131 -28.46 6.48 -29.96
N VAL B 132 -27.34 6.93 -30.51
CA VAL B 132 -26.31 7.62 -29.74
C VAL B 132 -26.77 9.04 -29.45
N ILE B 133 -27.00 9.34 -28.17
CA ILE B 133 -27.45 10.65 -27.73
C ILE B 133 -26.58 11.10 -26.55
N THR B 134 -26.83 12.32 -26.09
CA THR B 134 -26.28 12.84 -24.85
C THR B 134 -27.44 13.20 -23.93
N SER B 135 -27.30 12.90 -22.64
CA SER B 135 -28.37 13.09 -21.69
C SER B 135 -28.47 14.56 -21.28
N LYS B 136 -29.43 14.86 -20.40
CA LYS B 136 -29.59 16.21 -19.89
C LYS B 136 -28.42 16.63 -19.02
N ARG B 137 -27.62 15.69 -18.53
CA ARG B 137 -26.42 15.97 -17.77
C ARG B 137 -25.17 15.91 -18.64
N GLY B 138 -25.32 15.75 -19.95
CA GLY B 138 -24.18 15.67 -20.84
C GLY B 138 -23.55 14.31 -20.96
N GLU B 139 -24.17 13.27 -20.41
CA GLU B 139 -23.60 11.93 -20.45
C GLU B 139 -23.88 11.28 -21.79
N LEU B 140 -22.83 10.88 -22.49
CA LEU B 140 -22.99 10.18 -23.77
C LEU B 140 -23.65 8.83 -23.52
N SER B 141 -24.76 8.58 -24.21
CA SER B 141 -25.59 7.42 -23.94
C SER B 141 -26.10 6.81 -25.24
N VAL B 142 -26.70 5.64 -25.12
CA VAL B 142 -27.40 4.98 -26.21
C VAL B 142 -28.88 4.95 -25.84
N LEU B 143 -29.67 5.82 -26.47
CA LEU B 143 -31.11 5.85 -26.24
C LEU B 143 -31.71 4.58 -26.81
N ALA B 144 -31.91 3.58 -25.96
CA ALA B 144 -32.30 2.26 -26.41
C ALA B 144 -33.73 2.25 -26.96
N ASP B 145 -33.93 1.49 -28.04
CA ASP B 145 -35.27 1.13 -28.49
C ASP B 145 -35.55 -0.35 -28.31
N SER B 146 -34.55 -1.15 -27.99
CA SER B 146 -34.67 -2.58 -27.72
C SER B 146 -33.39 -3.05 -27.07
N TRP B 147 -33.53 -4.01 -26.15
CA TRP B 147 -32.39 -4.58 -25.45
C TRP B 147 -32.51 -6.10 -25.45
N GLN B 148 -31.40 -6.76 -25.12
CA GLN B 148 -31.35 -8.21 -25.08
C GLN B 148 -30.26 -8.66 -24.13
N MET B 149 -30.57 -9.71 -23.36
CA MET B 149 -29.59 -10.28 -22.45
C MET B 149 -28.51 -11.01 -23.24
N ALA B 150 -27.25 -10.77 -22.88
CA ALA B 150 -26.12 -11.48 -23.49
C ALA B 150 -25.53 -12.54 -22.57
N ALA B 151 -25.52 -12.30 -21.26
CA ALA B 151 -25.03 -13.29 -20.31
C ALA B 151 -25.59 -12.94 -18.95
N LYS B 152 -26.49 -13.78 -18.43
CA LYS B 152 -27.06 -13.57 -17.10
C LYS B 152 -26.02 -13.94 -16.05
N ALA B 153 -25.58 -12.94 -15.28
CA ALA B 153 -24.60 -13.18 -14.22
C ALA B 153 -25.30 -13.71 -12.97
N LEU B 154 -24.80 -14.83 -12.46
CA LEU B 154 -25.36 -15.44 -11.25
C LEU B 154 -24.69 -14.96 -9.97
N ARG B 155 -23.49 -14.40 -10.07
CA ARG B 155 -22.78 -13.86 -8.92
C ARG B 155 -22.63 -12.35 -9.10
N PRO B 156 -23.09 -11.53 -8.16
CA PRO B 156 -22.97 -10.08 -8.33
C PRO B 156 -21.55 -9.60 -8.10
N LEU B 157 -21.21 -8.49 -8.75
CA LEU B 157 -19.93 -7.85 -8.54
C LEU B 157 -19.86 -7.31 -7.11
N PRO B 158 -18.65 -7.07 -6.59
CA PRO B 158 -18.52 -6.48 -5.26
C PRO B 158 -19.20 -5.13 -5.19
N VAL B 159 -19.57 -4.75 -3.96
CA VAL B 159 -20.26 -3.47 -3.76
C VAL B 159 -19.35 -2.32 -4.19
N ALA B 160 -19.98 -1.18 -4.48
CA ALA B 160 -19.25 -0.01 -4.93
C ALA B 160 -18.25 0.44 -3.87
N HIS B 161 -17.00 0.62 -4.29
CA HIS B 161 -15.89 1.07 -3.45
C HIS B 161 -15.56 0.09 -2.33
N LYS B 162 -16.11 -1.11 -2.36
CA LYS B 162 -15.77 -2.13 -1.37
C LYS B 162 -14.36 -2.64 -1.67
N GLU B 163 -13.43 -2.37 -0.76
CA GLU B 163 -12.03 -2.72 -0.98
C GLU B 163 -11.88 -4.23 -1.14
N MET B 164 -11.21 -4.65 -2.19
CA MET B 164 -10.96 -6.05 -2.49
C MET B 164 -9.59 -6.42 -1.95
N SER B 165 -9.54 -7.44 -1.09
CA SER B 165 -8.29 -7.84 -0.45
C SER B 165 -7.31 -8.37 -1.50
N GLU B 166 -6.02 -8.32 -1.14
CA GLU B 166 -4.99 -8.78 -2.06
C GLU B 166 -5.13 -10.27 -2.36
N GLU B 167 -5.58 -11.06 -1.40
CA GLU B 167 -5.81 -12.48 -1.65
C GLU B 167 -7.03 -12.70 -2.54
N SER B 168 -8.03 -11.82 -2.45
CA SER B 168 -9.21 -11.96 -3.30
C SER B 168 -8.90 -11.56 -4.73
N ARG B 169 -8.02 -10.56 -4.92
CA ARG B 169 -7.65 -10.15 -6.28
C ARG B 169 -6.93 -11.28 -7.01
N VAL B 170 -6.06 -12.00 -6.31
CA VAL B 170 -5.33 -13.09 -6.93
C VAL B 170 -6.25 -14.28 -7.18
N ARG B 171 -7.05 -14.65 -6.18
CA ARG B 171 -7.94 -15.79 -6.31
C ARG B 171 -9.00 -15.57 -7.38
N GLN B 172 -9.43 -14.33 -7.59
CA GLN B 172 -10.44 -14.00 -8.58
C GLN B 172 -9.94 -12.80 -9.41
N ARG B 173 -8.96 -13.07 -10.28
CA ARG B 173 -8.43 -12.01 -11.13
C ARG B 173 -9.46 -11.49 -12.11
N TYR B 174 -10.38 -12.36 -12.54
CA TYR B 174 -11.44 -11.92 -13.46
C TYR B 174 -12.31 -10.85 -12.83
N VAL B 175 -12.58 -10.95 -11.52
CA VAL B 175 -13.32 -9.91 -10.84
C VAL B 175 -12.44 -8.67 -10.65
N ASP B 176 -11.15 -8.87 -10.38
CA ASP B 176 -10.24 -7.75 -10.20
C ASP B 176 -10.13 -6.92 -11.47
N LEU B 177 -10.10 -7.57 -12.64
CA LEU B 177 -10.01 -6.85 -13.90
C LEU B 177 -11.26 -6.04 -14.20
N ILE B 178 -12.40 -6.41 -13.63
CA ILE B 178 -13.64 -5.70 -13.95
C ILE B 178 -13.76 -4.43 -13.12
N VAL B 179 -13.46 -4.50 -11.83
CA VAL B 179 -13.76 -3.41 -10.91
C VAL B 179 -12.56 -2.51 -10.60
N ARG B 180 -11.34 -2.96 -10.89
CA ARG B 180 -10.14 -2.19 -10.56
C ARG B 180 -9.43 -1.79 -11.85
N ASP B 181 -9.23 -0.48 -12.04
CA ASP B 181 -8.58 0.01 -13.24
C ASP B 181 -7.11 -0.37 -13.28
N GLN B 182 -6.45 -0.37 -12.11
CA GLN B 182 -5.03 -0.69 -12.07
C GLN B 182 -4.76 -2.13 -12.50
N ALA B 183 -5.72 -3.03 -12.26
CA ALA B 183 -5.54 -4.41 -12.69
C ALA B 183 -5.48 -4.52 -14.22
N ARG B 184 -6.25 -3.69 -14.93
CA ARG B 184 -6.23 -3.73 -16.38
C ARG B 184 -4.98 -3.08 -16.94
N LYS B 185 -4.53 -1.97 -16.34
CA LYS B 185 -3.34 -1.28 -16.84
C LYS B 185 -2.10 -2.15 -16.69
N VAL B 186 -1.93 -2.79 -15.52
CA VAL B 186 -0.76 -3.61 -15.29
C VAL B 186 -0.79 -4.85 -16.20
N ALA B 187 -1.97 -5.44 -16.39
CA ALA B 187 -2.06 -6.61 -17.26
C ALA B 187 -1.68 -6.27 -18.68
N ARG B 188 -2.15 -5.14 -19.20
CA ARG B 188 -1.80 -4.73 -20.55
C ARG B 188 -0.38 -4.17 -20.62
N GLN B 189 0.16 -3.66 -19.50
CA GLN B 189 1.56 -3.24 -19.48
C GLN B 189 2.47 -4.45 -19.67
N ARG B 190 2.15 -5.57 -19.03
CA ARG B 190 2.95 -6.78 -19.21
C ARG B 190 2.88 -7.28 -20.65
N ILE B 191 1.69 -7.21 -21.25
CA ILE B 191 1.54 -7.62 -22.65
C ILE B 191 2.42 -6.73 -23.54
N ALA B 192 2.47 -5.44 -23.24
CA ALA B 192 3.31 -4.54 -24.02
C ALA B 192 4.79 -4.80 -23.80
N VAL B 193 5.18 -5.21 -22.58
CA VAL B 193 6.58 -5.51 -22.30
C VAL B 193 7.04 -6.72 -23.12
N MET B 194 6.22 -7.77 -23.14
CA MET B 194 6.59 -8.98 -23.88
C MET B 194 6.73 -8.71 -25.36
N ARG B 195 5.86 -7.84 -25.91
CA ARG B 195 5.96 -7.49 -27.32
C ARG B 195 7.11 -6.54 -27.60
N ALA B 196 7.47 -5.70 -26.63
CA ALA B 196 8.61 -4.80 -26.82
C ALA B 196 9.93 -5.56 -26.78
N ILE B 197 10.02 -6.59 -25.94
CA ILE B 197 11.23 -7.40 -25.87
C ILE B 197 11.46 -8.13 -27.19
N ARG B 198 10.40 -8.73 -27.73
CA ARG B 198 10.53 -9.41 -29.01
C ARG B 198 10.85 -8.43 -30.13
N SER B 199 10.25 -7.23 -30.09
CA SER B 199 10.52 -6.24 -31.12
C SER B 199 11.96 -5.76 -31.09
N ALA B 200 12.51 -5.55 -29.89
CA ALA B 200 13.87 -5.03 -29.78
C ALA B 200 14.91 -6.09 -30.13
N LEU B 201 14.69 -7.33 -29.70
CA LEU B 201 15.67 -8.39 -29.96
C LEU B 201 15.68 -8.78 -31.43
N GLU B 202 14.50 -9.01 -32.01
CA GLU B 202 14.43 -9.33 -33.44
C GLU B 202 14.93 -8.17 -34.30
N ARG B 203 14.84 -6.95 -33.78
CA ARG B 203 15.44 -5.80 -34.47
C ARG B 203 16.95 -5.91 -34.53
N ARG B 204 17.56 -6.52 -33.51
CA ARG B 204 19.01 -6.68 -33.45
C ARG B 204 19.49 -7.98 -34.09
N GLY B 205 18.65 -8.63 -34.89
CA GLY B 205 19.03 -9.85 -35.55
C GLY B 205 18.83 -11.13 -34.75
N PHE B 206 18.25 -11.03 -33.56
CA PHE B 206 18.02 -12.22 -32.74
C PHE B 206 16.78 -12.96 -33.23
N LEU B 207 16.86 -14.29 -33.18
CA LEU B 207 15.75 -15.16 -33.54
C LEU B 207 15.22 -15.86 -32.30
N GLU B 208 13.90 -15.95 -32.19
CA GLU B 208 13.25 -16.64 -31.09
C GLU B 208 13.16 -18.13 -31.39
N VAL B 209 13.69 -18.94 -30.49
CA VAL B 209 13.71 -20.39 -30.64
C VAL B 209 13.03 -21.02 -29.44
N GLU B 210 12.72 -22.31 -29.58
CA GLU B 210 11.97 -23.06 -28.59
C GLU B 210 12.80 -24.26 -28.17
N THR B 211 13.07 -24.35 -26.87
CA THR B 211 13.80 -25.45 -26.25
C THR B 211 12.92 -26.15 -25.23
N PRO B 212 13.16 -27.43 -24.95
CA PRO B 212 12.18 -28.22 -24.19
C PRO B 212 12.07 -27.76 -22.74
N MET B 213 10.86 -27.92 -22.20
CA MET B 213 10.62 -27.71 -20.77
C MET B 213 10.64 -29.00 -19.97
N LEU B 214 10.43 -30.14 -20.61
CA LEU B 214 10.61 -31.45 -20.00
C LEU B 214 11.97 -31.99 -20.41
N GLN B 215 12.90 -32.04 -19.46
CA GLN B 215 14.27 -32.44 -19.73
C GLN B 215 14.61 -33.70 -18.93
N THR B 216 15.54 -34.48 -19.47
CA THR B 216 16.03 -35.66 -18.77
C THR B 216 17.00 -35.31 -17.65
N LEU B 217 17.63 -34.14 -17.72
CA LEU B 217 18.52 -33.67 -16.66
C LEU B 217 18.41 -32.16 -16.60
N ALA B 218 17.93 -31.65 -15.46
CA ALA B 218 17.74 -30.21 -15.31
C ALA B 218 19.08 -29.53 -15.03
N GLY B 219 19.36 -28.48 -15.79
CA GLY B 219 20.60 -27.74 -15.62
C GLY B 219 20.51 -26.30 -16.10
N GLY B 220 21.65 -25.61 -16.16
CA GLY B 220 21.69 -24.24 -16.58
C GLY B 220 21.51 -23.22 -15.48
N ALA B 221 21.24 -23.66 -14.26
CA ALA B 221 21.08 -22.76 -13.12
C ALA B 221 21.30 -23.56 -11.85
N ALA B 222 21.12 -22.89 -10.71
CA ALA B 222 21.24 -23.52 -9.40
C ALA B 222 19.87 -23.42 -8.71
N ALA B 223 19.08 -24.48 -8.80
CA ALA B 223 17.76 -24.49 -8.21
C ALA B 223 17.25 -25.92 -8.10
N ARG B 224 16.39 -26.16 -7.11
CA ARG B 224 15.76 -27.46 -6.94
C ARG B 224 14.62 -27.59 -7.95
N PRO B 225 14.57 -28.69 -8.72
CA PRO B 225 13.60 -28.76 -9.82
C PRO B 225 12.32 -29.50 -9.47
N PHE B 226 11.34 -29.42 -10.37
CA PHE B 226 10.13 -30.23 -10.30
C PHE B 226 10.36 -31.54 -11.03
N VAL B 227 9.94 -32.65 -10.43
CA VAL B 227 10.09 -33.98 -11.00
C VAL B 227 8.71 -34.50 -11.38
N THR B 228 8.61 -35.09 -12.57
CA THR B 228 7.36 -35.66 -13.06
C THR B 228 7.64 -36.97 -13.78
N HIS B 229 6.67 -37.87 -13.73
CA HIS B 229 6.79 -39.18 -14.37
C HIS B 229 6.23 -39.12 -15.78
N SER B 230 6.94 -39.75 -16.71
CA SER B 230 6.55 -39.78 -18.11
C SER B 230 6.08 -41.19 -18.46
N ASN B 231 4.81 -41.31 -18.89
CA ASN B 231 4.30 -42.61 -19.30
C ASN B 231 4.84 -43.03 -20.66
N ALA B 232 5.22 -42.06 -21.50
CA ALA B 232 5.72 -42.39 -22.83
C ALA B 232 7.10 -43.04 -22.75
N LEU B 233 7.95 -42.55 -21.84
CA LEU B 233 9.31 -43.06 -21.71
C LEU B 233 9.51 -43.92 -20.47
N ASP B 234 8.50 -44.01 -19.59
CA ASP B 234 8.59 -44.78 -18.36
C ASP B 234 9.82 -44.37 -17.54
N THR B 235 9.93 -43.07 -17.29
CA THR B 235 11.03 -42.52 -16.52
C THR B 235 10.58 -41.23 -15.85
N GLU B 236 11.46 -40.69 -15.01
CA GLU B 236 11.17 -39.49 -14.23
C GLU B 236 11.84 -38.29 -14.91
N LEU B 237 11.03 -37.43 -15.53
CA LEU B 237 11.54 -36.25 -16.18
C LEU B 237 11.59 -35.07 -15.19
N TYR B 238 12.19 -33.98 -15.64
CA TYR B 238 12.39 -32.80 -14.80
C TYR B 238 11.93 -31.56 -15.54
N LEU B 239 11.08 -30.75 -14.90
CA LEU B 239 10.75 -29.45 -15.44
C LEU B 239 12.01 -28.58 -15.45
N ARG B 240 12.26 -27.93 -16.58
CA ARG B 240 13.49 -27.16 -16.74
C ARG B 240 13.55 -26.01 -15.74
N ILE B 241 14.75 -25.76 -15.22
CA ILE B 241 15.01 -24.58 -14.41
C ILE B 241 15.65 -23.47 -15.23
N ALA B 242 16.15 -23.76 -16.42
CA ALA B 242 16.79 -22.81 -17.31
C ALA B 242 16.95 -23.43 -18.68
N PRO B 243 16.88 -22.65 -19.76
CA PRO B 243 17.11 -23.21 -21.09
C PRO B 243 18.54 -23.02 -21.57
N GLU B 244 19.45 -22.74 -20.62
CA GLU B 244 20.81 -22.35 -20.99
C GLU B 244 21.52 -23.43 -21.77
N LEU B 245 21.48 -24.67 -21.28
CA LEU B 245 22.26 -25.74 -21.91
C LEU B 245 21.75 -26.06 -23.32
N PHE B 246 20.46 -25.88 -23.57
CA PHE B 246 19.94 -26.13 -24.91
C PHE B 246 20.14 -24.94 -25.83
N LEU B 247 20.06 -23.72 -25.29
CA LEU B 247 20.38 -22.54 -26.10
C LEU B 247 21.86 -22.53 -26.49
N LYS B 248 22.71 -23.14 -25.67
CA LYS B 248 24.12 -23.28 -26.04
C LYS B 248 24.31 -24.28 -27.17
N ARG B 249 23.47 -25.31 -27.24
CA ARG B 249 23.49 -26.22 -28.38
C ARG B 249 23.17 -25.48 -29.68
N CYS B 250 22.33 -24.45 -29.61
CA CYS B 250 22.00 -23.68 -30.81
C CYS B 250 23.21 -22.90 -31.31
N LEU B 251 24.05 -22.42 -30.41
CA LEU B 251 25.29 -21.76 -30.84
C LEU B 251 26.20 -22.72 -31.58
N VAL B 252 26.34 -23.94 -31.06
CA VAL B 252 27.11 -24.96 -31.76
C VAL B 252 26.46 -25.29 -33.10
N GLY B 253 25.12 -25.29 -33.14
CA GLY B 253 24.41 -25.61 -34.36
C GLY B 253 24.52 -24.56 -35.45
N GLY B 254 24.90 -23.34 -35.10
CA GLY B 254 25.06 -22.30 -36.10
C GLY B 254 24.38 -20.99 -35.76
N PHE B 255 23.41 -21.01 -34.87
CA PHE B 255 22.70 -19.80 -34.50
C PHE B 255 23.65 -18.79 -33.87
N GLU B 256 23.72 -17.60 -34.47
CA GLU B 256 24.61 -16.54 -33.98
C GLU B 256 23.94 -15.65 -32.95
N ARG B 257 22.68 -15.30 -33.17
CA ARG B 257 21.93 -14.44 -32.26
C ARG B 257 20.57 -15.10 -32.00
N VAL B 258 20.35 -15.53 -30.77
CA VAL B 258 19.18 -16.35 -30.44
C VAL B 258 18.70 -15.98 -29.04
N PHE B 259 17.39 -16.04 -28.85
CA PHE B 259 16.81 -15.80 -27.53
C PHE B 259 15.58 -16.69 -27.34
N GLU B 260 15.28 -17.00 -26.09
CA GLU B 260 14.05 -17.68 -25.72
C GLU B 260 13.39 -16.92 -24.59
N LEU B 261 12.10 -16.63 -24.76
CA LEU B 261 11.32 -15.82 -23.83
C LEU B 261 10.10 -16.64 -23.43
N ASN B 262 10.25 -17.47 -22.40
CA ASN B 262 9.17 -18.38 -22.03
C ASN B 262 9.31 -18.75 -20.56
N ARG B 263 8.66 -19.85 -20.17
CA ARG B 263 8.49 -20.22 -18.77
C ARG B 263 9.65 -21.07 -18.27
N VAL B 264 9.91 -20.98 -16.96
CA VAL B 264 10.83 -21.84 -16.26
C VAL B 264 10.22 -22.20 -14.91
N PHE B 265 10.68 -23.32 -14.34
CA PHE B 265 10.10 -23.89 -13.14
C PHE B 265 11.20 -24.25 -12.16
N ARG B 266 11.17 -23.65 -10.97
CA ARG B 266 12.15 -23.91 -9.92
C ARG B 266 11.42 -24.21 -8.63
N ASN B 267 11.56 -25.44 -8.14
CA ASN B 267 10.79 -25.93 -7.00
C ASN B 267 11.37 -25.39 -5.69
N GLU B 268 11.39 -24.08 -5.58
CA GLU B 268 11.79 -23.37 -4.37
C GLU B 268 10.58 -22.62 -3.82
N GLY B 269 10.72 -22.12 -2.60
CA GLY B 269 9.65 -21.38 -1.98
C GLY B 269 9.36 -20.07 -2.70
N ALA B 270 8.14 -19.58 -2.52
CA ALA B 270 7.69 -18.34 -3.14
C ALA B 270 7.62 -17.23 -2.11
N ASP B 271 8.05 -16.03 -2.50
CA ASP B 271 7.92 -14.86 -1.65
C ASP B 271 7.74 -13.60 -2.49
N SER B 272 8.23 -12.46 -1.98
CA SER B 272 7.98 -11.19 -2.66
C SER B 272 8.70 -11.10 -4.00
N THR B 273 9.82 -11.80 -4.15
CA THR B 273 10.61 -11.72 -5.38
C THR B 273 10.80 -13.07 -6.06
N HIS B 274 10.15 -14.12 -5.57
CA HIS B 274 10.29 -15.46 -6.14
C HIS B 274 8.92 -16.08 -6.36
N SER B 275 8.77 -16.77 -7.50
CA SER B 275 7.59 -17.53 -7.84
C SER B 275 8.10 -18.81 -8.47
N PRO B 276 7.63 -19.97 -8.02
CA PRO B 276 8.15 -21.24 -8.57
C PRO B 276 8.01 -21.35 -10.08
N GLU B 277 6.95 -20.77 -10.64
CA GLU B 277 6.78 -20.66 -12.09
C GLU B 277 6.90 -19.20 -12.48
N PHE B 278 7.85 -18.88 -13.33
CA PHE B 278 8.06 -17.50 -13.76
C PHE B 278 8.62 -17.49 -15.17
N VAL B 279 8.62 -16.31 -15.78
CA VAL B 279 9.06 -16.12 -17.15
C VAL B 279 10.45 -15.49 -17.13
N MET B 280 11.37 -16.06 -17.91
CA MET B 280 12.72 -15.54 -18.04
C MET B 280 13.00 -15.19 -19.49
N LEU B 281 14.02 -14.35 -19.69
CA LEU B 281 14.56 -14.05 -21.00
C LEU B 281 16.03 -14.45 -21.02
N GLU B 282 16.40 -15.34 -21.94
CA GLU B 282 17.78 -15.73 -22.15
C GLU B 282 18.15 -15.47 -23.59
N THR B 283 19.14 -14.60 -23.80
CA THR B 283 19.65 -14.29 -25.12
C THR B 283 21.10 -14.77 -25.21
N TYR B 284 21.54 -15.08 -26.44
CA TYR B 284 22.89 -15.53 -26.68
C TYR B 284 23.40 -14.93 -27.98
N GLN B 285 24.59 -14.35 -27.93
CA GLN B 285 25.17 -13.59 -29.04
C GLN B 285 26.57 -14.12 -29.30
N ALA B 286 26.78 -14.71 -30.48
CA ALA B 286 28.09 -15.23 -30.84
C ALA B 286 29.06 -14.10 -31.08
N TYR B 287 30.33 -14.36 -30.74
CA TYR B 287 31.43 -13.41 -30.95
C TYR B 287 31.20 -12.11 -30.18
N GLY B 288 30.74 -12.24 -28.94
CA GLY B 288 30.64 -11.13 -28.03
C GLY B 288 31.04 -11.53 -26.63
N THR B 289 31.38 -10.55 -25.82
CA THR B 289 31.78 -10.75 -24.44
C THR B 289 30.71 -10.18 -23.51
N TYR B 290 30.91 -10.38 -22.21
CA TYR B 290 29.95 -9.87 -21.23
C TYR B 290 29.92 -8.35 -21.20
N ASP B 291 30.94 -7.69 -21.73
CA ASP B 291 30.89 -6.23 -21.88
C ASP B 291 29.85 -5.83 -22.93
N ASP B 292 29.73 -6.61 -24.01
CA ASP B 292 28.76 -6.31 -25.04
C ASP B 292 27.34 -6.62 -24.58
N SER B 293 27.16 -7.74 -23.88
CA SER B 293 25.82 -8.14 -23.44
C SER B 293 25.29 -7.20 -22.36
N ALA B 294 26.18 -6.58 -21.57
CA ALA B 294 25.72 -5.61 -20.59
C ALA B 294 25.17 -4.36 -21.25
N VAL B 295 25.70 -3.98 -22.42
CA VAL B 295 25.19 -2.84 -23.14
C VAL B 295 23.81 -3.15 -23.73
N VAL B 296 23.66 -4.35 -24.29
CA VAL B 296 22.38 -4.72 -24.91
C VAL B 296 21.29 -4.82 -23.86
N THR B 297 21.61 -5.38 -22.68
CA THR B 297 20.61 -5.50 -21.63
C THR B 297 20.15 -4.13 -21.14
N ARG B 298 21.09 -3.20 -20.96
CA ARG B 298 20.71 -1.86 -20.52
C ARG B 298 19.84 -1.16 -21.56
N GLU B 299 20.20 -1.28 -22.84
CA GLU B 299 19.40 -0.65 -23.89
C GLU B 299 18.05 -1.31 -24.04
N LEU B 300 17.99 -2.63 -23.87
CA LEU B 300 16.72 -3.35 -23.97
C LEU B 300 15.74 -2.89 -22.90
N ILE B 301 16.20 -2.81 -21.65
CA ILE B 301 15.34 -2.38 -20.55
C ILE B 301 14.87 -0.95 -20.76
N GLN B 302 15.76 -0.08 -21.24
CA GLN B 302 15.39 1.31 -21.47
C GLN B 302 14.45 1.44 -22.67
N GLU B 303 14.61 0.60 -23.68
CA GLU B 303 13.68 0.63 -24.82
C GLU B 303 12.33 0.06 -24.42
N VAL B 304 12.31 -1.02 -23.62
CA VAL B 304 11.06 -1.58 -23.14
C VAL B 304 10.33 -0.57 -22.27
N ALA B 305 11.07 0.19 -21.46
CA ALA B 305 10.46 1.22 -20.64
C ALA B 305 9.83 2.32 -21.50
N ASP B 306 10.41 2.60 -22.66
CA ASP B 306 9.87 3.64 -23.54
C ASP B 306 8.56 3.18 -24.18
N GLU B 307 8.52 1.95 -24.68
CA GLU B 307 7.37 1.49 -25.43
C GLU B 307 6.22 1.03 -24.52
N ALA B 308 6.54 0.41 -23.39
CA ALA B 308 5.50 -0.17 -22.53
C ALA B 308 4.95 0.85 -21.53
N ILE B 309 5.84 1.50 -20.78
CA ILE B 309 5.40 2.43 -19.73
C ILE B 309 5.28 3.85 -20.28
N GLY B 310 6.18 4.22 -21.18
CA GLY B 310 6.16 5.52 -21.80
C GLY B 310 7.16 6.51 -21.23
N THR B 311 7.99 6.10 -20.28
CA THR B 311 8.98 6.98 -19.69
C THR B 311 10.05 6.14 -19.01
N ARG B 312 11.27 6.67 -18.98
CA ARG B 312 12.35 6.05 -18.23
C ARG B 312 12.40 6.51 -16.78
N GLN B 313 11.53 7.45 -16.41
CA GLN B 313 11.34 7.85 -15.01
C GLN B 313 10.09 7.11 -14.53
N VAL B 314 10.30 5.90 -14.01
CA VAL B 314 9.18 5.03 -13.61
C VAL B 314 8.48 5.62 -12.39
N PRO B 315 7.16 5.73 -12.40
CA PRO B 315 6.44 6.22 -11.21
C PRO B 315 6.05 5.07 -10.28
N LEU B 316 6.57 5.10 -9.05
CA LEU B 316 6.30 4.04 -8.09
C LEU B 316 4.98 4.28 -7.37
N PRO B 317 4.37 3.23 -6.82
CA PRO B 317 3.07 3.42 -6.14
C PRO B 317 3.13 4.35 -4.95
N ASP B 318 4.27 4.48 -4.28
CA ASP B 318 4.36 5.36 -3.12
C ASP B 318 4.31 6.83 -3.51
N GLY B 319 4.48 7.16 -4.79
CA GLY B 319 4.49 8.53 -5.26
C GLY B 319 5.83 9.00 -5.77
N THR B 320 6.91 8.30 -5.43
CA THR B 320 8.24 8.68 -5.88
C THR B 320 8.45 8.28 -7.34
N VAL B 321 9.55 8.74 -7.91
CA VAL B 321 9.91 8.45 -9.30
C VAL B 321 11.29 7.80 -9.29
N TYR B 322 11.48 6.80 -10.14
CA TYR B 322 12.72 6.05 -10.22
C TYR B 322 13.37 6.30 -11.58
N ASP B 323 14.66 6.62 -11.57
CA ASP B 323 15.39 6.98 -12.78
C ASP B 323 16.06 5.74 -13.37
N LEU B 324 15.62 5.34 -14.56
CA LEU B 324 16.23 4.25 -15.31
C LEU B 324 17.08 4.74 -16.48
N ASP B 325 17.12 6.05 -16.71
CA ASP B 325 17.76 6.61 -17.88
C ASP B 325 19.27 6.73 -17.67
N GLY B 326 19.97 7.09 -18.75
CA GLY B 326 21.40 7.32 -18.69
C GLY B 326 22.21 6.04 -18.54
N GLU B 327 23.50 6.24 -18.31
CA GLU B 327 24.42 5.13 -18.08
C GLU B 327 24.26 4.61 -16.65
N TRP B 328 24.67 3.36 -16.45
CA TRP B 328 24.58 2.70 -15.16
C TRP B 328 25.97 2.39 -14.65
N GLU B 329 26.21 2.67 -13.37
CA GLU B 329 27.52 2.48 -12.78
C GLU B 329 27.85 0.99 -12.67
N SER B 330 29.11 0.66 -12.89
CA SER B 330 29.61 -0.70 -12.79
C SER B 330 30.71 -0.76 -11.74
N ILE B 331 30.60 -1.71 -10.83
CA ILE B 331 31.59 -1.91 -9.78
C ILE B 331 32.07 -3.36 -9.84
N GLN B 332 33.35 -3.55 -9.52
CA GLN B 332 33.89 -4.88 -9.39
C GLN B 332 33.57 -5.44 -8.01
N MET B 333 33.52 -6.78 -7.92
CA MET B 333 33.03 -7.41 -6.70
C MET B 333 34.08 -7.38 -5.59
N TYR B 334 35.28 -7.88 -5.87
CA TYR B 334 36.32 -7.92 -4.84
C TYR B 334 36.71 -6.53 -4.35
N PRO B 335 36.96 -5.53 -5.21
CA PRO B 335 37.26 -4.19 -4.67
C PRO B 335 36.11 -3.58 -3.89
N SER B 336 34.86 -3.73 -4.34
CA SER B 336 33.74 -3.14 -3.62
C SER B 336 33.53 -3.83 -2.27
N LEU B 337 33.76 -5.14 -2.20
CA LEU B 337 33.72 -5.82 -0.92
C LEU B 337 34.86 -5.37 -0.02
N SER B 338 36.03 -5.10 -0.61
CA SER B 338 37.18 -4.68 0.18
C SER B 338 36.94 -3.32 0.82
N GLU B 339 36.29 -2.40 0.10
CA GLU B 339 36.03 -1.08 0.65
C GLU B 339 35.01 -1.14 1.78
N ALA B 340 33.98 -1.96 1.63
CA ALA B 340 32.97 -2.08 2.67
C ALA B 340 33.53 -2.70 3.94
N LEU B 341 34.45 -3.64 3.81
CA LEU B 341 35.07 -4.28 4.96
C LEU B 341 36.27 -3.51 5.50
N GLY B 342 36.80 -2.55 4.75
CA GLY B 342 38.00 -1.87 5.19
C GLY B 342 39.27 -2.69 5.08
N GLU B 343 39.17 -3.90 4.53
CA GLU B 343 40.31 -4.80 4.37
C GLU B 343 40.26 -5.40 2.98
N GLU B 344 41.43 -5.46 2.33
CA GLU B 344 41.52 -5.94 0.96
C GLU B 344 41.16 -7.43 0.87
N ILE B 345 40.27 -7.77 -0.04
CA ILE B 345 39.87 -9.14 -0.29
C ILE B 345 40.22 -9.48 -1.74
N THR B 346 40.95 -10.57 -1.92
CA THR B 346 41.39 -11.06 -3.22
C THR B 346 40.95 -12.50 -3.38
N PRO B 347 41.04 -13.05 -4.59
CA PRO B 347 40.82 -14.50 -4.76
C PRO B 347 41.77 -15.36 -3.93
N ASP B 348 42.86 -14.79 -3.41
CA ASP B 348 43.79 -15.52 -2.56
C ASP B 348 43.42 -15.48 -1.09
N THR B 349 42.38 -14.75 -0.73
CA THR B 349 41.96 -14.65 0.67
C THR B 349 41.46 -16.02 1.15
N PRO B 350 42.04 -16.58 2.20
CA PRO B 350 41.62 -17.92 2.65
C PRO B 350 40.18 -17.93 3.13
N ALA B 351 39.58 -19.11 3.09
CA ALA B 351 38.18 -19.26 3.49
C ALA B 351 37.99 -19.05 4.98
N GLU B 352 39.00 -19.38 5.78
CA GLU B 352 38.90 -19.17 7.23
C GLU B 352 38.88 -17.69 7.59
N THR B 353 39.53 -16.86 6.78
CA THR B 353 39.47 -15.42 7.01
C THR B 353 38.07 -14.88 6.75
N LEU B 354 37.47 -15.29 5.63
CA LEU B 354 36.11 -14.84 5.31
C LEU B 354 35.09 -15.45 6.26
N TRP B 355 35.34 -16.66 6.77
CA TRP B 355 34.46 -17.25 7.77
C TRP B 355 34.48 -16.44 9.06
N ALA B 356 35.68 -16.07 9.53
CA ALA B 356 35.79 -15.28 10.75
C ALA B 356 35.20 -13.88 10.55
N ILE B 357 35.26 -13.34 9.34
CA ILE B 357 34.61 -12.07 9.06
C ILE B 357 33.09 -12.24 9.07
N ALA B 358 32.60 -13.35 8.51
CA ALA B 358 31.16 -13.59 8.47
C ALA B 358 30.60 -13.77 9.88
N ASP B 359 31.36 -14.43 10.76
CA ASP B 359 30.92 -14.60 12.14
C ASP B 359 31.00 -13.29 12.91
N ARG B 360 31.98 -12.44 12.59
CA ARG B 360 32.09 -11.14 13.25
C ARG B 360 30.93 -10.23 12.85
N LEU B 361 30.47 -10.33 11.61
CA LEU B 361 29.34 -9.55 11.13
C LEU B 361 28.00 -10.20 11.43
N GLY B 362 27.99 -11.35 12.11
CA GLY B 362 26.75 -12.00 12.47
C GLY B 362 25.95 -12.54 11.31
N LEU B 363 26.62 -13.02 10.26
CA LEU B 363 25.93 -13.57 9.11
C LEU B 363 25.45 -14.99 9.41
N ASP B 364 24.17 -15.25 9.17
CA ASP B 364 23.58 -16.57 9.37
C ASP B 364 23.87 -17.42 8.14
N ILE B 365 25.06 -18.00 8.12
CA ILE B 365 25.53 -18.82 7.00
C ILE B 365 25.71 -20.24 7.51
N PRO B 366 25.16 -21.25 6.83
CA PRO B 366 25.35 -22.62 7.29
C PRO B 366 26.76 -23.12 7.03
N ARG B 367 27.18 -24.08 7.85
CA ARG B 367 28.51 -24.66 7.77
C ARG B 367 28.53 -26.09 7.23
N ASP B 368 27.40 -26.80 7.32
CA ASP B 368 27.32 -28.20 6.90
C ASP B 368 27.07 -28.37 5.41
N ARG B 369 27.54 -27.44 4.57
CA ARG B 369 27.28 -27.49 3.14
C ARG B 369 28.52 -27.45 2.26
N GLY B 370 29.71 -27.28 2.82
CA GLY B 370 30.89 -27.14 2.00
C GLY B 370 31.03 -25.80 1.30
N TYR B 371 30.58 -24.73 1.94
CA TYR B 371 30.77 -23.40 1.38
C TYR B 371 32.21 -22.96 1.55
N GLY B 372 32.82 -22.48 0.47
CA GLY B 372 34.22 -22.11 0.50
C GLY B 372 34.49 -20.64 0.26
N HIS B 373 35.51 -20.35 -0.55
CA HIS B 373 35.90 -18.97 -0.79
C HIS B 373 34.82 -18.19 -1.53
N GLY B 374 34.37 -18.73 -2.67
CA GLY B 374 33.43 -17.98 -3.51
C GLY B 374 32.12 -17.71 -2.82
N LYS B 375 31.58 -18.70 -2.10
CA LYS B 375 30.30 -18.51 -1.42
C LYS B 375 30.40 -17.43 -0.33
N LEU B 376 31.51 -17.40 0.40
CA LEU B 376 31.66 -16.40 1.44
C LEU B 376 31.83 -15.01 0.84
N VAL B 377 32.52 -14.90 -0.30
CA VAL B 377 32.65 -13.62 -0.96
C VAL B 377 31.28 -13.12 -1.44
N GLU B 378 30.42 -14.05 -1.90
CA GLU B 378 29.10 -13.65 -2.35
C GLU B 378 28.21 -13.24 -1.19
N GLU B 379 28.21 -14.02 -0.11
CA GLU B 379 27.40 -13.66 1.05
C GLU B 379 27.86 -12.35 1.67
N LEU B 380 29.17 -12.12 1.72
CA LEU B 380 29.69 -10.89 2.33
C LEU B 380 29.41 -9.68 1.44
N TRP B 381 29.47 -9.84 0.12
CA TRP B 381 29.20 -8.71 -0.76
C TRP B 381 27.72 -8.33 -0.73
N GLU B 382 26.82 -9.31 -0.77
CA GLU B 382 25.40 -9.02 -0.80
C GLU B 382 24.93 -8.35 0.48
N HIS B 383 25.64 -8.57 1.60
CA HIS B 383 25.22 -7.99 2.87
C HIS B 383 25.85 -6.63 3.13
N THR B 384 27.09 -6.42 2.71
CA THR B 384 27.79 -5.17 2.96
C THR B 384 27.67 -4.17 1.82
N VAL B 385 27.46 -4.63 0.59
CA VAL B 385 27.41 -3.78 -0.59
C VAL B 385 26.07 -3.89 -1.31
N GLY B 386 25.67 -5.11 -1.67
CA GLY B 386 24.48 -5.29 -2.48
C GLY B 386 23.20 -4.83 -1.80
N ALA B 387 23.14 -4.94 -0.47
CA ALA B 387 21.94 -4.53 0.26
C ALA B 387 21.75 -3.01 0.30
N LYS B 388 22.76 -2.24 -0.10
CA LYS B 388 22.68 -0.78 -0.08
C LYS B 388 22.59 -0.18 -1.49
N LEU B 389 22.42 -1.01 -2.51
CA LEU B 389 22.31 -0.53 -3.88
C LEU B 389 20.86 -0.16 -4.19
N TRP B 390 20.68 0.95 -4.89
CA TRP B 390 19.34 1.39 -5.28
C TRP B 390 19.28 1.70 -6.77
N ALA B 391 20.16 2.59 -7.23
CA ALA B 391 20.25 2.89 -8.64
C ALA B 391 20.68 1.65 -9.41
N PRO B 392 20.37 1.58 -10.71
CA PRO B 392 20.80 0.42 -11.51
C PRO B 392 22.33 0.32 -11.52
N THR B 393 22.83 -0.83 -11.06
CA THR B 393 24.26 -1.02 -10.89
C THR B 393 24.66 -2.41 -11.37
N PHE B 394 25.74 -2.47 -12.14
CA PHE B 394 26.34 -3.74 -12.54
C PHE B 394 27.47 -4.09 -11.57
N VAL B 395 27.49 -5.34 -11.12
CA VAL B 395 28.62 -5.89 -10.37
C VAL B 395 29.17 -7.07 -11.17
N LYS B 396 30.47 -7.04 -11.41
CA LYS B 396 31.11 -8.00 -12.32
C LYS B 396 32.32 -8.63 -11.65
N ASP B 397 32.92 -9.59 -12.36
CA ASP B 397 34.13 -10.29 -11.93
C ASP B 397 33.88 -11.09 -10.65
N PHE B 398 33.14 -12.19 -10.84
CA PHE B 398 32.70 -13.08 -9.78
C PHE B 398 33.74 -14.14 -9.47
N PRO B 399 33.71 -14.72 -8.27
CA PRO B 399 34.61 -15.84 -7.97
C PRO B 399 34.32 -17.04 -8.86
N VAL B 400 35.38 -17.81 -9.14
CA VAL B 400 35.25 -18.95 -10.06
C VAL B 400 34.47 -20.10 -9.43
N GLU B 401 34.42 -20.18 -8.11
CA GLU B 401 33.75 -21.31 -7.47
C GLU B 401 32.24 -21.27 -7.66
N THR B 402 31.65 -20.08 -7.71
CA THR B 402 30.21 -19.93 -7.75
C THR B 402 29.66 -19.70 -9.16
N THR B 403 30.50 -19.75 -10.18
CA THR B 403 30.08 -19.51 -11.57
C THR B 403 30.63 -20.64 -12.44
N PRO B 404 29.97 -21.80 -12.46
CA PRO B 404 30.52 -22.94 -13.19
C PRO B 404 30.45 -22.79 -14.70
N LEU B 405 29.45 -22.06 -15.22
CA LEU B 405 29.25 -21.93 -16.66
C LEU B 405 29.85 -20.65 -17.23
N THR B 406 30.58 -19.89 -16.42
CA THR B 406 31.15 -18.62 -16.85
C THR B 406 32.63 -18.77 -17.12
N ARG B 407 33.08 -18.21 -18.24
CA ARG B 407 34.48 -18.27 -18.62
C ARG B 407 35.34 -17.48 -17.64
N SER B 408 36.57 -17.96 -17.42
CA SER B 408 37.52 -17.23 -16.61
C SER B 408 37.83 -15.88 -17.23
N HIS B 409 38.24 -14.93 -16.40
CA HIS B 409 38.50 -13.58 -16.88
C HIS B 409 39.71 -13.58 -17.81
N ARG B 410 39.66 -12.71 -18.82
CA ARG B 410 40.69 -12.67 -19.85
C ARG B 410 42.04 -12.22 -19.32
N SER B 411 42.07 -11.50 -18.19
CA SER B 411 43.33 -11.00 -17.64
C SER B 411 43.43 -11.03 -16.13
N ILE B 412 42.32 -10.88 -15.40
CA ILE B 412 42.34 -10.89 -13.93
C ILE B 412 42.25 -12.34 -13.47
N PRO B 413 43.22 -12.85 -12.72
CA PRO B 413 43.17 -14.25 -12.29
C PRO B 413 42.18 -14.47 -11.15
N GLY B 414 41.61 -15.67 -11.13
CA GLY B 414 40.72 -16.09 -10.07
C GLY B 414 39.27 -15.65 -10.21
N VAL B 415 38.93 -14.82 -11.19
CA VAL B 415 37.57 -14.34 -11.37
C VAL B 415 37.07 -14.72 -12.76
N THR B 416 35.74 -14.66 -12.91
CA THR B 416 35.07 -14.99 -14.16
C THR B 416 34.33 -13.76 -14.69
N GLU B 417 34.10 -13.76 -16.00
CA GLU B 417 33.46 -12.62 -16.66
C GLU B 417 31.95 -12.76 -16.61
N LYS B 418 31.40 -12.47 -15.43
CA LYS B 418 29.96 -12.46 -15.20
C LYS B 418 29.58 -11.16 -14.54
N TRP B 419 28.54 -10.51 -15.05
CA TRP B 419 27.98 -9.32 -14.41
C TRP B 419 26.58 -9.62 -13.89
N ASP B 420 26.21 -8.91 -12.83
CA ASP B 420 24.89 -9.06 -12.20
C ASP B 420 24.26 -7.68 -12.11
N LEU B 421 23.11 -7.50 -12.74
CA LEU B 421 22.41 -6.22 -12.76
C LEU B 421 21.43 -6.16 -11.59
N TYR B 422 21.66 -5.22 -10.69
CA TYR B 422 20.78 -5.00 -9.53
C TYR B 422 20.05 -3.68 -9.71
N VAL B 423 18.72 -3.73 -9.64
CA VAL B 423 17.86 -2.55 -9.71
C VAL B 423 16.95 -2.57 -8.50
N ARG B 424 17.10 -1.55 -7.64
CA ARG B 424 16.39 -1.46 -6.37
C ARG B 424 16.60 -2.74 -5.55
N ARG B 425 17.88 -2.99 -5.26
CA ARG B 425 18.38 -4.19 -4.58
C ARG B 425 17.64 -5.46 -4.97
N ILE B 426 17.31 -5.58 -6.25
CA ILE B 426 16.72 -6.80 -6.82
C ILE B 426 17.57 -7.23 -8.00
N GLU B 427 18.00 -8.48 -8.00
CA GLU B 427 18.78 -9.02 -9.12
C GLU B 427 17.88 -9.10 -10.35
N LEU B 428 18.07 -8.17 -11.30
CA LEU B 428 17.22 -8.11 -12.47
C LEU B 428 17.73 -8.99 -13.60
N ALA B 429 19.03 -8.93 -13.89
CA ALA B 429 19.58 -9.67 -15.01
C ALA B 429 21.02 -10.07 -14.71
N THR B 430 21.51 -11.03 -15.48
CA THR B 430 22.89 -11.48 -15.39
C THR B 430 23.40 -11.78 -16.79
N GLY B 431 24.73 -11.77 -16.93
CA GLY B 431 25.34 -12.02 -18.22
C GLY B 431 26.73 -12.60 -18.12
N TYR B 432 27.03 -13.60 -18.95
CA TYR B 432 28.32 -14.27 -18.94
C TYR B 432 29.05 -14.05 -20.25
N SER B 433 30.37 -13.99 -20.17
CA SER B 433 31.20 -14.43 -21.28
C SER B 433 31.25 -15.95 -21.21
N GLU B 434 30.63 -16.61 -22.18
CA GLU B 434 30.32 -18.03 -22.02
C GLU B 434 31.58 -18.89 -22.05
N LEU B 435 31.61 -19.91 -21.18
CA LEU B 435 32.69 -20.87 -21.13
C LEU B 435 32.51 -21.88 -22.25
N THR B 436 33.43 -21.88 -23.22
CA THR B 436 33.35 -22.77 -24.36
C THR B 436 34.31 -23.96 -24.28
N ASP B 437 35.32 -23.87 -23.44
CA ASP B 437 36.33 -24.93 -23.31
C ASP B 437 35.71 -26.18 -22.72
N PRO B 438 35.62 -27.28 -23.47
CA PRO B 438 34.99 -28.49 -22.91
C PRO B 438 35.77 -29.11 -21.77
N ILE B 439 37.10 -29.01 -21.78
CA ILE B 439 37.89 -29.59 -20.70
C ILE B 439 37.68 -28.82 -19.41
N ILE B 440 37.76 -27.49 -19.48
CA ILE B 440 37.53 -26.67 -18.29
C ILE B 440 36.10 -26.81 -17.81
N GLN B 441 35.14 -26.88 -18.74
CA GLN B 441 33.74 -27.02 -18.34
C GLN B 441 33.49 -28.33 -17.61
N ARG B 442 34.16 -29.40 -18.04
CA ARG B 442 34.06 -30.67 -17.33
C ARG B 442 34.62 -30.56 -15.92
N GLU B 443 35.70 -29.78 -15.75
CA GLU B 443 36.27 -29.58 -14.42
C GLU B 443 35.29 -28.81 -13.53
N ARG B 444 34.57 -27.85 -14.10
CA ARG B 444 33.58 -27.11 -13.32
C ARG B 444 32.48 -28.03 -12.82
N PHE B 445 32.01 -28.95 -13.67
CA PHE B 445 30.99 -29.90 -13.24
C PHE B 445 31.49 -30.84 -12.17
N GLU B 446 32.73 -31.34 -12.31
CA GLU B 446 33.30 -32.20 -11.28
C GLU B 446 33.44 -31.46 -9.96
N ALA B 447 33.77 -30.17 -10.01
CA ALA B 447 33.81 -29.37 -8.79
C ALA B 447 32.40 -29.18 -8.23
N GLN B 448 31.41 -28.98 -9.11
CA GLN B 448 30.03 -28.88 -8.65
C GLN B 448 29.56 -30.21 -8.05
N ALA B 449 30.04 -31.33 -8.60
CA ALA B 449 29.67 -32.63 -8.04
C ALA B 449 30.27 -32.83 -6.65
N ARG B 450 31.47 -32.30 -6.40
CA ARG B 450 32.05 -32.39 -5.07
C ARG B 450 31.28 -31.52 -4.08
N ALA B 451 30.78 -30.37 -4.55
CA ALA B 451 29.98 -29.51 -3.67
C ALA B 451 28.68 -30.20 -3.26
N ALA B 452 28.06 -30.93 -4.20
CA ALA B 452 26.83 -31.65 -3.87
C ALA B 452 27.10 -32.73 -2.83
N ALA B 453 28.23 -33.44 -2.95
CA ALA B 453 28.59 -34.44 -1.95
C ALA B 453 28.96 -33.82 -0.62
N ALA B 454 29.39 -32.56 -0.61
CA ALA B 454 29.72 -31.86 0.63
C ALA B 454 28.50 -31.28 1.32
N GLY B 455 27.31 -31.40 0.72
CA GLY B 455 26.09 -30.89 1.31
C GLY B 455 25.39 -29.79 0.53
N ASP B 456 26.04 -29.17 -0.44
CA ASP B 456 25.43 -28.10 -1.22
C ASP B 456 24.28 -28.67 -2.05
N ASP B 457 23.06 -28.24 -1.75
CA ASP B 457 21.87 -28.79 -2.41
C ASP B 457 21.62 -28.16 -3.77
N GLU B 458 22.17 -26.98 -4.04
CA GLU B 458 21.92 -26.26 -5.27
C GLU B 458 22.99 -26.49 -6.33
N ALA B 459 23.99 -27.33 -6.05
CA ALA B 459 25.07 -27.55 -6.99
C ALA B 459 24.56 -28.24 -8.25
N MET B 460 25.17 -27.88 -9.39
CA MET B 460 24.77 -28.45 -10.66
C MET B 460 25.26 -29.89 -10.80
N ALA B 461 24.63 -30.63 -11.69
CA ALA B 461 25.01 -32.00 -12.01
C ALA B 461 25.75 -32.02 -13.33
N LEU B 462 26.76 -32.90 -13.43
CA LEU B 462 27.53 -33.02 -14.65
C LEU B 462 26.63 -33.55 -15.78
N ASP B 463 26.60 -32.81 -16.89
CA ASP B 463 25.76 -33.14 -18.03
C ASP B 463 26.65 -33.60 -19.18
N GLU B 464 26.66 -34.91 -19.43
CA GLU B 464 27.51 -35.45 -20.50
C GLU B 464 27.01 -35.02 -21.88
N ASP B 465 25.69 -34.99 -22.07
CA ASP B 465 25.15 -34.59 -23.37
C ASP B 465 25.49 -33.14 -23.69
N PHE B 466 25.58 -32.28 -22.68
CA PHE B 466 25.99 -30.91 -22.92
C PHE B 466 27.49 -30.80 -23.16
N LEU B 467 28.29 -31.58 -22.44
CA LEU B 467 29.74 -31.60 -22.67
C LEU B 467 30.04 -32.10 -24.08
N ALA B 468 29.29 -33.08 -24.56
CA ALA B 468 29.48 -33.58 -25.92
C ALA B 468 29.21 -32.49 -26.96
N ALA B 469 28.25 -31.61 -26.69
CA ALA B 469 27.98 -30.52 -27.63
C ALA B 469 29.12 -29.53 -27.66
N LEU B 470 29.68 -29.19 -26.50
CA LEU B 470 30.81 -28.28 -26.46
C LEU B 470 32.05 -28.87 -27.13
N GLU B 471 32.21 -30.20 -27.06
CA GLU B 471 33.36 -30.83 -27.68
C GLU B 471 33.33 -30.76 -29.20
N TYR B 472 32.15 -30.51 -29.79
CA TYR B 472 32.08 -30.25 -31.22
C TYR B 472 32.49 -28.83 -31.60
N GLY B 473 32.73 -27.97 -30.60
CA GLY B 473 33.16 -26.62 -30.87
C GLY B 473 32.05 -25.59 -30.77
N MET B 474 32.11 -24.75 -29.73
CA MET B 474 31.20 -23.62 -29.59
C MET B 474 31.97 -22.32 -29.73
N PRO B 475 31.53 -21.40 -30.59
CA PRO B 475 32.28 -20.16 -30.76
C PRO B 475 32.25 -19.32 -29.51
N PRO B 476 33.24 -18.46 -29.30
CA PRO B 476 33.18 -17.53 -28.16
C PRO B 476 31.93 -16.67 -28.26
N SER B 477 31.16 -16.62 -27.19
CA SER B 477 29.87 -15.96 -27.21
C SER B 477 29.53 -15.45 -25.81
N THR B 478 28.52 -14.59 -25.76
CA THR B 478 28.02 -14.05 -24.49
C THR B 478 26.53 -14.29 -24.39
N GLY B 479 26.06 -14.57 -23.18
CA GLY B 479 24.67 -14.86 -22.95
C GLY B 479 24.14 -14.09 -21.75
N THR B 480 22.85 -13.76 -21.82
CA THR B 480 22.18 -13.03 -20.75
C THR B 480 21.02 -13.85 -20.22
N GLY B 481 20.61 -13.49 -19.00
CA GLY B 481 19.40 -14.03 -18.40
C GLY B 481 18.70 -12.94 -17.63
N MET B 482 17.37 -12.86 -17.74
CA MET B 482 16.62 -11.80 -17.07
C MET B 482 15.26 -12.32 -16.67
N GLY B 483 14.87 -12.06 -15.42
CA GLY B 483 13.54 -12.41 -14.94
C GLY B 483 12.52 -11.40 -15.40
N ILE B 484 11.56 -11.84 -16.22
CA ILE B 484 10.57 -10.92 -16.78
C ILE B 484 9.62 -10.41 -15.70
N ASP B 485 9.24 -11.28 -14.76
CA ASP B 485 8.40 -10.84 -13.66
C ASP B 485 9.12 -9.81 -12.81
N ARG B 486 10.42 -9.98 -12.60
CA ARG B 486 11.20 -8.98 -11.89
C ARG B 486 11.36 -7.70 -12.71
N LEU B 487 11.33 -7.81 -14.04
CA LEU B 487 11.35 -6.62 -14.88
C LEU B 487 10.07 -5.81 -14.71
N MET B 488 8.92 -6.50 -14.57
CA MET B 488 7.68 -5.80 -14.32
C MET B 488 7.70 -5.09 -12.97
N MET B 489 8.28 -5.75 -11.95
CA MET B 489 8.46 -5.10 -10.66
C MET B 489 9.32 -3.85 -10.79
N THR B 490 10.34 -3.91 -11.65
CA THR B 490 11.19 -2.74 -11.89
C THR B 490 10.40 -1.62 -12.57
N LEU B 491 9.59 -1.97 -13.57
CA LEU B 491 8.91 -0.95 -14.36
C LEU B 491 7.64 -0.44 -13.71
N THR B 492 7.12 -1.13 -12.69
CA THR B 492 5.87 -0.73 -12.06
C THR B 492 5.98 -0.51 -10.56
N GLY B 493 6.91 -1.17 -9.88
CA GLY B 493 6.99 -1.06 -8.44
C GLY B 493 6.01 -1.91 -7.68
N LEU B 494 5.59 -3.03 -8.26
CA LEU B 494 4.62 -3.92 -7.65
C LEU B 494 5.28 -5.23 -7.25
N SER B 495 4.59 -6.00 -6.41
CA SER B 495 5.07 -7.30 -6.03
C SER B 495 4.97 -8.28 -7.20
N ILE B 496 5.65 -9.42 -7.06
CA ILE B 496 5.68 -10.40 -8.15
C ILE B 496 4.32 -11.04 -8.37
N ARG B 497 3.44 -11.04 -7.37
CA ARG B 497 2.12 -11.62 -7.51
C ARG B 497 1.14 -10.72 -8.26
N GLU B 498 1.43 -9.42 -8.33
CA GLU B 498 0.56 -8.48 -9.03
C GLU B 498 0.87 -8.35 -10.51
N THR B 499 2.01 -8.89 -10.96
CA THR B 499 2.38 -8.81 -12.37
C THR B 499 1.92 -10.00 -13.18
N VAL B 500 1.51 -11.09 -12.53
CA VAL B 500 1.04 -12.29 -13.21
C VAL B 500 -0.48 -12.32 -13.15
N LEU B 501 -1.11 -12.71 -14.26
CA LEU B 501 -2.56 -12.76 -14.33
C LEU B 501 -3.13 -13.76 -13.31
N PHE B 502 -2.68 -15.01 -13.38
CA PHE B 502 -3.19 -16.07 -12.50
C PHE B 502 -2.03 -16.75 -11.80
N PRO B 503 -1.54 -16.16 -10.70
CA PRO B 503 -0.52 -16.84 -9.89
C PRO B 503 -1.15 -17.85 -8.96
N ILE B 504 -0.60 -19.06 -8.93
CA ILE B 504 -1.12 -20.11 -8.07
C ILE B 504 -0.87 -19.75 -6.62
N VAL B 505 -1.87 -19.97 -5.77
CA VAL B 505 -1.78 -19.62 -4.35
C VAL B 505 -2.40 -20.74 -3.53
N LYS B 506 -1.93 -20.87 -2.29
CA LYS B 506 -2.43 -21.88 -1.37
C LYS B 506 -3.71 -21.39 -0.71
N LEU C 19 24.10 -4.81 13.63
CA LEU C 19 23.61 -3.72 14.47
C LEU C 19 24.46 -3.50 15.74
N PRO C 20 24.83 -4.56 16.46
CA PRO C 20 25.73 -4.34 17.61
C PRO C 20 27.10 -3.84 17.21
N GLU C 21 27.66 -4.36 16.10
CA GLU C 21 28.96 -3.87 15.65
C GLU C 21 28.90 -2.41 15.26
N GLN C 22 27.82 -2.00 14.57
CA GLN C 22 27.59 -0.58 14.32
C GLN C 22 27.47 0.20 15.62
N PHE C 23 26.89 -0.42 16.65
CA PHE C 23 26.69 0.29 17.92
C PHE C 23 28.02 0.48 18.65
N ARG C 24 28.83 -0.56 18.73
CA ARG C 24 30.13 -0.44 19.41
C ARG C 24 31.03 0.57 18.71
N ILE C 25 31.03 0.55 17.38
CA ILE C 25 31.87 1.49 16.63
C ILE C 25 31.41 2.93 16.88
N ARG C 26 30.09 3.16 16.87
CA ARG C 26 29.57 4.49 17.16
C ARG C 26 29.80 4.88 18.61
N GLN C 27 29.75 3.90 19.53
CA GLN C 27 30.07 4.20 20.93
C GLN C 27 31.53 4.62 21.07
N ALA C 28 32.44 3.94 20.37
CA ALA C 28 33.86 4.27 20.48
C ALA C 28 34.15 5.66 19.92
N LYS C 29 33.49 6.04 18.82
CA LYS C 29 33.68 7.37 18.29
C LYS C 29 33.16 8.44 19.25
N ARG C 30 32.09 8.13 19.99
CA ARG C 30 31.59 9.07 20.99
C ARG C 30 32.56 9.19 22.16
N ALA C 31 33.05 8.05 22.66
CA ALA C 31 34.00 8.08 23.77
C ALA C 31 35.31 8.72 23.37
N ASP C 32 35.73 8.56 22.12
CA ASP C 32 36.99 9.15 21.67
C ASP C 32 36.85 10.67 21.54
N LEU C 33 35.71 11.15 21.04
CA LEU C 33 35.48 12.58 20.94
C LEU C 33 35.51 13.24 22.32
N LEU C 34 34.94 12.59 23.33
CA LEU C 34 34.88 13.18 24.66
C LEU C 34 36.24 13.17 25.33
N ALA C 35 37.08 12.18 25.03
CA ALA C 35 38.42 12.10 25.62
C ALA C 35 39.37 13.13 25.03
N GLN C 36 39.15 13.55 23.79
CA GLN C 36 40.00 14.54 23.14
C GLN C 36 39.57 15.97 23.43
N GLY C 37 38.60 16.16 24.33
CA GLY C 37 38.10 17.48 24.64
C GLY C 37 36.92 17.94 23.80
N ARG C 38 36.65 17.29 22.67
CA ARG C 38 35.52 17.65 21.85
C ARG C 38 34.21 17.23 22.52
N GLN C 39 33.13 17.91 22.14
CA GLN C 39 31.82 17.64 22.71
C GLN C 39 30.93 16.92 21.70
N PRO C 40 30.72 15.61 21.84
CA PRO C 40 29.79 14.92 20.94
C PRO C 40 28.34 15.32 21.15
N TYR C 41 28.02 15.92 22.28
CA TYR C 41 26.67 16.41 22.57
C TYR C 41 26.79 17.79 23.21
N PRO C 42 27.19 18.80 22.45
CA PRO C 42 27.41 20.13 23.02
C PRO C 42 26.11 20.77 23.45
N VAL C 43 26.25 21.81 24.28
CA VAL C 43 25.05 22.51 24.78
C VAL C 43 24.43 23.36 23.68
N ASP C 44 25.24 23.82 22.73
CA ASP C 44 24.73 24.61 21.61
C ASP C 44 25.78 24.63 20.52
N VAL C 45 25.39 25.15 19.36
CA VAL C 45 26.28 25.33 18.21
C VAL C 45 25.99 26.67 17.56
N PRO C 46 27.00 27.37 17.04
CA PRO C 46 26.74 28.68 16.42
C PRO C 46 25.95 28.59 15.13
N ARG C 47 24.71 28.12 15.24
CA ARG C 47 23.83 27.95 14.09
C ARG C 47 23.15 29.27 13.75
N THR C 48 23.30 29.71 12.50
CA THR C 48 22.79 31.01 12.08
C THR C 48 21.66 30.93 11.06
N HIS C 49 21.66 29.92 10.19
CA HIS C 49 20.65 29.79 9.15
C HIS C 49 20.07 28.39 9.16
N THR C 50 18.81 28.29 8.75
CA THR C 50 18.20 27.00 8.49
C THR C 50 18.45 26.60 7.04
N LEU C 51 18.36 25.29 6.78
CA LEU C 51 18.53 24.82 5.42
C LEU C 51 17.45 25.36 4.50
N LEU C 52 16.25 25.63 5.04
CA LEU C 52 15.18 26.18 4.23
C LEU C 52 15.46 27.63 3.84
N GLU C 53 16.09 28.40 4.73
CA GLU C 53 16.42 29.79 4.40
C GLU C 53 17.35 29.86 3.20
N ILE C 54 18.35 28.98 3.14
CA ILE C 54 19.34 29.03 2.06
C ILE C 54 18.70 28.63 0.73
N ARG C 55 17.86 27.60 0.74
CA ARG C 55 17.21 27.18 -0.50
C ARG C 55 16.23 28.24 -0.99
N GLN C 56 15.54 28.92 -0.08
CA GLN C 56 14.64 30.00 -0.47
C GLN C 56 15.40 31.23 -0.93
N ALA C 57 16.60 31.46 -0.40
CA ALA C 57 17.36 32.64 -0.75
C ALA C 57 18.06 32.49 -2.10
N TYR C 58 18.36 31.26 -2.51
CA TYR C 58 19.08 30.98 -3.75
C TYR C 58 18.32 29.91 -4.53
N PRO C 59 17.24 30.30 -5.21
CA PRO C 59 16.45 29.28 -5.94
C PRO C 59 17.18 28.73 -7.15
N ASP C 60 17.85 29.59 -7.94
CA ASP C 60 18.50 29.16 -9.19
C ASP C 60 19.82 29.91 -9.35
N LEU C 61 20.84 29.47 -8.62
CA LEU C 61 22.18 29.99 -8.86
C LEU C 61 22.78 29.29 -10.08
N PRO C 62 23.63 29.99 -10.83
CA PRO C 62 24.26 29.36 -11.99
C PRO C 62 25.17 28.20 -11.56
N VAL C 63 25.48 27.34 -12.54
CA VAL C 63 26.33 26.19 -12.27
C VAL C 63 27.70 26.67 -11.81
N ASP C 64 28.15 26.13 -10.68
CA ASP C 64 29.42 26.51 -10.06
C ASP C 64 29.45 28.01 -9.76
N ALA C 65 28.80 28.40 -8.67
CA ALA C 65 28.70 29.81 -8.29
C ALA C 65 29.21 30.01 -6.87
N ARG C 66 29.74 31.20 -6.61
CA ARG C 66 30.26 31.59 -5.30
C ARG C 66 29.48 32.81 -4.82
N THR C 67 28.76 32.66 -3.72
CA THR C 67 27.92 33.72 -3.20
C THR C 67 28.62 34.63 -2.20
N GLY C 68 29.55 34.07 -1.41
CA GLY C 68 30.20 34.80 -0.35
C GLY C 68 29.41 34.88 0.93
N GLU C 69 28.17 34.42 0.95
CA GLU C 69 27.38 34.42 2.17
C GLU C 69 27.86 33.31 3.11
N ILE C 70 28.40 33.71 4.26
CA ILE C 70 28.92 32.76 5.23
C ILE C 70 27.79 32.37 6.18
N VAL C 71 27.53 31.07 6.28
CA VAL C 71 26.44 30.55 7.09
C VAL C 71 26.96 29.44 7.99
N GLY C 72 26.24 29.20 9.08
CA GLY C 72 26.48 28.07 9.95
C GLY C 72 25.22 27.26 10.15
N VAL C 73 25.17 26.06 9.59
CA VAL C 73 23.94 25.28 9.53
C VAL C 73 24.14 23.97 10.26
N THR C 74 23.01 23.34 10.58
CA THR C 74 22.98 22.02 11.21
C THR C 74 22.06 21.11 10.41
N GLY C 75 22.17 19.81 10.68
CA GLY C 75 21.34 18.84 10.00
C GLY C 75 21.80 17.41 10.16
N ARG C 76 20.87 16.47 10.08
CA ARG C 76 21.20 15.05 10.20
C ARG C 76 21.79 14.54 8.89
N VAL C 77 22.92 13.85 8.99
CA VAL C 77 23.58 13.32 7.80
C VAL C 77 22.75 12.15 7.28
N VAL C 78 22.13 12.33 6.11
CA VAL C 78 21.32 11.28 5.49
C VAL C 78 22.06 10.56 4.38
N PHE C 79 23.18 11.08 3.90
CA PHE C 79 23.95 10.46 2.84
C PHE C 79 25.37 10.99 2.90
N ALA C 80 26.32 10.16 2.48
CA ALA C 80 27.73 10.54 2.46
C ALA C 80 28.42 9.85 1.30
N ARG C 81 29.36 10.56 0.68
CA ARG C 81 30.14 10.02 -0.43
C ARG C 81 31.53 10.64 -0.36
N ASN C 82 32.48 9.90 0.22
CA ASN C 82 33.83 10.40 0.45
C ASN C 82 34.72 10.07 -0.75
N SER C 83 35.38 11.10 -1.28
CA SER C 83 36.36 10.95 -2.34
C SER C 83 37.75 11.19 -1.76
N GLY C 84 38.71 11.51 -2.64
CA GLY C 84 40.09 11.73 -2.22
C GLY C 84 40.23 12.90 -1.25
N LYS C 85 40.24 14.11 -1.78
CA LYS C 85 40.36 15.32 -0.98
C LYS C 85 39.04 16.06 -0.82
N LEU C 86 37.93 15.40 -1.12
CA LEU C 86 36.61 16.03 -1.10
C LEU C 86 35.59 15.02 -0.58
N CYS C 87 34.80 15.43 0.41
CA CYS C 87 33.77 14.58 0.99
C CYS C 87 32.39 15.21 0.77
N PHE C 88 31.43 14.40 0.37
CA PHE C 88 30.06 14.82 0.18
C PHE C 88 29.19 14.34 1.33
N ALA C 89 28.20 15.16 1.70
CA ALA C 89 27.29 14.82 2.77
C ALA C 89 25.99 15.57 2.57
N THR C 90 24.87 14.85 2.61
CA THR C 90 23.54 15.42 2.44
C THR C 90 22.94 15.64 3.82
N LEU C 91 22.92 16.89 4.26
CA LEU C 91 22.30 17.23 5.53
C LEU C 91 20.78 17.32 5.36
N GLN C 92 20.06 17.10 6.45
CA GLN C 92 18.61 17.18 6.43
C GLN C 92 18.12 17.71 7.77
N GLU C 93 17.46 18.86 7.76
CA GLU C 93 16.94 19.43 8.99
C GLU C 93 15.58 18.82 9.34
N GLY C 94 14.83 19.49 10.21
CA GLY C 94 13.62 18.92 10.76
C GLY C 94 12.54 18.57 9.77
N ASP C 95 12.07 19.56 9.01
CA ASP C 95 10.95 19.35 8.09
C ASP C 95 11.34 18.60 6.82
N GLY C 96 12.54 18.04 6.75
CA GLY C 96 12.97 17.28 5.60
C GLY C 96 13.77 18.05 4.57
N THR C 97 13.88 19.38 4.73
CA THR C 97 14.68 20.17 3.80
C THR C 97 16.13 19.71 3.84
N GLN C 98 16.72 19.51 2.66
CA GLN C 98 18.07 18.97 2.55
C GLN C 98 19.01 19.99 1.95
N LEU C 99 20.29 19.81 2.25
CA LEU C 99 21.34 20.68 1.73
C LEU C 99 22.66 19.91 1.76
N GLN C 100 23.40 19.98 0.65
CA GLN C 100 24.65 19.24 0.55
C GLN C 100 25.75 19.92 1.35
N ALA C 101 26.61 19.12 1.98
CA ALA C 101 27.74 19.60 2.76
C ALA C 101 29.01 19.10 2.09
N MET C 102 29.76 20.01 1.46
CA MET C 102 30.99 19.68 0.76
C MET C 102 32.17 19.97 1.68
N ILE C 103 32.94 18.92 1.99
CA ILE C 103 34.12 19.02 2.84
C ILE C 103 35.33 18.71 1.99
N SER C 104 36.12 19.72 1.68
CA SER C 104 37.30 19.59 0.84
C SER C 104 38.55 19.91 1.63
N LEU C 105 39.66 19.28 1.22
CA LEU C 105 40.93 19.44 1.93
C LEU C 105 41.38 20.89 1.93
N ALA C 106 41.30 21.56 0.79
CA ALA C 106 41.83 22.91 0.67
C ALA C 106 41.04 23.93 1.48
N GLU C 107 39.84 23.57 1.96
CA GLU C 107 39.00 24.51 2.68
C GLU C 107 38.86 24.22 4.15
N VAL C 108 38.92 22.95 4.56
CA VAL C 108 38.80 22.61 5.97
C VAL C 108 40.14 22.25 6.62
N GLY C 109 41.16 21.95 5.82
CA GLY C 109 42.43 21.52 6.36
C GLY C 109 42.52 20.02 6.52
N GLN C 110 43.75 19.53 6.65
CA GLN C 110 43.97 18.08 6.71
C GLN C 110 43.39 17.48 7.99
N GLU C 111 43.59 18.14 9.14
CA GLU C 111 43.12 17.58 10.40
C GLU C 111 41.60 17.53 10.47
N ALA C 112 40.94 18.60 10.00
CA ALA C 112 39.48 18.60 10.00
C ALA C 112 38.92 17.63 8.98
N LEU C 113 39.60 17.47 7.84
CA LEU C 113 39.15 16.49 6.84
C LEU C 113 39.26 15.07 7.39
N ASP C 114 40.36 14.77 8.09
CA ASP C 114 40.53 13.45 8.69
C ASP C 114 39.52 13.23 9.81
N ASN C 115 39.21 14.27 10.58
CA ASN C 115 38.23 14.13 11.65
C ASN C 115 36.82 13.90 11.10
N TRP C 116 36.51 14.48 9.94
CA TRP C 116 35.22 14.22 9.31
C TRP C 116 35.11 12.76 8.87
N LYS C 117 36.17 12.23 8.24
CA LYS C 117 36.15 10.84 7.80
C LYS C 117 36.21 9.87 8.96
N THR C 118 36.59 10.33 10.16
CA THR C 118 36.77 9.44 11.30
C THR C 118 35.52 9.33 12.16
N TYR C 119 34.84 10.44 12.43
CA TYR C 119 33.77 10.47 13.42
C TYR C 119 32.37 10.59 12.82
N VAL C 120 32.23 11.17 11.63
CA VAL C 120 30.91 11.43 11.08
C VAL C 120 30.35 10.14 10.48
N ASP C 121 29.13 9.80 10.87
CA ASP C 121 28.42 8.64 10.36
C ASP C 121 27.04 9.06 9.87
N ILE C 122 26.39 8.16 9.14
CA ILE C 122 25.03 8.40 8.68
C ILE C 122 24.09 8.40 9.88
N GLY C 123 23.28 9.46 9.98
CA GLY C 123 22.37 9.62 11.09
C GLY C 123 22.86 10.59 12.16
N ASP C 124 24.14 10.92 12.15
CA ASP C 124 24.67 11.89 13.11
C ASP C 124 24.15 13.28 12.78
N ILE C 125 24.01 14.09 13.82
CA ILE C 125 23.67 15.51 13.69
C ILE C 125 24.98 16.29 13.79
N VAL C 126 25.28 17.08 12.76
CA VAL C 126 26.56 17.79 12.68
C VAL C 126 26.30 19.26 12.39
N PHE C 127 27.24 20.10 12.81
CA PHE C 127 27.24 21.51 12.49
C PHE C 127 28.29 21.78 11.42
N VAL C 128 27.92 22.54 10.40
CA VAL C 128 28.80 22.86 9.28
C VAL C 128 28.86 24.36 9.11
N HIS C 129 30.07 24.90 9.02
CA HIS C 129 30.32 26.32 8.86
C HIS C 129 31.06 26.54 7.54
N GLY C 130 30.45 27.27 6.63
CA GLY C 130 31.08 27.49 5.35
C GLY C 130 30.34 28.51 4.51
N GLU C 131 30.57 28.44 3.20
CA GLU C 131 30.03 29.38 2.23
C GLU C 131 29.01 28.70 1.35
N VAL C 132 27.92 29.40 1.06
CA VAL C 132 26.87 28.87 0.18
C VAL C 132 27.35 28.93 -1.26
N ILE C 133 27.48 27.76 -1.90
CA ILE C 133 27.96 27.66 -3.26
C ILE C 133 27.11 26.64 -4.01
N THR C 134 27.34 26.56 -5.31
CA THR C 134 26.83 25.49 -6.16
C THR C 134 28.00 24.70 -6.73
N SER C 135 27.87 23.37 -6.74
CA SER C 135 28.96 22.51 -7.15
C SER C 135 29.14 22.55 -8.67
N LYS C 136 30.07 21.72 -9.15
CA LYS C 136 30.28 21.62 -10.60
C LYS C 136 29.06 21.03 -11.30
N ARG C 137 28.29 20.20 -10.60
CA ARG C 137 27.07 19.61 -11.15
C ARG C 137 25.85 20.48 -10.91
N GLY C 138 26.00 21.64 -10.27
CA GLY C 138 24.88 22.51 -10.01
C GLY C 138 24.09 22.19 -8.77
N GLU C 139 24.73 21.63 -7.75
CA GLU C 139 24.07 21.25 -6.50
C GLU C 139 24.31 22.33 -5.46
N LEU C 140 23.23 22.91 -4.95
CA LEU C 140 23.34 23.89 -3.88
C LEU C 140 23.93 23.24 -2.64
N SER C 141 25.04 23.81 -2.14
CA SER C 141 25.77 23.19 -1.06
C SER C 141 26.50 24.26 -0.26
N VAL C 142 27.10 23.83 0.85
CA VAL C 142 27.85 24.70 1.74
C VAL C 142 29.32 24.27 1.66
N LEU C 143 30.15 25.12 1.05
CA LEU C 143 31.59 24.89 1.00
C LEU C 143 32.16 25.10 2.40
N ALA C 144 32.32 24.01 3.14
CA ALA C 144 32.65 24.11 4.56
C ALA C 144 34.11 24.52 4.74
N ASP C 145 34.35 25.31 5.80
CA ASP C 145 35.70 25.58 6.27
C ASP C 145 35.97 24.98 7.64
N SER C 146 34.93 24.60 8.38
CA SER C 146 35.05 23.95 9.68
C SER C 146 33.77 23.17 9.94
N TRP C 147 33.82 22.29 10.94
CA TRP C 147 32.64 21.50 11.29
C TRP C 147 32.73 21.13 12.76
N GLN C 148 31.61 20.63 13.28
CA GLN C 148 31.50 20.27 14.69
C GLN C 148 30.38 19.26 14.85
N MET C 149 30.57 18.32 15.77
CA MET C 149 29.55 17.32 16.06
C MET C 149 28.47 17.91 16.95
N ALA C 150 27.21 17.70 16.58
CA ALA C 150 26.08 18.16 17.38
C ALA C 150 25.40 17.04 18.15
N ALA C 151 25.30 15.85 17.56
CA ALA C 151 24.72 14.70 18.25
C ALA C 151 25.25 13.44 17.61
N LYS C 152 26.07 12.69 18.34
CA LYS C 152 26.62 11.43 17.85
C LYS C 152 25.56 10.34 17.97
N ALA C 153 25.00 9.92 16.84
CA ALA C 153 23.98 8.88 16.85
C ALA C 153 24.64 7.53 17.08
N LEU C 154 24.18 6.82 18.11
CA LEU C 154 24.72 5.50 18.43
C LEU C 154 24.05 4.37 17.66
N ARG C 155 22.87 4.61 17.09
CA ARG C 155 22.20 3.64 16.25
C ARG C 155 22.10 4.16 14.82
N PRO C 156 22.39 3.33 13.82
CA PRO C 156 22.32 3.80 12.44
C PRO C 156 20.88 3.88 11.94
N LEU C 157 20.66 4.81 11.03
CA LEU C 157 19.38 4.90 10.35
C LEU C 157 19.17 3.69 9.46
N PRO C 158 17.92 3.35 9.14
CA PRO C 158 17.66 2.24 8.22
C PRO C 158 18.32 2.47 6.87
N VAL C 159 18.50 1.38 6.12
CA VAL C 159 19.13 1.46 4.81
C VAL C 159 18.30 2.38 3.92
N ALA C 160 18.99 3.15 3.08
CA ALA C 160 18.32 4.11 2.22
C ALA C 160 17.36 3.40 1.27
N HIS C 161 16.13 3.94 1.18
CA HIS C 161 15.09 3.40 0.31
C HIS C 161 14.76 1.96 0.68
N LYS C 162 14.55 1.73 1.97
CA LYS C 162 14.12 0.43 2.50
C LYS C 162 12.81 0.65 3.23
N GLU C 163 11.74 0.08 2.70
CA GLU C 163 10.40 0.31 3.26
C GLU C 163 10.31 -0.30 4.66
N MET C 164 9.98 0.53 5.64
CA MET C 164 9.79 0.06 7.01
C MET C 164 8.41 -0.57 7.16
N SER C 165 8.33 -1.63 7.94
CA SER C 165 7.06 -2.29 8.17
C SER C 165 6.12 -1.40 8.97
N GLU C 166 4.82 -1.68 8.85
CA GLU C 166 3.82 -0.93 9.60
C GLU C 166 4.00 -1.06 11.10
N GLU C 167 4.43 -2.24 11.58
CA GLU C 167 4.65 -2.41 13.00
C GLU C 167 5.84 -1.58 13.48
N SER C 168 6.89 -1.48 12.66
CA SER C 168 8.06 -0.76 13.12
C SER C 168 7.86 0.75 13.02
N ARG C 169 6.97 1.20 12.13
CA ARG C 169 6.65 2.62 12.03
C ARG C 169 6.05 3.14 13.33
N VAL C 170 5.23 2.33 13.99
CA VAL C 170 4.61 2.76 15.24
C VAL C 170 5.60 2.65 16.40
N ARG C 171 6.38 1.56 16.44
CA ARG C 171 7.32 1.38 17.53
C ARG C 171 8.45 2.40 17.49
N GLN C 172 8.78 2.91 16.30
CA GLN C 172 9.83 3.91 16.13
C GLN C 172 9.31 5.02 15.22
N ARG C 173 8.39 5.83 15.75
CA ARG C 173 7.86 6.94 14.98
C ARG C 173 8.94 7.98 14.69
N TYR C 174 9.83 8.21 15.66
CA TYR C 174 10.91 9.16 15.45
C TYR C 174 11.80 8.76 14.28
N VAL C 175 11.99 7.46 14.08
CA VAL C 175 12.71 7.00 12.88
C VAL C 175 11.84 7.18 11.65
N ASP C 176 10.54 6.92 11.77
CA ASP C 176 9.64 7.03 10.62
C ASP C 176 9.58 8.46 10.11
N LEU C 177 9.57 9.44 11.02
CA LEU C 177 9.54 10.84 10.61
C LEU C 177 10.82 11.27 9.92
N ILE C 178 11.94 10.57 10.16
CA ILE C 178 13.21 10.97 9.57
C ILE C 178 13.32 10.50 8.13
N VAL C 179 12.90 9.27 7.85
CA VAL C 179 13.15 8.66 6.55
C VAL C 179 11.98 8.77 5.58
N ARG C 180 10.75 8.95 6.07
CA ARG C 180 9.56 8.95 5.23
C ARG C 180 8.93 10.34 5.26
N ASP C 181 8.87 10.99 4.10
CA ASP C 181 8.29 12.32 4.02
C ASP C 181 6.79 12.30 4.27
N GLN C 182 6.12 11.20 3.87
CA GLN C 182 4.69 11.09 4.14
C GLN C 182 4.39 11.07 5.62
N ALA C 183 5.32 10.57 6.44
CA ALA C 183 5.14 10.61 7.89
C ALA C 183 5.12 12.05 8.40
N ARG C 184 5.96 12.92 7.82
CA ARG C 184 6.00 14.31 8.25
C ARG C 184 4.78 15.07 7.76
N LYS C 185 4.34 14.80 6.54
CA LYS C 185 3.17 15.51 6.01
C LYS C 185 1.91 15.17 6.79
N VAL C 186 1.71 13.89 7.13
CA VAL C 186 0.52 13.50 7.86
C VAL C 186 0.55 14.04 9.28
N ALA C 187 1.72 14.01 9.92
CA ALA C 187 1.82 14.52 11.29
C ALA C 187 1.50 16.01 11.35
N ARG C 188 1.96 16.78 10.36
CA ARG C 188 1.67 18.20 10.33
C ARG C 188 0.27 18.51 9.84
N GLN C 189 -0.37 17.58 9.11
CA GLN C 189 -1.77 17.78 8.72
C GLN C 189 -2.68 17.75 9.94
N ARG C 190 -2.46 16.79 10.85
CA ARG C 190 -3.28 16.71 12.05
C ARG C 190 -3.10 17.94 12.94
N ILE C 191 -1.88 18.47 12.99
CA ILE C 191 -1.65 19.72 13.72
C ILE C 191 -2.46 20.85 13.11
N ALA C 192 -2.50 20.91 11.77
CA ALA C 192 -3.31 21.92 11.10
C ALA C 192 -4.80 21.67 11.29
N VAL C 193 -5.21 20.40 11.37
CA VAL C 193 -6.62 20.09 11.58
C VAL C 193 -7.08 20.59 12.95
N MET C 194 -6.30 20.31 13.99
CA MET C 194 -6.64 20.78 15.33
C MET C 194 -6.72 22.30 15.37
N ARG C 195 -5.77 22.98 14.73
CA ARG C 195 -5.81 24.44 14.70
C ARG C 195 -6.97 24.95 13.87
N ALA C 196 -7.34 24.24 12.80
CA ALA C 196 -8.46 24.66 11.98
C ALA C 196 -9.78 24.46 12.70
N ILE C 197 -9.91 23.37 13.45
CA ILE C 197 -11.13 23.12 14.22
C ILE C 197 -11.32 24.21 15.27
N ARG C 198 -10.26 24.53 16.00
CA ARG C 198 -10.36 25.56 17.05
C ARG C 198 -10.65 26.93 16.44
N SER C 199 -10.02 27.26 15.32
CA SER C 199 -10.25 28.55 14.70
C SER C 199 -11.67 28.65 14.13
N ALA C 200 -12.18 27.56 13.58
CA ALA C 200 -13.51 27.59 12.98
C ALA C 200 -14.61 27.67 14.04
N LEU C 201 -14.39 27.08 15.21
CA LEU C 201 -15.37 27.18 16.29
C LEU C 201 -15.25 28.49 17.06
N GLU C 202 -14.05 29.04 17.17
CA GLU C 202 -13.89 30.32 17.83
C GLU C 202 -14.54 31.45 17.04
N ARG C 203 -14.48 31.39 15.71
CA ARG C 203 -15.12 32.40 14.89
C ARG C 203 -16.64 32.27 14.88
N ARG C 204 -17.18 31.19 15.43
CA ARG C 204 -18.62 31.01 15.56
C ARG C 204 -19.11 31.29 16.98
N GLY C 205 -18.28 31.89 17.83
CA GLY C 205 -18.66 32.24 19.17
C GLY C 205 -18.47 31.17 20.22
N PHE C 206 -18.02 29.97 19.83
CA PHE C 206 -17.86 28.89 20.79
C PHE C 206 -16.64 29.12 21.67
N LEU C 207 -16.73 28.64 22.91
CA LEU C 207 -15.64 28.71 23.87
C LEU C 207 -15.14 27.31 24.19
N GLU C 208 -13.83 27.15 24.26
CA GLU C 208 -13.22 25.88 24.60
C GLU C 208 -13.09 25.77 26.12
N VAL C 209 -13.65 24.69 26.69
CA VAL C 209 -13.59 24.47 28.12
C VAL C 209 -12.92 23.13 28.40
N GLU C 210 -12.74 22.82 29.68
CA GLU C 210 -12.05 21.60 30.11
C GLU C 210 -12.92 20.89 31.14
N THR C 211 -13.35 19.68 30.81
CA THR C 211 -14.07 18.82 31.73
C THR C 211 -13.17 17.68 32.20
N PRO C 212 -13.36 17.19 33.43
CA PRO C 212 -12.40 16.22 33.98
C PRO C 212 -12.43 14.90 33.22
N MET C 213 -11.24 14.29 33.12
CA MET C 213 -11.11 12.97 32.51
C MET C 213 -11.22 11.84 33.53
N LEU C 214 -10.99 12.12 34.80
CA LEU C 214 -11.22 11.16 35.88
C LEU C 214 -12.58 11.43 36.48
N GLN C 215 -13.55 10.59 36.17
CA GLN C 215 -14.93 10.75 36.60
C GLN C 215 -15.32 9.62 37.53
N THR C 216 -16.15 9.95 38.54
CA THR C 216 -16.65 8.92 39.45
C THR C 216 -17.64 7.99 38.77
N LEU C 217 -18.23 8.41 37.65
CA LEU C 217 -19.17 7.57 36.91
C LEU C 217 -19.03 7.91 35.43
N ALA C 218 -18.60 6.93 34.64
CA ALA C 218 -18.38 7.14 33.22
C ALA C 218 -19.71 7.09 32.47
N GLY C 219 -20.08 8.22 31.86
CA GLY C 219 -21.32 8.29 31.10
C GLY C 219 -21.16 9.05 29.79
N GLY C 220 -22.28 9.38 29.16
CA GLY C 220 -22.27 10.11 27.91
C GLY C 220 -22.05 9.27 26.67
N ALA C 221 -21.80 7.98 26.81
CA ALA C 221 -21.59 7.10 25.67
C ALA C 221 -21.85 5.66 26.11
N ALA C 222 -21.72 4.73 25.17
CA ALA C 222 -21.98 3.31 25.40
C ALA C 222 -20.67 2.56 25.17
N ALA C 223 -19.88 2.42 26.23
CA ALA C 223 -18.62 1.69 26.15
C ALA C 223 -18.16 1.37 27.56
N ARG C 224 -17.31 0.33 27.66
CA ARG C 224 -16.71 -0.02 28.93
C ARG C 224 -15.57 0.95 29.26
N PRO C 225 -15.49 1.42 30.50
CA PRO C 225 -14.49 2.42 30.86
C PRO C 225 -13.22 1.80 31.43
N PHE C 226 -12.18 2.63 31.52
CA PHE C 226 -10.96 2.29 32.24
C PHE C 226 -11.14 2.63 33.71
N VAL C 227 -10.70 1.71 34.58
CA VAL C 227 -10.83 1.86 36.02
C VAL C 227 -9.45 2.05 36.63
N THR C 228 -9.33 3.02 37.53
CA THR C 228 -8.07 3.28 38.22
C THR C 228 -8.37 3.63 39.67
N HIS C 229 -7.36 3.44 40.52
CA HIS C 229 -7.48 3.72 41.94
C HIS C 229 -6.86 5.08 42.26
N SER C 230 -7.59 5.89 43.02
CA SER C 230 -7.12 7.21 43.42
C SER C 230 -6.63 7.14 44.86
N ASN C 231 -5.34 7.45 45.06
CA ASN C 231 -4.80 7.45 46.42
C ASN C 231 -5.32 8.63 47.24
N ALA C 232 -5.71 9.71 46.57
CA ALA C 232 -6.21 10.88 47.30
C ALA C 232 -7.63 10.67 47.81
N LEU C 233 -8.50 10.09 46.98
CA LEU C 233 -9.89 9.87 47.36
C LEU C 233 -10.14 8.48 47.92
N ASP C 234 -9.16 7.57 47.83
CA ASP C 234 -9.28 6.20 48.33
C ASP C 234 -10.50 5.49 47.73
N THR C 235 -10.70 5.68 46.42
CA THR C 235 -11.81 5.05 45.73
C THR C 235 -11.43 4.85 44.27
N GLU C 236 -12.13 3.94 43.61
CA GLU C 236 -11.88 3.65 42.21
C GLU C 236 -12.52 4.72 41.33
N LEU C 237 -11.71 5.35 40.49
CA LEU C 237 -12.18 6.35 39.54
C LEU C 237 -12.18 5.75 38.13
N TYR C 238 -12.91 6.41 37.24
CA TYR C 238 -13.09 5.93 35.87
C TYR C 238 -12.61 6.99 34.88
N LEU C 239 -11.84 6.57 33.89
CA LEU C 239 -11.50 7.46 32.79
C LEU C 239 -12.74 7.72 31.95
N ARG C 240 -12.92 8.98 31.54
CA ARG C 240 -14.13 9.37 30.85
C ARG C 240 -14.21 8.69 29.49
N ILE C 241 -15.42 8.24 29.14
CA ILE C 241 -15.69 7.76 27.79
C ILE C 241 -16.31 8.84 26.91
N ALA C 242 -16.76 9.94 27.50
CA ALA C 242 -17.35 11.07 26.80
C ALA C 242 -17.47 12.25 27.77
N PRO C 243 -17.33 13.48 27.29
CA PRO C 243 -17.52 14.64 28.18
C PRO C 243 -18.94 15.20 28.12
N GLU C 244 -19.88 14.40 27.64
CA GLU C 244 -21.23 14.90 27.35
C GLU C 244 -21.92 15.42 28.60
N LEU C 245 -21.97 14.60 29.66
CA LEU C 245 -22.73 14.97 30.84
C LEU C 245 -22.15 16.19 31.53
N PHE C 246 -20.83 16.39 31.45
CA PHE C 246 -20.22 17.57 32.05
C PHE C 246 -20.34 18.78 31.15
N LEU C 247 -20.29 18.60 29.82
CA LEU C 247 -20.57 19.71 28.92
C LEU C 247 -22.02 20.13 29.00
N LYS C 248 -22.92 19.21 29.36
CA LYS C 248 -24.31 19.58 29.59
C LYS C 248 -24.46 20.42 30.85
N ARG C 249 -23.63 20.17 31.87
CA ARG C 249 -23.62 21.03 33.04
C ARG C 249 -23.24 22.46 32.69
N CYS C 250 -22.39 22.64 31.67
CA CYS C 250 -22.03 23.99 31.24
C CYS C 250 -23.22 24.71 30.63
N LEU C 251 -24.09 23.98 29.92
CA LEU C 251 -25.31 24.59 29.38
C LEU C 251 -26.19 25.11 30.51
N VAL C 252 -26.39 24.31 31.56
CA VAL C 252 -27.14 24.77 32.72
C VAL C 252 -26.42 25.93 33.39
N GLY C 253 -25.08 25.87 33.42
CA GLY C 253 -24.30 26.92 34.04
C GLY C 253 -24.32 28.24 33.30
N GLY C 254 -24.68 28.22 32.02
CA GLY C 254 -24.77 29.46 31.26
C GLY C 254 -24.09 29.42 29.92
N PHE C 255 -23.08 28.55 29.77
CA PHE C 255 -22.37 28.44 28.51
C PHE C 255 -23.32 28.06 27.38
N GLU C 256 -23.53 28.98 26.44
CA GLU C 256 -24.44 28.75 25.33
C GLU C 256 -23.76 28.24 24.07
N ARG C 257 -22.47 28.56 23.88
CA ARG C 257 -21.69 28.09 22.74
C ARG C 257 -20.39 27.54 23.29
N VAL C 258 -20.32 26.23 23.48
CA VAL C 258 -19.21 25.59 24.16
C VAL C 258 -18.75 24.38 23.36
N PHE C 259 -17.48 24.01 23.52
CA PHE C 259 -16.94 22.83 22.86
C PHE C 259 -15.70 22.36 23.60
N GLU C 260 -15.42 21.07 23.50
CA GLU C 260 -14.22 20.47 24.06
C GLU C 260 -13.60 19.55 23.02
N LEU C 261 -12.29 19.69 22.82
CA LEU C 261 -11.52 18.92 21.84
C LEU C 261 -10.34 18.31 22.57
N ASN C 262 -10.49 17.08 23.05
CA ASN C 262 -9.44 16.47 23.85
C ASN C 262 -9.60 14.95 23.79
N ARG C 263 -8.97 14.25 24.73
CA ARG C 263 -8.90 12.80 24.74
CA ARG C 263 -8.90 12.80 24.73
C ARG C 263 -10.14 12.18 25.38
N VAL C 264 -10.42 10.94 24.97
CA VAL C 264 -11.46 10.11 25.59
C VAL C 264 -10.94 8.68 25.59
N PHE C 265 -11.43 7.88 26.54
CA PHE C 265 -10.89 6.55 26.79
C PHE C 265 -12.03 5.55 26.85
N ARG C 266 -12.07 4.65 25.88
CA ARG C 266 -13.09 3.60 25.81
C ARG C 266 -12.38 2.25 25.78
N ASN C 267 -12.58 1.46 26.85
CA ASN C 267 -11.86 0.21 27.04
C ASN C 267 -12.52 -0.91 26.22
N GLU C 268 -12.43 -0.77 24.90
CA GLU C 268 -13.00 -1.75 23.99
C GLU C 268 -11.92 -2.33 23.08
N GLY C 269 -12.33 -3.00 22.00
CA GLY C 269 -11.38 -3.54 21.06
C GLY C 269 -10.75 -2.47 20.19
N ALA C 270 -9.59 -2.81 19.63
CA ALA C 270 -8.82 -1.93 18.77
C ALA C 270 -8.71 -2.54 17.39
N ASP C 271 -9.15 -1.81 16.37
CA ASP C 271 -9.07 -2.28 14.99
C ASP C 271 -8.82 -1.07 14.10
N SER C 272 -9.15 -1.19 12.82
CA SER C 272 -8.83 -0.15 11.84
C SER C 272 -9.63 1.13 12.06
N THR C 273 -10.72 1.07 12.82
CA THR C 273 -11.55 2.24 13.06
C THR C 273 -11.71 2.60 14.53
N HIS C 274 -11.21 1.78 15.45
CA HIS C 274 -11.37 2.03 16.87
C HIS C 274 -10.00 2.01 17.55
N SER C 275 -9.76 2.99 18.41
CA SER C 275 -8.57 3.06 19.23
C SER C 275 -9.01 3.31 20.68
N PRO C 276 -8.52 2.54 21.65
CA PRO C 276 -8.98 2.73 23.04
C PRO C 276 -8.75 4.15 23.55
N GLU C 277 -7.68 4.81 23.13
CA GLU C 277 -7.43 6.21 23.45
C GLU C 277 -7.46 7.01 22.15
N PHE C 278 -8.47 7.85 21.99
CA PHE C 278 -8.62 8.65 20.79
C PHE C 278 -9.13 10.04 21.17
N VAL C 279 -9.14 10.93 20.19
CA VAL C 279 -9.54 12.32 20.37
C VAL C 279 -10.92 12.52 19.74
N MET C 280 -11.75 13.31 20.41
CA MET C 280 -13.08 13.63 19.92
C MET C 280 -13.33 15.13 20.04
N LEU C 281 -14.38 15.58 19.37
CA LEU C 281 -14.86 16.96 19.47
C LEU C 281 -16.33 16.92 19.80
N GLU C 282 -16.71 17.59 20.89
CA GLU C 282 -18.10 17.73 21.28
C GLU C 282 -18.42 19.21 21.42
N THR C 283 -19.42 19.67 20.67
CA THR C 283 -19.88 21.05 20.72
C THR C 283 -21.32 21.07 21.23
N TYR C 284 -21.71 22.18 21.85
CA TYR C 284 -23.06 22.33 22.36
C TYR C 284 -23.50 23.78 22.16
N GLN C 285 -24.60 23.97 21.44
CA GLN C 285 -25.12 25.28 21.09
C GLN C 285 -26.52 25.43 21.67
N ALA C 286 -26.69 26.40 22.57
CA ALA C 286 -28.00 26.63 23.17
C ALA C 286 -28.96 27.21 22.13
N TYR C 287 -30.25 26.88 22.31
CA TYR C 287 -31.32 27.38 21.46
C TYR C 287 -31.09 26.99 20.00
N GLY C 288 -30.81 25.71 19.79
CA GLY C 288 -30.65 25.18 18.45
C GLY C 288 -31.11 23.74 18.41
N THR C 289 -31.35 23.26 17.20
CA THR C 289 -31.82 21.90 16.97
C THR C 289 -30.79 21.13 16.16
N TYR C 290 -31.02 19.82 16.03
CA TYR C 290 -30.10 18.98 15.27
C TYR C 290 -30.04 19.36 13.80
N ASP C 291 -31.05 20.09 13.29
CA ASP C 291 -30.96 20.63 11.94
C ASP C 291 -29.94 21.74 11.85
N ASP C 292 -29.75 22.51 12.92
CA ASP C 292 -28.76 23.58 12.92
C ASP C 292 -27.35 23.06 13.10
N SER C 293 -27.18 21.97 13.84
CA SER C 293 -25.84 21.43 14.10
C SER C 293 -25.33 20.61 12.92
N ALA C 294 -26.22 20.00 12.14
CA ALA C 294 -25.79 19.27 10.96
C ALA C 294 -25.18 20.22 9.93
N VAL C 295 -25.64 21.47 9.90
CA VAL C 295 -25.03 22.46 9.02
C VAL C 295 -23.66 22.87 9.56
N VAL C 296 -23.57 23.11 10.87
CA VAL C 296 -22.31 23.52 11.48
C VAL C 296 -21.26 22.42 11.30
N THR C 297 -21.66 21.16 11.48
CA THR C 297 -20.73 20.06 11.31
C THR C 297 -20.24 19.97 9.88
N ARG C 298 -21.13 20.12 8.91
CA ARG C 298 -20.72 20.06 7.50
C ARG C 298 -19.79 21.21 7.15
N GLU C 299 -20.12 22.43 7.58
CA GLU C 299 -19.28 23.57 7.29
C GLU C 299 -17.94 23.47 8.01
N LEU C 300 -17.94 22.93 9.23
CA LEU C 300 -16.68 22.76 9.96
C LEU C 300 -15.75 21.80 9.24
N ILE C 301 -16.28 20.66 8.79
CA ILE C 301 -15.45 19.67 8.10
C ILE C 301 -14.91 20.24 6.80
N GLN C 302 -15.73 20.99 6.07
CA GLN C 302 -15.29 21.55 4.80
C GLN C 302 -14.28 22.66 5.00
N GLU C 303 -14.47 23.50 6.04
CA GLU C 303 -13.51 24.55 6.32
C GLU C 303 -12.18 23.97 6.80
N VAL C 304 -12.24 22.89 7.58
CA VAL C 304 -11.01 22.23 8.03
C VAL C 304 -10.29 21.61 6.82
N ALA C 305 -11.04 21.04 5.88
CA ALA C 305 -10.44 20.50 4.67
C ALA C 305 -9.73 21.57 3.87
N ASP C 306 -10.26 22.79 3.86
CA ASP C 306 -9.62 23.87 3.12
C ASP C 306 -8.33 24.33 3.80
N GLU C 307 -8.36 24.45 5.13
CA GLU C 307 -7.20 24.98 5.84
C GLU C 307 -6.10 23.94 6.01
N ALA C 308 -6.46 22.68 6.23
CA ALA C 308 -5.48 21.64 6.49
C ALA C 308 -5.01 20.93 5.24
N ILE C 309 -5.94 20.56 4.35
CA ILE C 309 -5.58 19.83 3.13
C ILE C 309 -5.43 20.72 1.92
N GLY C 310 -6.03 21.92 1.93
CA GLY C 310 -5.97 22.81 0.80
C GLY C 310 -7.02 22.57 -0.26
N THR C 311 -7.88 21.57 -0.08
CA THR C 311 -8.91 21.25 -1.05
C THR C 311 -9.96 20.38 -0.39
N ARG C 312 -11.17 20.43 -0.94
CA ARG C 312 -12.24 19.52 -0.55
C ARG C 312 -12.30 18.29 -1.44
N GLN C 313 -11.44 18.22 -2.47
CA GLN C 313 -11.24 17.03 -3.27
C GLN C 313 -10.01 16.32 -2.73
N VAL C 314 -10.19 15.61 -1.62
CA VAL C 314 -9.05 15.05 -0.88
C VAL C 314 -8.45 13.89 -1.67
N PRO C 315 -7.13 13.86 -1.85
CA PRO C 315 -6.49 12.73 -2.54
C PRO C 315 -6.32 11.54 -1.60
N LEU C 316 -6.87 10.41 -2.00
CA LEU C 316 -6.74 9.18 -1.23
C LEU C 316 -5.52 8.39 -1.68
N PRO C 317 -5.01 7.48 -0.85
CA PRO C 317 -3.81 6.73 -1.24
C PRO C 317 -4.00 5.85 -2.46
N ASP C 318 -5.23 5.42 -2.75
CA ASP C 318 -5.49 4.58 -3.90
C ASP C 318 -5.61 5.38 -5.21
N GLY C 319 -5.08 6.59 -5.25
CA GLY C 319 -5.13 7.42 -6.43
C GLY C 319 -6.45 8.13 -6.67
N THR C 320 -7.51 7.75 -5.99
CA THR C 320 -8.82 8.36 -6.21
C THR C 320 -8.90 9.72 -5.54
N VAL C 321 -10.02 10.41 -5.79
CA VAL C 321 -10.29 11.72 -5.23
C VAL C 321 -11.71 11.71 -4.68
N TYR C 322 -11.85 12.10 -3.41
CA TYR C 322 -13.14 12.05 -2.72
C TYR C 322 -13.71 13.45 -2.61
N ASP C 323 -14.98 13.60 -2.98
CA ASP C 323 -15.65 14.89 -3.00
C ASP C 323 -16.28 15.16 -1.64
N LEU C 324 -15.87 16.23 -0.99
CA LEU C 324 -16.40 16.64 0.30
C LEU C 324 -17.14 17.98 0.24
N ASP C 325 -17.26 18.58 -0.94
CA ASP C 325 -17.85 19.90 -1.07
C ASP C 325 -19.35 19.80 -1.35
N GLY C 326 -20.03 20.94 -1.26
CA GLY C 326 -21.44 21.01 -1.55
C GLY C 326 -22.32 20.54 -0.41
N GLU C 327 -23.62 20.44 -0.72
CA GLU C 327 -24.59 19.93 0.24
C GLU C 327 -24.52 18.41 0.30
N TRP C 328 -24.95 17.87 1.43
CA TRP C 328 -24.85 16.44 1.70
C TRP C 328 -26.24 15.83 1.84
N GLU C 329 -26.40 14.62 1.31
CA GLU C 329 -27.69 13.97 1.29
C GLU C 329 -28.15 13.62 2.71
N SER C 330 -29.44 13.82 2.97
CA SER C 330 -30.05 13.48 4.25
C SER C 330 -31.15 12.47 4.03
N ILE C 331 -31.17 11.43 4.85
CA ILE C 331 -32.21 10.40 4.79
C ILE C 331 -32.68 10.09 6.21
N GLN C 332 -33.91 9.64 6.32
CA GLN C 332 -34.44 9.14 7.58
C GLN C 332 -34.19 7.65 7.67
N MET C 333 -34.10 7.14 8.91
CA MET C 333 -33.68 5.76 9.10
C MET C 333 -34.80 4.77 8.82
N TYR C 334 -36.00 5.02 9.33
CA TYR C 334 -37.10 4.08 9.15
C TYR C 334 -37.53 3.94 7.69
N PRO C 335 -37.78 5.01 6.93
CA PRO C 335 -38.19 4.81 5.53
C PRO C 335 -37.06 4.31 4.64
N SER C 336 -35.81 4.65 4.93
CA SER C 336 -34.70 4.13 4.14
C SER C 336 -34.50 2.64 4.39
N LEU C 337 -34.65 2.22 5.65
CA LEU C 337 -34.66 0.78 5.94
C LEU C 337 -35.85 0.10 5.28
N SER C 338 -37.00 0.78 5.25
CA SER C 338 -38.17 0.24 4.58
C SER C 338 -37.96 0.16 3.07
N GLU C 339 -37.20 1.09 2.50
CA GLU C 339 -36.94 1.06 1.06
C GLU C 339 -36.00 -0.09 0.70
N ALA C 340 -35.03 -0.39 1.56
CA ALA C 340 -34.06 -1.44 1.29
C ALA C 340 -34.59 -2.83 1.58
N LEU C 341 -35.78 -2.96 2.18
CA LEU C 341 -36.36 -4.25 2.51
C LEU C 341 -37.65 -4.56 1.79
N GLY C 342 -38.24 -3.59 1.08
CA GLY C 342 -39.52 -3.79 0.44
C GLY C 342 -40.70 -3.83 1.38
N GLU C 343 -40.48 -3.61 2.68
CA GLU C 343 -41.53 -3.61 3.68
C GLU C 343 -41.79 -2.20 4.18
N GLU C 344 -42.68 -2.09 5.17
CA GLU C 344 -43.01 -0.83 5.83
C GLU C 344 -42.63 -0.98 7.30
N ILE C 345 -41.57 -0.29 7.72
CA ILE C 345 -41.06 -0.38 9.08
C ILE C 345 -41.32 0.95 9.77
N THR C 346 -42.02 0.91 10.89
CA THR C 346 -42.36 2.06 11.71
C THR C 346 -41.92 1.79 13.13
N PRO C 347 -41.92 2.82 13.99
CA PRO C 347 -41.73 2.56 15.42
C PRO C 347 -42.77 1.61 16.00
N ASP C 348 -43.91 1.42 15.34
CA ASP C 348 -44.94 0.48 15.77
C ASP C 348 -44.66 -0.95 15.32
N THR C 349 -43.61 -1.17 14.53
CA THR C 349 -43.31 -2.51 14.07
C THR C 349 -42.91 -3.40 15.24
N PRO C 350 -43.53 -4.57 15.41
CA PRO C 350 -43.22 -5.42 16.57
C PRO C 350 -41.77 -5.90 16.54
N ALA C 351 -41.23 -6.14 17.73
CA ALA C 351 -39.86 -6.66 17.83
C ALA C 351 -39.78 -8.10 17.33
N GLU C 352 -40.89 -8.84 17.39
CA GLU C 352 -40.87 -10.21 16.88
C GLU C 352 -40.74 -10.25 15.37
N THR C 353 -41.34 -9.29 14.67
CA THR C 353 -41.20 -9.23 13.22
C THR C 353 -39.78 -8.86 12.82
N LEU C 354 -39.17 -7.91 13.54
CA LEU C 354 -37.79 -7.53 13.25
C LEU C 354 -36.81 -8.63 13.62
N TRP C 355 -37.13 -9.43 14.65
CA TRP C 355 -36.28 -10.57 14.98
C TRP C 355 -36.26 -11.59 13.85
N ALA C 356 -37.40 -11.80 13.20
CA ALA C 356 -37.46 -12.74 12.09
C ALA C 356 -36.78 -12.17 10.84
N ILE C 357 -36.89 -10.85 10.64
CA ILE C 357 -36.28 -10.23 9.48
C ILE C 357 -34.75 -10.34 9.56
N ALA C 358 -34.19 -10.18 10.76
CA ALA C 358 -32.75 -10.34 10.94
C ALA C 358 -32.33 -11.78 10.70
N ASP C 359 -33.14 -12.75 11.15
CA ASP C 359 -32.84 -14.14 10.87
C ASP C 359 -33.08 -14.49 9.41
N ARG C 360 -34.08 -13.85 8.78
CA ARG C 360 -34.33 -14.08 7.36
C ARG C 360 -33.19 -13.55 6.50
N LEU C 361 -32.66 -12.39 6.86
CA LEU C 361 -31.56 -11.78 6.11
C LEU C 361 -30.21 -12.42 6.43
N GLY C 362 -30.17 -13.40 7.34
CA GLY C 362 -28.93 -14.05 7.69
C GLY C 362 -28.06 -13.30 8.68
N LEU C 363 -28.47 -12.11 9.11
CA LEU C 363 -27.68 -11.35 10.08
C LEU C 363 -27.71 -12.04 11.45
N ASP C 364 -26.54 -12.11 12.08
CA ASP C 364 -26.38 -12.79 13.37
C ASP C 364 -26.36 -11.74 14.47
N ILE C 365 -27.52 -11.47 15.05
CA ILE C 365 -27.62 -10.55 16.18
C ILE C 365 -27.74 -11.38 17.45
N PRO C 366 -27.07 -10.98 18.53
CA PRO C 366 -27.09 -11.81 19.75
C PRO C 366 -28.44 -11.74 20.45
N ARG C 367 -28.80 -12.85 21.08
CA ARG C 367 -30.02 -12.95 21.86
C ARG C 367 -29.79 -12.80 23.36
N ASP C 368 -28.54 -12.83 23.81
CA ASP C 368 -28.24 -12.69 25.23
C ASP C 368 -28.03 -11.25 25.65
N ARG C 369 -27.71 -10.36 24.71
CA ARG C 369 -27.44 -8.97 25.06
C ARG C 369 -28.70 -8.26 25.57
N GLY C 370 -29.86 -8.65 25.06
CA GLY C 370 -31.10 -8.04 25.49
C GLY C 370 -31.52 -6.87 24.63
N TYR C 371 -31.60 -7.09 23.32
CA TYR C 371 -31.99 -6.05 22.38
C TYR C 371 -33.49 -6.09 22.12
N GLY C 372 -33.99 -5.03 21.48
CA GLY C 372 -35.40 -4.92 21.19
C GLY C 372 -35.69 -4.28 19.85
N HIS C 373 -36.75 -3.47 19.79
CA HIS C 373 -37.13 -2.82 18.54
C HIS C 373 -36.05 -1.84 18.09
N GLY C 374 -35.49 -1.06 19.01
CA GLY C 374 -34.53 -0.04 18.62
C GLY C 374 -33.25 -0.62 18.06
N LYS C 375 -32.64 -1.56 18.79
CA LYS C 375 -31.36 -2.12 18.36
C LYS C 375 -31.50 -2.95 17.09
N LEU C 376 -32.66 -3.60 16.89
CA LEU C 376 -32.86 -4.39 15.69
C LEU C 376 -32.95 -3.50 14.46
N VAL C 377 -33.63 -2.36 14.57
CA VAL C 377 -33.71 -1.43 13.45
C VAL C 377 -32.34 -0.84 13.15
N GLU C 378 -31.53 -0.59 14.18
CA GLU C 378 -30.18 -0.08 13.96
C GLU C 378 -29.32 -1.11 13.24
N GLU C 379 -29.38 -2.37 13.68
CA GLU C 379 -28.53 -3.39 13.09
C GLU C 379 -28.96 -3.70 11.66
N LEU C 380 -30.26 -3.66 11.38
CA LEU C 380 -30.74 -3.92 10.02
C LEU C 380 -30.38 -2.79 9.09
N TRP C 381 -30.52 -1.54 9.54
CA TRP C 381 -30.20 -0.40 8.69
C TRP C 381 -28.72 -0.36 8.34
N GLU C 382 -27.85 -0.69 9.31
CA GLU C 382 -26.42 -0.69 9.05
C GLU C 382 -26.02 -1.76 8.03
N HIS C 383 -26.83 -2.81 7.87
CA HIS C 383 -26.53 -3.86 6.92
C HIS C 383 -27.19 -3.66 5.56
N THR C 384 -28.37 -3.05 5.53
CA THR C 384 -29.11 -2.88 4.29
C THR C 384 -28.86 -1.53 3.62
N VAL C 385 -28.47 -0.51 4.39
CA VAL C 385 -28.27 0.83 3.83
C VAL C 385 -26.88 1.33 4.18
N GLY C 386 -26.48 1.16 5.45
CA GLY C 386 -25.23 1.75 5.92
C GLY C 386 -24.01 1.19 5.22
N ALA C 387 -24.01 -0.10 4.92
CA ALA C 387 -22.87 -0.72 4.25
C ALA C 387 -22.70 -0.26 2.81
N LYS C 388 -23.75 0.21 2.17
CA LYS C 388 -23.69 0.67 0.79
C LYS C 388 -23.48 2.17 0.68
N LEU C 389 -23.26 2.86 1.80
CA LEU C 389 -23.04 4.30 1.78
C LEU C 389 -21.59 4.62 1.42
N TRP C 390 -21.40 5.80 0.83
CA TRP C 390 -20.06 6.24 0.44
C TRP C 390 -19.96 7.76 0.50
N ALA C 391 -20.82 8.45 -0.24
CA ALA C 391 -20.85 9.90 -0.21
C ALA C 391 -21.24 10.38 1.19
N PRO C 392 -20.88 11.61 1.55
CA PRO C 392 -21.28 12.15 2.86
C PRO C 392 -22.80 12.19 2.98
N THR C 393 -23.32 11.45 3.96
CA THR C 393 -24.76 11.28 4.10
C THR C 393 -25.16 11.37 5.56
N PHE C 394 -26.19 12.15 5.84
CA PHE C 394 -26.80 12.20 7.17
C PHE C 394 -27.97 11.22 7.23
N VAL C 395 -28.05 10.46 8.32
CA VAL C 395 -29.20 9.63 8.61
C VAL C 395 -29.77 10.10 9.94
N LYS C 396 -31.03 10.55 9.92
CA LYS C 396 -31.65 11.16 11.09
C LYS C 396 -32.90 10.39 11.50
N ASP C 397 -33.48 10.84 12.62
CA ASP C 397 -34.68 10.25 13.20
C ASP C 397 -34.43 8.80 13.60
N PHE C 398 -33.79 8.60 14.77
CA PHE C 398 -33.43 7.32 15.34
C PHE C 398 -34.52 6.81 16.28
N PRO C 399 -34.60 5.50 16.49
CA PRO C 399 -35.55 4.98 17.48
C PRO C 399 -35.20 5.46 18.88
N VAL C 400 -36.24 5.62 19.70
CA VAL C 400 -36.06 6.16 21.05
C VAL C 400 -35.38 5.18 21.99
N GLU C 401 -35.36 3.88 21.65
CA GLU C 401 -34.77 2.90 22.55
C GLU C 401 -33.26 2.99 22.58
N THR C 402 -32.63 3.39 21.47
CA THR C 402 -31.17 3.42 21.37
C THR C 402 -30.60 4.83 21.50
N THR C 403 -31.42 5.81 21.89
CA THR C 403 -30.98 7.20 22.05
C THR C 403 -31.47 7.70 23.40
N PRO C 404 -30.75 7.38 24.48
CA PRO C 404 -31.22 7.78 25.82
C PRO C 404 -31.13 9.27 26.07
N LEU C 405 -30.14 9.95 25.49
CA LEU C 405 -29.90 11.35 25.77
C LEU C 405 -30.44 12.29 24.68
N THR C 406 -31.18 11.75 23.71
CA THR C 406 -31.70 12.53 22.61
C THR C 406 -33.18 12.82 22.82
N ARG C 407 -33.59 14.06 22.56
CA ARG C 407 -34.98 14.46 22.72
C ARG C 407 -35.85 13.78 21.66
N SER C 408 -37.07 13.44 22.06
CA SER C 408 -38.04 12.88 21.12
C SER C 408 -38.31 13.87 20.00
N HIS C 409 -38.68 13.33 18.83
CA HIS C 409 -38.90 14.17 17.66
C HIS C 409 -40.05 15.14 17.92
N ARG C 410 -39.94 16.34 17.32
CA ARG C 410 -40.90 17.40 17.57
C ARG C 410 -42.27 17.11 16.97
N SER C 411 -42.37 16.15 16.05
CA SER C 411 -43.64 15.89 15.37
C SER C 411 -43.82 14.41 15.02
N ILE C 412 -42.74 13.70 14.81
CA ILE C 412 -42.80 12.29 14.41
C ILE C 412 -42.75 11.43 15.67
N PRO C 413 -43.77 10.64 15.96
CA PRO C 413 -43.76 9.84 17.19
C PRO C 413 -42.84 8.64 17.06
N GLY C 414 -42.28 8.22 18.20
CA GLY C 414 -41.46 7.04 18.27
C GLY C 414 -39.99 7.23 17.93
N VAL C 415 -39.62 8.36 17.34
CA VAL C 415 -38.24 8.61 16.93
C VAL C 415 -37.72 9.83 17.69
N THR C 416 -36.40 9.99 17.65
CA THR C 416 -35.71 11.09 18.30
C THR C 416 -34.90 11.88 17.26
N GLU C 417 -34.59 13.13 17.61
CA GLU C 417 -33.89 14.03 16.70
C GLU C 417 -32.38 13.83 16.85
N LYS C 418 -31.90 12.73 16.27
CA LYS C 418 -30.47 12.40 16.24
C LYS C 418 -30.08 12.10 14.81
N TRP C 419 -28.97 12.69 14.36
CA TRP C 419 -28.43 12.39 13.05
C TRP C 419 -27.03 11.79 13.18
N ASP C 420 -26.71 10.90 12.24
CA ASP C 420 -25.41 10.26 12.15
C ASP C 420 -24.81 10.59 10.79
N LEU C 421 -23.57 11.08 10.79
CA LEU C 421 -22.87 11.45 9.56
C LEU C 421 -21.94 10.31 9.19
N TYR C 422 -22.25 9.64 8.08
CA TYR C 422 -21.42 8.55 7.56
C TYR C 422 -20.65 9.04 6.33
N VAL C 423 -19.34 8.86 6.37
CA VAL C 423 -18.46 9.24 5.26
C VAL C 423 -17.59 8.02 4.93
N ARG C 424 -17.79 7.48 3.73
CA ARG C 424 -17.09 6.27 3.27
C ARG C 424 -17.29 5.11 4.26
N ARG C 425 -18.56 4.87 4.60
CA ARG C 425 -18.98 3.80 5.49
C ARG C 425 -18.37 3.93 6.89
N ILE C 426 -17.91 5.13 7.26
CA ILE C 426 -17.33 5.38 8.57
C ILE C 426 -18.20 6.40 9.28
N GLU C 427 -18.63 6.07 10.50
CA GLU C 427 -19.38 7.01 11.31
C GLU C 427 -18.47 8.15 11.77
N LEU C 428 -18.62 9.31 11.16
CA LEU C 428 -17.73 10.44 11.44
C LEU C 428 -18.26 11.32 12.57
N ALA C 429 -19.52 11.71 12.51
CA ALA C 429 -20.07 12.65 13.47
C ALA C 429 -21.51 12.29 13.81
N THR C 430 -21.93 12.67 15.02
CA THR C 430 -23.30 12.51 15.46
C THR C 430 -23.78 13.82 16.07
N GLY C 431 -25.09 14.01 16.08
CA GLY C 431 -25.68 15.22 16.62
C GLY C 431 -27.09 15.03 17.13
N TYR C 432 -27.40 15.61 18.28
CA TYR C 432 -28.72 15.49 18.91
C TYR C 432 -29.41 16.84 18.97
N SER C 433 -30.73 16.79 19.08
CA SER C 433 -31.50 17.82 19.76
C SER C 433 -31.56 17.40 21.21
N GLU C 434 -30.82 18.08 22.08
CA GLU C 434 -30.56 17.56 23.41
C GLU C 434 -31.83 17.48 24.24
N LEU C 435 -31.96 16.38 24.98
CA LEU C 435 -33.11 16.18 25.87
C LEU C 435 -32.94 17.02 27.12
N THR C 436 -33.89 17.93 27.36
CA THR C 436 -33.83 18.81 28.52
C THR C 436 -34.85 18.46 29.60
N ASP C 437 -35.85 17.65 29.29
CA ASP C 437 -36.86 17.28 30.27
C ASP C 437 -36.26 16.34 31.32
N PRO C 438 -36.18 16.75 32.59
CA PRO C 438 -35.57 15.86 33.59
C PRO C 438 -36.41 14.64 33.89
N ILE C 439 -37.75 14.75 33.80
CA ILE C 439 -38.60 13.60 34.05
C ILE C 439 -38.42 12.55 32.97
N ILE C 440 -38.39 12.98 31.71
CA ILE C 440 -38.21 12.04 30.61
C ILE C 440 -36.81 11.44 30.65
N GLN C 441 -35.79 12.25 30.98
CA GLN C 441 -34.43 11.74 31.01
C GLN C 441 -34.26 10.65 32.06
N ARG C 442 -34.92 10.80 33.20
CA ARG C 442 -34.89 9.74 34.20
C ARG C 442 -35.56 8.48 33.69
N GLU C 443 -36.65 8.64 32.92
CA GLU C 443 -37.29 7.48 32.30
C GLU C 443 -36.39 6.83 31.27
N ARG C 444 -35.53 7.61 30.61
CA ARG C 444 -34.55 7.03 29.69
C ARG C 444 -33.48 6.25 30.45
N PHE C 445 -33.05 6.77 31.60
CA PHE C 445 -32.06 6.06 32.41
C PHE C 445 -32.67 4.84 33.09
N GLU C 446 -33.95 4.93 33.49
CA GLU C 446 -34.63 3.76 34.04
C GLU C 446 -34.76 2.66 33.01
N ALA C 447 -34.92 3.02 31.73
CA ALA C 447 -34.96 2.02 30.67
C ALA C 447 -33.58 1.50 30.33
N GLN C 448 -32.54 2.31 30.52
CA GLN C 448 -31.18 1.85 30.26
C GLN C 448 -30.77 0.79 31.28
N ALA C 449 -30.99 1.06 32.56
CA ALA C 449 -30.71 0.07 33.59
C ALA C 449 -31.58 -1.18 33.45
N ARG C 450 -32.75 -1.04 32.81
CA ARG C 450 -33.60 -2.20 32.56
C ARG C 450 -32.98 -3.09 31.49
N ALA C 451 -32.34 -2.50 30.48
CA ALA C 451 -31.61 -3.29 29.49
C ALA C 451 -30.28 -3.77 30.02
N ALA C 452 -29.65 -3.02 30.94
CA ALA C 452 -28.41 -3.46 31.54
C ALA C 452 -28.61 -4.73 32.36
N ALA C 453 -29.70 -4.77 33.15
CA ALA C 453 -30.05 -5.99 33.87
C ALA C 453 -30.51 -7.10 32.94
N ALA C 454 -30.73 -6.81 31.66
CA ALA C 454 -31.09 -7.80 30.66
C ALA C 454 -29.89 -8.29 29.87
N GLY C 455 -28.67 -7.89 30.25
CA GLY C 455 -27.46 -8.37 29.64
C GLY C 455 -26.66 -7.32 28.89
N ASP C 456 -27.26 -6.16 28.61
CA ASP C 456 -26.59 -5.12 27.83
C ASP C 456 -25.47 -4.50 28.68
N ASP C 457 -24.24 -4.94 28.44
CA ASP C 457 -23.10 -4.39 29.16
C ASP C 457 -22.75 -2.99 28.69
N GLU C 458 -23.21 -2.58 27.52
CA GLU C 458 -22.95 -1.25 26.99
C GLU C 458 -23.98 -0.23 27.44
N ALA C 459 -25.01 -0.65 28.18
CA ALA C 459 -26.05 0.27 28.61
C ALA C 459 -25.50 1.29 29.61
N MET C 460 -26.10 2.47 29.59
CA MET C 460 -25.68 3.55 30.48
C MET C 460 -26.21 3.33 31.89
N ALA C 461 -25.58 4.01 32.85
CA ALA C 461 -25.99 3.99 34.25
C ALA C 461 -26.69 5.30 34.61
N LEU C 462 -27.60 5.20 35.56
CA LEU C 462 -28.34 6.39 36.02
C LEU C 462 -27.39 7.31 36.78
N ASP C 463 -27.29 8.55 36.33
CA ASP C 463 -26.41 9.54 36.94
C ASP C 463 -27.28 10.56 37.67
N GLU C 464 -27.36 10.44 38.99
CA GLU C 464 -28.17 11.38 39.77
C GLU C 464 -27.56 12.77 39.79
N ASP C 465 -26.23 12.87 39.74
CA ASP C 465 -25.60 14.19 39.72
C ASP C 465 -25.92 14.93 38.43
N PHE C 466 -25.95 14.21 37.30
CA PHE C 466 -26.34 14.84 36.04
C PHE C 466 -27.83 15.14 36.01
N LEU C 467 -28.64 14.24 36.58
CA LEU C 467 -30.08 14.46 36.61
C LEU C 467 -30.44 15.67 37.46
N ALA C 468 -29.67 15.92 38.54
CA ALA C 468 -29.93 17.09 39.37
C ALA C 468 -29.66 18.37 38.62
N ALA C 469 -28.63 18.37 37.75
CA ALA C 469 -28.34 19.57 36.97
C ALA C 469 -29.45 19.88 35.98
N LEU C 470 -30.02 18.85 35.35
CA LEU C 470 -31.13 19.07 34.44
C LEU C 470 -32.35 19.63 35.16
N GLU C 471 -32.56 19.22 36.41
CA GLU C 471 -33.72 19.69 37.17
C GLU C 471 -33.60 21.16 37.52
N TYR C 472 -32.39 21.73 37.52
CA TYR C 472 -32.25 23.17 37.65
C TYR C 472 -32.65 23.92 36.39
N GLY C 473 -32.76 23.22 35.27
CA GLY C 473 -33.19 23.83 34.02
C GLY C 473 -32.09 23.97 33.00
N MET C 474 -32.20 23.21 31.90
CA MET C 474 -31.30 23.33 30.78
C MET C 474 -32.06 23.82 29.57
N PRO C 475 -31.59 24.87 28.90
CA PRO C 475 -32.32 25.40 27.75
C PRO C 475 -32.30 24.41 26.60
N PRO C 476 -33.26 24.49 25.68
CA PRO C 476 -33.19 23.66 24.48
C PRO C 476 -31.90 23.92 23.72
N SER C 477 -31.23 22.86 23.30
CA SER C 477 -29.90 23.00 22.72
C SER C 477 -29.60 21.78 21.85
N THR C 478 -28.62 21.94 20.98
CA THR C 478 -28.16 20.87 20.11
C THR C 478 -26.68 20.63 20.34
N GLY C 479 -26.31 19.36 20.40
CA GLY C 479 -24.93 18.98 20.66
C GLY C 479 -24.42 18.03 19.59
N THR C 480 -23.12 18.09 19.37
CA THR C 480 -22.47 17.27 18.35
C THR C 480 -21.34 16.46 18.97
N GLY C 481 -20.93 15.43 18.23
CA GLY C 481 -19.77 14.65 18.58
C GLY C 481 -19.10 14.16 17.31
N MET C 482 -17.77 14.15 17.29
CA MET C 482 -17.04 13.74 16.09
C MET C 482 -15.68 13.20 16.48
N GLY C 483 -15.36 11.99 16.00
CA GLY C 483 -14.04 11.42 16.15
C GLY C 483 -13.02 12.08 15.24
N ILE C 484 -12.04 12.78 15.84
CA ILE C 484 -11.08 13.52 15.05
C ILE C 484 -10.11 12.59 14.34
N ASP C 485 -9.78 11.45 14.96
CA ASP C 485 -8.97 10.46 14.26
C ASP C 485 -9.67 9.97 13.00
N ARG C 486 -10.98 9.70 13.09
CA ARG C 486 -11.74 9.35 11.91
C ARG C 486 -11.85 10.52 10.93
N LEU C 487 -11.84 11.75 11.45
CA LEU C 487 -11.78 12.91 10.57
C LEU C 487 -10.47 12.93 9.80
N MET C 488 -9.37 12.56 10.46
CA MET C 488 -8.10 12.41 9.75
C MET C 488 -8.18 11.29 8.71
N MET C 489 -8.84 10.19 9.06
CA MET C 489 -9.05 9.11 8.09
C MET C 489 -9.88 9.60 6.90
N THR C 490 -10.86 10.46 7.17
CA THR C 490 -11.70 10.99 6.09
C THR C 490 -10.89 11.88 5.15
N LEU C 491 -10.05 12.75 5.71
CA LEU C 491 -9.32 13.70 4.89
C LEU C 491 -8.13 13.06 4.18
N THR C 492 -7.51 12.05 4.79
CA THR C 492 -6.29 11.45 4.25
C THR C 492 -6.50 10.08 3.63
N GLY C 493 -7.47 9.31 4.11
CA GLY C 493 -7.63 7.95 3.64
C GLY C 493 -6.75 6.93 4.32
N LEU C 494 -6.13 7.29 5.44
CA LEU C 494 -5.24 6.39 6.16
C LEU C 494 -5.99 5.69 7.28
N SER C 495 -5.34 4.68 7.86
CA SER C 495 -5.90 3.98 9.00
C SER C 495 -5.84 4.89 10.24
N ILE C 496 -6.55 4.47 11.29
CA ILE C 496 -6.63 5.29 12.49
C ILE C 496 -5.28 5.34 13.20
N ARG C 497 -4.44 4.32 13.03
CA ARG C 497 -3.14 4.30 13.69
C ARG C 497 -2.12 5.16 12.95
N GLU C 498 -2.27 5.31 11.63
CA GLU C 498 -1.33 6.12 10.86
C GLU C 498 -1.53 7.62 11.08
N THR C 499 -2.61 8.03 11.74
CA THR C 499 -2.89 9.44 12.00
C THR C 499 -2.43 9.90 13.37
N VAL C 500 -2.13 8.97 14.28
CA VAL C 500 -1.66 9.30 15.62
C VAL C 500 -0.15 9.29 15.64
N LEU C 501 0.45 10.21 16.40
CA LEU C 501 1.90 10.27 16.48
C LEU C 501 2.48 9.01 17.12
N PHE C 502 1.97 8.64 18.29
CA PHE C 502 2.49 7.50 19.05
C PHE C 502 1.35 6.59 19.47
N PRO C 503 0.90 5.71 18.58
CA PRO C 503 -0.06 4.68 18.99
C PRO C 503 0.60 3.65 19.89
N ILE C 504 -0.19 3.11 20.81
CA ILE C 504 0.29 2.13 21.78
C ILE C 504 -0.07 0.73 21.30
N VAL C 505 0.92 -0.16 21.29
CA VAL C 505 0.71 -1.53 20.86
C VAL C 505 1.76 -2.44 21.49
N ASP D 18 34.21 -44.23 -35.72
CA ASP D 18 34.74 -44.95 -34.58
C ASP D 18 36.25 -44.77 -34.45
N LEU D 19 36.64 -43.70 -33.77
CA LEU D 19 38.04 -43.37 -33.62
C LEU D 19 38.20 -42.44 -32.43
N PRO D 20 38.33 -43.01 -31.23
CA PRO D 20 38.72 -42.22 -30.05
C PRO D 20 40.13 -41.63 -30.14
N GLU D 21 40.94 -42.11 -31.10
CA GLU D 21 42.26 -41.53 -31.29
C GLU D 21 42.17 -40.08 -31.72
N GLN D 22 41.12 -39.71 -32.46
CA GLN D 22 40.93 -38.31 -32.85
C GLN D 22 40.72 -37.43 -31.62
N PHE D 23 40.03 -37.95 -30.61
CA PHE D 23 39.83 -37.20 -29.39
C PHE D 23 41.15 -36.95 -28.67
N ARG D 24 42.03 -37.96 -28.65
CA ARG D 24 43.34 -37.79 -28.02
C ARG D 24 44.18 -36.78 -28.77
N ILE D 25 44.15 -36.81 -30.10
CA ILE D 25 44.97 -35.90 -30.90
C ILE D 25 44.48 -34.46 -30.75
N ARG D 26 43.17 -34.25 -30.87
CA ARG D 26 42.62 -32.90 -30.74
C ARG D 26 42.79 -32.35 -29.34
N GLN D 27 42.77 -33.22 -28.32
CA GLN D 27 43.07 -32.78 -26.96
C GLN D 27 44.50 -32.28 -26.85
N ALA D 28 45.45 -33.00 -27.45
CA ALA D 28 46.85 -32.60 -27.38
C ALA D 28 47.08 -31.26 -28.06
N LYS D 29 46.42 -31.03 -29.20
CA LYS D 29 46.53 -29.74 -29.88
C LYS D 29 45.93 -28.62 -29.04
N ARG D 30 44.86 -28.91 -28.30
CA ARG D 30 44.27 -27.90 -27.42
C ARG D 30 45.19 -27.59 -26.25
N ALA D 31 45.78 -28.62 -25.65
CA ALA D 31 46.65 -28.41 -24.49
C ALA D 31 47.96 -27.72 -24.88
N ASP D 32 48.49 -28.05 -26.05
CA ASP D 32 49.75 -27.43 -26.49
C ASP D 32 49.54 -25.98 -26.86
N LEU D 33 48.39 -25.64 -27.43
CA LEU D 33 48.07 -24.24 -27.70
C LEU D 33 48.02 -23.45 -26.41
N LEU D 34 47.34 -23.97 -25.39
CA LEU D 34 47.23 -23.27 -24.13
C LEU D 34 48.57 -23.18 -23.41
N ALA D 35 49.45 -24.16 -23.60
CA ALA D 35 50.77 -24.13 -22.99
C ALA D 35 51.72 -23.16 -23.67
N GLN D 36 51.49 -22.84 -24.94
CA GLN D 36 52.32 -21.90 -25.68
C GLN D 36 51.81 -20.46 -25.57
N GLY D 37 50.92 -20.19 -24.62
CA GLY D 37 50.37 -18.86 -24.45
C GLY D 37 49.18 -18.54 -25.34
N ARG D 38 48.90 -19.37 -26.34
CA ARG D 38 47.78 -19.13 -27.23
C ARG D 38 46.49 -19.65 -26.61
N GLN D 39 45.38 -19.02 -26.99
CA GLN D 39 44.07 -19.37 -26.44
CA GLN D 39 44.07 -19.38 -26.44
C GLN D 39 43.26 -20.14 -27.47
N PRO D 40 43.10 -21.46 -27.32
CA PRO D 40 42.23 -22.19 -28.26
C PRO D 40 40.76 -21.85 -28.12
N TYR D 41 40.37 -21.22 -27.02
CA TYR D 41 39.00 -20.74 -26.81
C TYR D 41 39.08 -19.31 -26.30
N PRO D 42 39.45 -18.36 -27.17
CA PRO D 42 39.62 -16.98 -26.71
C PRO D 42 38.29 -16.35 -26.34
N VAL D 43 38.37 -15.26 -25.57
CA VAL D 43 37.15 -14.57 -25.16
C VAL D 43 36.53 -13.82 -26.32
N ASP D 44 37.34 -13.41 -27.30
CA ASP D 44 36.84 -12.71 -28.47
C ASP D 44 37.90 -12.77 -29.57
N VAL D 45 37.47 -12.44 -30.79
CA VAL D 45 38.36 -12.34 -31.93
C VAL D 45 38.01 -11.05 -32.69
N PRO D 46 38.99 -10.40 -33.33
CA PRO D 46 38.67 -9.17 -34.07
C PRO D 46 37.83 -9.43 -35.30
N ARG D 47 36.57 -9.83 -35.09
CA ARG D 47 35.66 -10.14 -36.17
C ARG D 47 35.07 -8.86 -36.75
N THR D 48 35.19 -8.68 -38.06
CA THR D 48 34.74 -7.47 -38.73
C THR D 48 33.69 -7.72 -39.82
N HIS D 49 33.78 -8.84 -40.54
CA HIS D 49 32.84 -9.14 -41.60
C HIS D 49 32.30 -10.55 -41.41
N THR D 50 31.13 -10.80 -42.00
CA THR D 50 30.57 -12.14 -42.08
C THR D 50 30.85 -12.72 -43.46
N LEU D 51 30.75 -14.04 -43.56
CA LEU D 51 31.02 -14.71 -44.84
C LEU D 51 29.98 -14.31 -45.89
N LEU D 52 28.72 -14.18 -45.48
CA LEU D 52 27.68 -13.75 -46.41
C LEU D 52 27.89 -12.30 -46.85
N GLU D 53 28.39 -11.46 -45.94
CA GLU D 53 28.63 -10.06 -46.27
C GLU D 53 29.66 -9.91 -47.38
N ILE D 54 30.62 -10.83 -47.46
CA ILE D 54 31.65 -10.76 -48.48
C ILE D 54 31.13 -11.26 -49.82
N ARG D 55 30.38 -12.37 -49.80
CA ARG D 55 29.88 -12.93 -51.06
C ARG D 55 28.87 -12.00 -51.72
N GLN D 56 28.10 -11.25 -50.93
CA GLN D 56 27.16 -10.29 -51.50
C GLN D 56 27.87 -9.10 -52.11
N ALA D 57 28.92 -8.62 -51.46
CA ALA D 57 29.65 -7.46 -51.98
C ALA D 57 30.42 -7.79 -53.24
N TYR D 58 30.81 -9.06 -53.42
CA TYR D 58 31.56 -9.53 -54.58
C TYR D 58 30.85 -10.73 -55.17
N PRO D 59 29.73 -10.52 -55.89
CA PRO D 59 28.99 -11.65 -56.46
C PRO D 59 29.79 -12.37 -57.54
N ASP D 60 30.16 -11.65 -58.60
CA ASP D 60 30.97 -12.20 -59.68
C ASP D 60 32.28 -11.41 -59.75
N LEU D 61 33.40 -12.14 -59.74
CA LEU D 61 34.72 -11.55 -59.86
C LEU D 61 35.57 -12.40 -60.77
N PRO D 62 36.46 -11.79 -61.55
CA PRO D 62 37.38 -12.58 -62.38
C PRO D 62 38.41 -13.30 -61.52
N VAL D 63 39.21 -14.13 -62.17
CA VAL D 63 40.23 -14.91 -61.48
C VAL D 63 41.40 -14.02 -61.10
N ASP D 64 42.12 -14.41 -60.05
CA ASP D 64 43.30 -13.69 -59.58
C ASP D 64 42.96 -12.23 -59.25
N ALA D 65 41.77 -12.00 -58.70
CA ALA D 65 41.32 -10.65 -58.37
C ALA D 65 41.80 -10.25 -56.98
N ARG D 66 42.23 -9.00 -56.87
CA ARG D 66 42.66 -8.41 -55.61
C ARG D 66 41.74 -7.24 -55.32
N THR D 67 40.92 -7.36 -54.26
CA THR D 67 39.94 -6.34 -53.94
C THR D 67 40.49 -5.24 -53.05
N GLY D 68 41.57 -5.50 -52.32
CA GLY D 68 42.13 -4.52 -51.41
C GLY D 68 41.38 -4.34 -50.11
N GLU D 69 40.22 -4.98 -49.94
CA GLU D 69 39.43 -4.87 -48.73
C GLU D 69 39.95 -5.87 -47.69
N ILE D 70 40.37 -5.37 -46.55
CA ILE D 70 40.90 -6.20 -45.47
C ILE D 70 39.77 -6.56 -44.53
N VAL D 71 39.59 -7.85 -44.27
CA VAL D 71 38.49 -8.35 -43.46
C VAL D 71 39.03 -9.28 -42.38
N GLY D 72 38.24 -9.43 -41.33
CA GLY D 72 38.49 -10.41 -40.29
C GLY D 72 37.27 -11.28 -40.08
N VAL D 73 37.33 -12.53 -40.54
CA VAL D 73 36.16 -13.40 -40.58
C VAL D 73 36.36 -14.60 -39.67
N THR D 74 35.26 -15.26 -39.36
CA THR D 74 35.27 -16.50 -38.60
C THR D 74 34.41 -17.53 -39.32
N GLY D 75 34.59 -18.79 -38.94
CA GLY D 75 33.84 -19.87 -39.55
C GLY D 75 34.39 -21.24 -39.21
N ARG D 76 33.52 -22.25 -39.28
CA ARG D 76 33.93 -23.62 -38.99
C ARG D 76 34.63 -24.23 -40.20
N VAL D 77 35.78 -24.86 -39.96
CA VAL D 77 36.51 -25.52 -41.04
C VAL D 77 35.78 -26.81 -41.40
N VAL D 78 35.17 -26.84 -42.58
CA VAL D 78 34.45 -28.02 -43.05
C VAL D 78 35.18 -28.77 -44.14
N PHE D 79 36.20 -28.17 -44.76
CA PHE D 79 37.02 -28.85 -45.75
C PHE D 79 38.41 -28.23 -45.73
N ALA D 80 39.43 -29.07 -45.92
CA ALA D 80 40.80 -28.61 -45.89
C ALA D 80 41.61 -29.37 -46.93
N ARG D 81 42.61 -28.68 -47.49
CA ARG D 81 43.52 -29.30 -48.46
C ARG D 81 44.90 -28.70 -48.27
N ASN D 82 45.85 -29.53 -47.86
CA ASN D 82 47.23 -29.10 -47.72
C ASN D 82 47.98 -29.30 -49.03
N SER D 83 49.02 -28.51 -49.23
CA SER D 83 49.84 -28.60 -50.43
C SER D 83 51.28 -28.32 -50.04
N GLY D 84 52.09 -27.89 -51.01
CA GLY D 84 53.49 -27.60 -50.76
C GLY D 84 53.69 -26.51 -49.73
N LYS D 85 53.35 -25.27 -50.09
CA LYS D 85 53.45 -24.14 -49.17
C LYS D 85 52.16 -23.35 -49.10
N LEU D 86 51.06 -23.87 -49.64
CA LEU D 86 49.77 -23.18 -49.66
C LEU D 86 48.71 -24.11 -49.11
N CYS D 87 47.90 -23.62 -48.17
CA CYS D 87 46.86 -24.40 -47.53
C CYS D 87 45.50 -23.80 -47.84
N PHE D 88 44.56 -24.65 -48.24
CA PHE D 88 43.19 -24.24 -48.54
C PHE D 88 42.26 -24.76 -47.45
N ALA D 89 41.23 -23.98 -47.14
CA ALA D 89 40.25 -24.37 -46.15
C ALA D 89 38.92 -23.71 -46.47
N THR D 90 37.85 -24.48 -46.39
CA THR D 90 36.49 -23.98 -46.63
C THR D 90 35.86 -23.65 -45.29
N LEU D 91 35.63 -22.37 -45.05
CA LEU D 91 35.03 -21.90 -43.81
C LEU D 91 33.52 -21.78 -43.99
N GLN D 92 32.76 -22.43 -43.11
CA GLN D 92 31.31 -22.36 -43.12
C GLN D 92 30.82 -21.63 -41.88
N GLU D 93 29.87 -20.72 -42.06
CA GLU D 93 29.30 -19.91 -41.01
CA GLU D 93 29.35 -19.97 -40.93
C GLU D 93 28.00 -20.54 -40.50
N GLY D 94 27.26 -19.78 -39.70
CA GLY D 94 26.05 -20.32 -39.08
C GLY D 94 24.99 -20.75 -40.08
N ASP D 95 24.67 -19.86 -41.03
CA ASP D 95 23.61 -20.13 -41.99
C ASP D 95 24.07 -20.94 -43.18
N GLY D 96 25.17 -21.68 -43.05
CA GLY D 96 25.66 -22.52 -44.13
C GLY D 96 26.46 -21.82 -45.20
N THR D 97 26.61 -20.50 -45.11
CA THR D 97 27.40 -19.77 -46.10
C THR D 97 28.87 -20.16 -45.98
N GLN D 98 29.50 -20.44 -47.12
CA GLN D 98 30.86 -20.94 -47.16
C GLN D 98 31.79 -19.94 -47.82
N LEU D 99 33.04 -19.94 -47.38
CA LEU D 99 34.09 -19.11 -47.95
C LEU D 99 35.41 -19.82 -47.78
N GLN D 100 36.30 -19.63 -48.75
CA GLN D 100 37.60 -20.31 -48.74
C GLN D 100 38.65 -19.46 -48.04
N ALA D 101 39.55 -20.12 -47.32
CA ALA D 101 40.70 -19.49 -46.69
C ALA D 101 41.97 -20.04 -47.31
N MET D 102 42.90 -19.15 -47.63
CA MET D 102 44.17 -19.52 -48.26
C MET D 102 45.30 -19.12 -47.33
N ILE D 103 46.09 -20.10 -46.90
CA ILE D 103 47.18 -19.90 -45.96
C ILE D 103 48.48 -20.14 -46.74
N SER D 104 49.16 -19.05 -47.09
CA SER D 104 50.38 -19.13 -47.90
C SER D 104 51.58 -18.65 -47.08
N LEU D 105 52.74 -19.24 -47.38
CA LEU D 105 53.96 -18.88 -46.68
C LEU D 105 54.31 -17.41 -46.91
N ALA D 106 54.08 -16.91 -48.12
CA ALA D 106 54.47 -15.54 -48.46
C ALA D 106 53.57 -14.49 -47.83
N GLU D 107 52.50 -14.89 -47.15
CA GLU D 107 51.57 -13.94 -46.56
C GLU D 107 51.43 -14.07 -45.04
N VAL D 108 51.38 -15.29 -44.52
CA VAL D 108 51.23 -15.48 -43.08
C VAL D 108 52.56 -15.69 -42.37
N GLY D 109 53.63 -16.03 -43.09
CA GLY D 109 54.90 -16.31 -42.47
C GLY D 109 55.11 -17.80 -42.23
N GLN D 110 56.31 -18.12 -41.75
CA GLN D 110 56.67 -19.52 -41.55
C GLN D 110 55.96 -20.10 -40.33
N GLU D 111 55.96 -19.36 -39.23
CA GLU D 111 55.41 -19.89 -37.98
C GLU D 111 53.90 -20.02 -38.04
N ALA D 112 53.22 -19.03 -38.62
CA ALA D 112 51.77 -19.11 -38.75
C ALA D 112 51.35 -20.23 -39.69
N LEU D 113 52.12 -20.45 -40.76
CA LEU D 113 51.81 -21.54 -41.67
C LEU D 113 51.98 -22.89 -40.99
N ASP D 114 53.09 -23.09 -40.28
CA ASP D 114 53.33 -24.35 -39.59
C ASP D 114 52.31 -24.56 -38.48
N ASN D 115 51.90 -23.49 -37.79
CA ASN D 115 50.89 -23.62 -36.76
C ASN D 115 49.53 -23.97 -37.34
N TRP D 116 49.24 -23.50 -38.56
CA TRP D 116 47.98 -23.86 -39.21
C TRP D 116 47.94 -25.35 -39.53
N LYS D 117 49.01 -25.88 -40.12
CA LYS D 117 49.08 -27.31 -40.39
C LYS D 117 49.12 -28.14 -39.12
N THR D 118 49.47 -27.55 -37.98
CA THR D 118 49.66 -28.28 -36.75
C THR D 118 48.37 -28.40 -35.95
N TYR D 119 47.68 -27.28 -35.71
CA TYR D 119 46.57 -27.25 -34.76
C TYR D 119 45.19 -27.19 -35.39
N VAL D 120 45.08 -26.85 -36.68
CA VAL D 120 43.78 -26.70 -37.33
C VAL D 120 43.32 -28.05 -37.84
N ASP D 121 42.16 -28.49 -37.37
CA ASP D 121 41.52 -29.72 -37.82
C ASP D 121 40.13 -29.41 -38.36
N ILE D 122 39.57 -30.39 -39.08
CA ILE D 122 38.23 -30.24 -39.62
C ILE D 122 37.23 -30.16 -38.48
N GLY D 123 36.36 -29.17 -38.51
CA GLY D 123 35.39 -28.93 -37.46
C GLY D 123 35.75 -27.80 -36.52
N ASP D 124 37.01 -27.37 -36.52
CA ASP D 124 37.42 -26.26 -35.66
C ASP D 124 36.84 -24.95 -36.19
N ILE D 125 36.53 -24.05 -35.26
CA ILE D 125 36.14 -22.69 -35.58
C ILE D 125 37.38 -21.82 -35.47
N VAL D 126 37.73 -21.12 -36.56
CA VAL D 126 38.95 -20.35 -36.62
C VAL D 126 38.65 -18.93 -37.08
N PHE D 127 39.55 -18.01 -36.73
CA PHE D 127 39.52 -16.64 -37.21
C PHE D 127 40.61 -16.45 -38.25
N VAL D 128 40.24 -15.86 -39.38
CA VAL D 128 41.16 -15.63 -40.49
C VAL D 128 41.12 -14.15 -40.85
N HIS D 129 42.28 -13.51 -40.85
CA HIS D 129 42.42 -12.09 -41.19
C HIS D 129 43.25 -11.97 -42.46
N GLY D 130 42.70 -11.27 -43.45
CA GLY D 130 43.42 -11.10 -44.70
C GLY D 130 42.63 -10.28 -45.68
N GLU D 131 43.00 -10.41 -46.95
CA GLU D 131 42.38 -9.66 -48.05
C GLU D 131 41.45 -10.56 -48.85
N VAL D 132 40.28 -10.02 -49.19
CA VAL D 132 39.33 -10.76 -50.01
C VAL D 132 39.87 -10.84 -51.43
N ILE D 133 40.12 -12.05 -51.91
CA ILE D 133 40.69 -12.29 -53.24
C ILE D 133 39.90 -13.42 -53.90
N THR D 134 40.26 -13.71 -55.15
CA THR D 134 39.80 -14.89 -55.87
C THR D 134 41.02 -15.70 -56.29
N SER D 135 40.89 -17.03 -56.22
CA SER D 135 42.04 -17.90 -56.43
C SER D 135 42.29 -18.10 -57.92
N LYS D 136 43.09 -19.12 -58.26
CA LYS D 136 43.40 -19.40 -59.65
C LYS D 136 42.14 -19.85 -60.41
N ARG D 137 41.28 -20.61 -59.75
CA ARG D 137 40.03 -21.09 -60.34
C ARG D 137 38.86 -20.16 -60.08
N GLY D 138 39.12 -18.90 -59.72
CA GLY D 138 38.05 -17.97 -59.45
C GLY D 138 37.27 -18.24 -58.18
N GLU D 139 37.90 -18.89 -57.20
CA GLU D 139 37.24 -19.21 -55.94
C GLU D 139 37.38 -18.02 -54.99
N LEU D 140 36.25 -17.44 -54.59
CA LEU D 140 36.27 -16.32 -53.67
C LEU D 140 36.87 -16.74 -52.34
N SER D 141 37.95 -16.09 -51.94
CA SER D 141 38.72 -16.50 -50.77
C SER D 141 39.21 -15.28 -50.00
N VAL D 142 39.85 -15.55 -48.86
CA VAL D 142 40.50 -14.54 -48.05
C VAL D 142 41.98 -14.92 -47.98
N LEU D 143 42.83 -14.13 -48.64
CA LEU D 143 44.27 -14.35 -48.60
C LEU D 143 44.78 -13.93 -47.24
N ALA D 144 44.92 -14.90 -46.33
CA ALA D 144 45.23 -14.60 -44.95
C ALA D 144 46.64 -14.05 -44.79
N ASP D 145 46.79 -13.09 -43.87
CA ASP D 145 48.10 -12.69 -43.36
C ASP D 145 48.32 -13.13 -41.93
N SER D 146 47.27 -13.46 -41.20
CA SER D 146 47.35 -13.99 -39.84
C SER D 146 46.04 -14.72 -39.55
N TRP D 147 46.13 -15.70 -38.66
CA TRP D 147 44.96 -16.47 -38.26
C TRP D 147 44.99 -16.69 -36.75
N GLN D 148 43.87 -17.16 -36.22
CA GLN D 148 43.72 -17.35 -34.79
C GLN D 148 42.63 -18.38 -34.52
N MET D 149 42.90 -19.30 -33.60
CA MET D 149 41.92 -20.30 -33.24
C MET D 149 40.78 -19.67 -32.45
N ALA D 150 39.54 -19.99 -32.83
CA ALA D 150 38.36 -19.49 -32.12
C ALA D 150 37.71 -20.54 -31.23
N ALA D 151 37.75 -21.81 -31.64
CA ALA D 151 37.19 -22.89 -30.82
C ALA D 151 37.76 -24.20 -31.33
N LYS D 152 38.68 -24.79 -30.57
CA LYS D 152 39.25 -26.09 -30.95
C LYS D 152 38.22 -27.19 -30.72
N ALA D 153 37.84 -27.87 -31.79
CA ALA D 153 36.86 -28.94 -31.70
C ALA D 153 37.54 -30.24 -31.29
N LEU D 154 37.12 -30.81 -30.16
CA LEU D 154 37.66 -32.06 -29.70
C LEU D 154 37.04 -33.27 -30.40
N ARG D 155 35.87 -33.09 -31.01
CA ARG D 155 35.23 -34.13 -31.79
C ARG D 155 35.14 -33.72 -33.25
N PRO D 156 35.36 -34.64 -34.19
CA PRO D 156 35.24 -34.30 -35.60
C PRO D 156 33.80 -34.35 -36.08
N LEU D 157 33.54 -33.59 -37.14
CA LEU D 157 32.24 -33.63 -37.80
C LEU D 157 32.08 -34.97 -38.53
N PRO D 158 30.84 -35.35 -38.84
CA PRO D 158 30.64 -36.56 -39.65
C PRO D 158 31.36 -36.45 -40.99
N VAL D 159 31.86 -37.59 -41.46
CA VAL D 159 32.57 -37.62 -42.73
C VAL D 159 31.62 -37.20 -43.85
N ALA D 160 32.20 -36.72 -44.95
CA ALA D 160 31.40 -36.25 -46.07
C ALA D 160 30.58 -37.39 -46.67
N HIS D 161 29.34 -37.07 -47.03
CA HIS D 161 28.41 -38.01 -47.66
C HIS D 161 28.06 -39.18 -46.74
N LYS D 162 28.25 -39.02 -45.44
CA LYS D 162 27.84 -40.03 -44.46
C LYS D 162 26.49 -39.58 -43.90
N GLU D 163 25.43 -40.26 -44.34
CA GLU D 163 24.08 -39.86 -43.97
C GLU D 163 23.82 -40.16 -42.49
N MET D 164 23.34 -39.16 -41.76
CA MET D 164 22.97 -39.35 -40.37
C MET D 164 21.57 -39.96 -40.28
N SER D 165 21.40 -40.91 -39.38
CA SER D 165 20.10 -41.52 -39.17
C SER D 165 19.15 -40.55 -38.50
N GLU D 166 17.87 -40.92 -38.45
CA GLU D 166 16.87 -40.06 -37.84
C GLU D 166 17.09 -39.95 -36.32
N GLU D 167 17.56 -41.03 -35.69
CA GLU D 167 17.83 -40.96 -34.25
C GLU D 167 19.03 -40.09 -33.95
N SER D 168 20.04 -40.12 -34.82
CA SER D 168 21.23 -39.30 -34.60
C SER D 168 20.96 -37.83 -34.84
N ARG D 169 20.07 -37.50 -35.78
CA ARG D 169 19.70 -36.11 -36.00
C ARG D 169 19.01 -35.52 -34.78
N VAL D 170 18.16 -36.32 -34.12
CA VAL D 170 17.46 -35.83 -32.93
C VAL D 170 18.41 -35.79 -31.74
N ARG D 171 19.22 -36.82 -31.56
CA ARG D 171 20.14 -36.86 -30.42
C ARG D 171 21.16 -35.74 -30.48
N GLN D 172 21.59 -35.38 -31.69
CA GLN D 172 22.59 -34.32 -31.89
C GLN D 172 22.08 -33.38 -32.98
N ARG D 173 21.14 -32.51 -32.61
CA ARG D 173 20.62 -31.54 -33.55
C ARG D 173 21.68 -30.51 -33.94
N TYR D 174 22.56 -30.15 -33.01
CA TYR D 174 23.61 -29.18 -33.31
C TYR D 174 24.52 -29.68 -34.43
N VAL D 175 24.78 -30.98 -34.47
CA VAL D 175 25.52 -31.55 -35.59
C VAL D 175 24.65 -31.55 -36.85
N ASP D 176 23.38 -31.90 -36.70
CA ASP D 176 22.47 -31.92 -37.85
C ASP D 176 22.37 -30.54 -38.51
N LEU D 177 22.29 -29.49 -37.70
CA LEU D 177 22.21 -28.13 -38.24
C LEU D 177 23.49 -27.77 -39.00
N ILE D 178 24.63 -28.31 -38.60
CA ILE D 178 25.89 -27.95 -39.23
C ILE D 178 26.01 -28.59 -40.61
N VAL D 179 25.68 -29.87 -40.72
CA VAL D 179 25.99 -30.62 -41.93
C VAL D 179 24.84 -30.64 -42.92
N ARG D 180 23.59 -30.68 -42.44
CA ARG D 180 22.43 -30.82 -43.31
C ARG D 180 21.77 -29.46 -43.50
N ASP D 181 21.66 -29.04 -44.77
CA ASP D 181 21.07 -27.73 -45.06
C ASP D 181 19.57 -27.73 -44.82
N GLN D 182 18.90 -28.86 -45.05
CA GLN D 182 17.47 -28.94 -44.80
C GLN D 182 17.14 -28.77 -43.33
N ALA D 183 18.08 -29.13 -42.45
CA ALA D 183 17.86 -28.95 -41.01
C ALA D 183 17.78 -27.47 -40.65
N ARG D 184 18.58 -26.64 -41.30
CA ARG D 184 18.54 -25.20 -41.03
C ARG D 184 17.33 -24.54 -41.68
N LYS D 185 16.89 -25.04 -42.84
CA LYS D 185 15.72 -24.46 -43.49
C LYS D 185 14.46 -24.70 -42.68
N VAL D 186 14.29 -25.92 -42.16
CA VAL D 186 13.09 -26.23 -41.39
C VAL D 186 13.11 -25.51 -40.05
N ALA D 187 14.29 -25.41 -39.42
CA ALA D 187 14.39 -24.75 -38.13
C ALA D 187 14.00 -23.27 -38.24
N ARG D 188 14.49 -22.58 -39.28
CA ARG D 188 14.12 -21.19 -39.49
C ARG D 188 12.71 -21.04 -40.05
N GLN D 189 12.14 -22.08 -40.62
CA GLN D 189 10.75 -22.02 -41.05
C GLN D 189 9.81 -21.97 -39.85
N ARG D 190 10.09 -22.77 -38.83
CA ARG D 190 9.25 -22.76 -37.63
C ARG D 190 9.33 -21.44 -36.90
N ILE D 191 10.53 -20.84 -36.85
CA ILE D 191 10.68 -19.51 -36.28
C ILE D 191 9.86 -18.51 -37.06
N ALA D 192 9.82 -18.65 -38.39
CA ALA D 192 9.01 -17.77 -39.21
C ALA D 192 7.52 -18.03 -39.01
N VAL D 193 7.15 -19.27 -38.70
CA VAL D 193 5.74 -19.59 -38.47
C VAL D 193 5.25 -18.94 -37.18
N MET D 194 6.00 -19.10 -36.09
CA MET D 194 5.61 -18.50 -34.82
C MET D 194 5.51 -16.99 -34.94
N ARG D 195 6.47 -16.36 -35.64
CA ARG D 195 6.42 -14.92 -35.84
C ARG D 195 5.25 -14.51 -36.71
N ALA D 196 4.89 -15.34 -37.70
CA ALA D 196 3.76 -15.01 -38.56
C ALA D 196 2.43 -15.18 -37.82
N ILE D 197 2.35 -16.17 -36.92
CA ILE D 197 1.14 -16.37 -36.14
C ILE D 197 0.87 -15.17 -35.25
N ARG D 198 1.92 -14.70 -34.55
CA ARG D 198 1.76 -13.54 -33.68
C ARG D 198 1.45 -12.28 -34.48
N SER D 199 2.05 -12.14 -35.66
CA SER D 199 1.80 -10.95 -36.48
C SER D 199 0.39 -10.96 -37.06
N ALA D 200 -0.10 -12.13 -37.47
CA ALA D 200 -1.42 -12.20 -38.08
C ALA D 200 -2.51 -11.99 -37.03
N LEU D 201 -2.31 -12.49 -35.82
CA LEU D 201 -3.30 -12.34 -34.77
C LEU D 201 -3.26 -10.93 -34.16
N GLU D 202 -2.09 -10.28 -34.15
CA GLU D 202 -2.01 -8.95 -33.55
C GLU D 202 -2.68 -7.91 -34.44
N ARG D 203 -2.60 -8.07 -35.76
CA ARG D 203 -3.26 -7.14 -36.66
C ARG D 203 -4.77 -7.28 -36.62
N ARG D 204 -5.29 -8.35 -36.03
CA ARG D 204 -6.73 -8.56 -35.87
C ARG D 204 -7.24 -8.15 -34.49
N GLY D 205 -6.40 -7.48 -33.70
CA GLY D 205 -6.82 -7.01 -32.39
C GLY D 205 -6.57 -7.97 -31.25
N PHE D 206 -6.08 -9.17 -31.51
CA PHE D 206 -5.84 -10.14 -30.45
C PHE D 206 -4.63 -9.74 -29.62
N LEU D 207 -4.69 -10.05 -28.32
CA LEU D 207 -3.60 -9.79 -27.38
C LEU D 207 -3.06 -11.11 -26.87
N GLU D 208 -1.74 -11.25 -26.86
CA GLU D 208 -1.10 -12.43 -26.32
C GLU D 208 -0.95 -12.30 -24.81
N VAL D 209 -1.44 -13.30 -24.08
CA VAL D 209 -1.34 -13.32 -22.63
C VAL D 209 -0.68 -14.63 -22.21
N GLU D 210 -0.43 -14.74 -20.91
CA GLU D 210 0.23 -15.89 -20.32
C GLU D 210 -0.64 -16.44 -19.19
N THR D 211 -1.01 -17.70 -19.31
CA THR D 211 -1.75 -18.41 -18.27
C THR D 211 -0.86 -19.49 -17.65
N PRO D 212 -1.07 -19.84 -16.38
CA PRO D 212 -0.11 -20.71 -15.71
C PRO D 212 -0.06 -22.11 -16.31
N MET D 213 1.13 -22.71 -16.26
CA MET D 213 1.33 -24.08 -16.68
C MET D 213 1.28 -25.08 -15.52
N LEU D 214 1.66 -24.65 -14.32
CA LEU D 214 1.48 -25.44 -13.10
C LEU D 214 0.11 -25.12 -12.53
N GLN D 215 -0.80 -26.09 -12.60
CA GLN D 215 -2.18 -25.89 -12.17
C GLN D 215 -2.53 -26.88 -11.07
N THR D 216 -3.49 -26.49 -10.22
CA THR D 216 -4.00 -27.39 -9.21
C THR D 216 -4.99 -28.40 -9.79
N LEU D 217 -5.53 -28.14 -10.97
CA LEU D 217 -6.44 -29.06 -11.63
C LEU D 217 -6.29 -28.87 -13.14
N ALA D 218 -5.76 -29.86 -13.82
CA ALA D 218 -5.52 -29.77 -15.26
C ALA D 218 -6.81 -30.04 -16.02
N GLY D 219 -7.30 -29.03 -16.75
CA GLY D 219 -8.52 -29.16 -17.51
C GLY D 219 -8.44 -28.53 -18.88
N GLY D 220 -9.57 -28.45 -19.58
CA GLY D 220 -9.62 -27.85 -20.89
C GLY D 220 -9.38 -28.81 -22.04
N ALA D 221 -9.22 -30.10 -21.76
CA ALA D 221 -9.02 -31.12 -22.79
C ALA D 221 -9.23 -32.48 -22.14
N ALA D 222 -9.06 -33.53 -22.94
CA ALA D 222 -9.23 -34.91 -22.48
C ALA D 222 -7.89 -35.62 -22.65
N ALA D 223 -7.08 -35.62 -21.59
CA ALA D 223 -5.78 -36.26 -21.61
C ALA D 223 -5.29 -36.43 -20.18
N ARG D 224 -4.38 -37.39 -19.99
CA ARG D 224 -3.79 -37.62 -18.69
C ARG D 224 -2.68 -36.60 -18.44
N PRO D 225 -2.61 -36.03 -17.23
CA PRO D 225 -1.67 -34.93 -16.98
C PRO D 225 -0.35 -35.38 -16.37
N PHE D 226 0.65 -34.51 -16.45
CA PHE D 226 1.89 -34.70 -15.71
C PHE D 226 1.72 -34.20 -14.29
N VAL D 227 2.14 -35.00 -13.31
CA VAL D 227 2.00 -34.68 -11.90
C VAL D 227 3.38 -34.40 -11.32
N THR D 228 3.47 -33.35 -10.50
CA THR D 228 4.72 -32.99 -9.84
C THR D 228 4.42 -32.50 -8.43
N HIS D 229 5.41 -32.60 -7.56
CA HIS D 229 5.27 -32.24 -6.15
C HIS D 229 5.86 -30.85 -5.92
N SER D 230 5.11 -30.01 -5.21
CA SER D 230 5.57 -28.69 -4.83
C SER D 230 6.16 -28.75 -3.42
N ASN D 231 7.46 -28.48 -3.31
CA ASN D 231 8.12 -28.56 -2.00
C ASN D 231 7.62 -27.48 -1.05
N ALA D 232 7.20 -26.33 -1.58
CA ALA D 232 6.72 -25.26 -0.71
C ALA D 232 5.27 -25.46 -0.31
N LEU D 233 4.38 -25.67 -1.29
CA LEU D 233 2.96 -25.84 -1.00
C LEU D 233 2.66 -27.20 -0.40
N ASP D 234 3.57 -28.16 -0.50
CA ASP D 234 3.38 -29.52 0.00
C ASP D 234 2.11 -30.15 -0.60
N THR D 235 1.98 -30.02 -1.91
CA THR D 235 0.84 -30.58 -2.63
C THR D 235 1.31 -31.04 -4.01
N GLU D 236 0.44 -31.77 -4.69
CA GLU D 236 0.71 -32.26 -6.03
C GLU D 236 0.11 -31.29 -7.04
N LEU D 237 0.95 -30.72 -7.89
CA LEU D 237 0.51 -29.86 -8.97
C LEU D 237 0.44 -30.64 -10.28
N TYR D 238 -0.07 -29.98 -11.31
CA TYR D 238 -0.27 -30.62 -12.61
C TYR D 238 0.18 -29.69 -13.72
N LEU D 239 0.92 -30.23 -14.68
CA LEU D 239 1.18 -29.49 -15.91
C LEU D 239 -0.09 -29.39 -16.72
N ARG D 240 -0.32 -28.22 -17.31
CA ARG D 240 -1.57 -28.00 -18.03
C ARG D 240 -1.64 -28.86 -19.28
N ILE D 241 -2.83 -29.39 -19.55
CA ILE D 241 -3.09 -30.04 -20.83
C ILE D 241 -3.66 -29.07 -21.85
N ALA D 242 -4.16 -27.91 -21.41
CA ALA D 242 -4.71 -26.86 -22.25
C ALA D 242 -4.91 -25.61 -21.40
N PRO D 243 -4.83 -24.42 -21.99
CA PRO D 243 -5.07 -23.19 -21.21
C PRO D 243 -6.49 -22.69 -21.36
N GLU D 244 -7.42 -23.57 -21.75
CA GLU D 244 -8.77 -23.14 -22.10
C GLU D 244 -9.49 -22.53 -20.89
N LEU D 245 -9.48 -23.23 -19.77
CA LEU D 245 -10.24 -22.76 -18.60
C LEU D 245 -9.68 -21.47 -18.02
N PHE D 246 -8.40 -21.17 -18.23
CA PHE D 246 -7.84 -19.92 -17.77
C PHE D 246 -7.97 -18.80 -18.81
N LEU D 247 -7.90 -19.14 -20.09
CA LEU D 247 -8.18 -18.14 -21.13
C LEU D 247 -9.66 -17.74 -21.10
N LYS D 248 -10.53 -18.64 -20.65
CA LYS D 248 -11.93 -18.27 -20.47
C LYS D 248 -12.11 -17.29 -19.32
N ARG D 249 -11.27 -17.41 -18.29
CA ARG D 249 -11.26 -16.41 -17.22
C ARG D 249 -10.93 -15.03 -17.76
N CYS D 250 -10.08 -14.96 -18.78
CA CYS D 250 -9.75 -13.67 -19.40
C CYS D 250 -10.96 -13.06 -20.09
N LEU D 251 -11.84 -13.90 -20.64
CA LEU D 251 -13.08 -13.38 -21.24
C LEU D 251 -13.98 -12.75 -20.18
N VAL D 252 -14.14 -13.42 -19.04
CA VAL D 252 -14.92 -12.84 -17.94
C VAL D 252 -14.26 -11.56 -17.45
N GLY D 253 -12.93 -11.52 -17.46
CA GLY D 253 -12.20 -10.36 -17.00
C GLY D 253 -12.26 -9.17 -17.94
N GLY D 254 -12.49 -9.40 -19.23
CA GLY D 254 -12.64 -8.30 -20.15
C GLY D 254 -11.94 -8.47 -21.48
N PHE D 255 -10.97 -9.39 -21.56
CA PHE D 255 -10.22 -9.61 -22.79
C PHE D 255 -11.15 -10.12 -23.88
N GLU D 256 -11.52 -9.24 -24.82
CA GLU D 256 -12.41 -9.64 -25.91
C GLU D 256 -11.69 -10.49 -26.95
N ARG D 257 -10.47 -10.11 -27.32
CA ARG D 257 -9.68 -10.82 -28.32
C ARG D 257 -8.35 -11.19 -27.68
N VAL D 258 -8.21 -12.47 -27.32
CA VAL D 258 -7.07 -12.95 -26.56
C VAL D 258 -6.58 -14.25 -27.18
N PHE D 259 -5.27 -14.50 -27.05
CA PHE D 259 -4.71 -15.75 -27.53
C PHE D 259 -3.45 -16.07 -26.74
N GLU D 260 -3.08 -17.35 -26.76
CA GLU D 260 -1.87 -17.82 -26.10
C GLU D 260 -1.20 -18.85 -26.99
N LEU D 261 0.09 -18.64 -27.27
CA LEU D 261 0.88 -19.52 -28.12
C LEU D 261 2.06 -20.01 -27.29
N ASN D 262 1.90 -21.19 -26.69
CA ASN D 262 2.94 -21.71 -25.81
C ASN D 262 2.78 -23.23 -25.70
N ARG D 263 3.44 -23.82 -24.71
CA ARG D 263 3.50 -25.26 -24.60
CA ARG D 263 3.53 -25.27 -24.55
C ARG D 263 2.34 -25.81 -23.77
N VAL D 264 2.03 -27.09 -24.00
CA VAL D 264 1.07 -27.85 -23.23
C VAL D 264 1.63 -29.25 -23.05
N PHE D 265 1.18 -29.91 -21.99
CA PHE D 265 1.77 -31.18 -21.57
C PHE D 265 0.66 -32.21 -21.38
N ARG D 266 0.65 -33.24 -22.23
CA ARG D 266 -0.32 -34.32 -22.16
C ARG D 266 0.45 -35.63 -22.04
N ASN D 267 0.39 -36.25 -20.86
CA ASN D 267 1.21 -37.41 -20.52
C ASN D 267 0.59 -38.68 -21.11
N GLU D 268 0.73 -38.81 -22.43
CA GLU D 268 0.20 -39.96 -23.15
C GLU D 268 1.30 -40.50 -24.06
N GLY D 269 0.92 -41.35 -25.02
CA GLY D 269 1.90 -41.95 -25.91
C GLY D 269 2.35 -41.01 -27.01
N ALA D 270 3.52 -41.31 -27.55
CA ALA D 270 4.12 -40.51 -28.61
C ALA D 270 4.14 -41.31 -29.92
N ASP D 271 3.77 -40.65 -31.01
CA ASP D 271 3.77 -41.28 -32.31
C ASP D 271 4.06 -40.20 -33.36
N SER D 272 3.78 -40.51 -34.63
CA SER D 272 4.09 -39.58 -35.71
C SER D 272 3.25 -38.30 -35.65
N THR D 273 2.16 -38.29 -34.89
CA THR D 273 1.31 -37.12 -34.76
C THR D 273 1.14 -36.66 -33.33
N HIS D 274 1.78 -37.32 -32.36
CA HIS D 274 1.62 -36.98 -30.95
C HIS D 274 2.98 -36.83 -30.30
N SER D 275 3.15 -35.74 -29.54
CA SER D 275 4.33 -35.52 -28.71
C SER D 275 3.83 -35.06 -27.35
N PRO D 276 4.20 -35.73 -26.26
CA PRO D 276 3.68 -35.34 -24.94
C PRO D 276 3.90 -33.87 -24.61
N GLU D 277 5.02 -33.29 -25.04
CA GLU D 277 5.26 -31.86 -24.92
C GLU D 277 5.13 -31.26 -26.32
N PHE D 278 4.12 -30.43 -26.52
CA PHE D 278 3.88 -29.84 -27.84
C PHE D 278 3.30 -28.44 -27.67
N VAL D 279 3.41 -27.64 -28.73
CA VAL D 279 2.97 -26.26 -28.73
C VAL D 279 1.58 -26.18 -29.36
N MET D 280 0.74 -25.32 -28.80
CA MET D 280 -0.60 -25.11 -29.32
C MET D 280 -0.88 -23.62 -29.40
N LEU D 281 -1.92 -23.27 -30.16
CA LEU D 281 -2.44 -21.92 -30.23
C LEU D 281 -3.91 -21.97 -29.84
N GLU D 282 -4.29 -21.16 -28.86
CA GLU D 282 -5.68 -21.04 -28.43
C GLU D 282 -6.07 -19.56 -28.48
N THR D 283 -7.08 -19.26 -29.30
CA THR D 283 -7.60 -17.91 -29.44
C THR D 283 -9.03 -17.86 -28.93
N TYR D 284 -9.46 -16.67 -28.51
CA TYR D 284 -10.81 -16.47 -28.00
C TYR D 284 -11.30 -15.10 -28.41
N GLN D 285 -12.44 -15.06 -29.11
CA GLN D 285 -12.99 -13.84 -29.69
C GLN D 285 -14.39 -13.63 -29.15
N ALA D 286 -14.58 -12.54 -28.40
CA ALA D 286 -15.88 -12.25 -27.82
C ALA D 286 -16.87 -11.84 -28.90
N TYR D 287 -18.15 -12.20 -28.67
CA TYR D 287 -19.24 -11.85 -29.57
C TYR D 287 -19.04 -12.42 -30.98
N GLY D 288 -18.55 -13.66 -31.03
CA GLY D 288 -18.47 -14.40 -32.27
C GLY D 288 -18.89 -15.83 -32.05
N THR D 289 -19.13 -16.53 -33.15
CA THR D 289 -19.53 -17.93 -33.13
C THR D 289 -18.49 -18.77 -33.85
N TYR D 290 -18.69 -20.09 -33.81
CA TYR D 290 -17.75 -21.00 -34.47
C TYR D 290 -17.75 -20.80 -35.99
N ASP D 291 -18.76 -20.13 -36.54
CA ASP D 291 -18.72 -19.77 -37.95
C ASP D 291 -17.67 -18.69 -38.21
N ASP D 292 -17.53 -17.74 -37.28
CA ASP D 292 -16.55 -16.67 -37.45
C ASP D 292 -15.14 -17.17 -37.22
N SER D 293 -14.95 -18.06 -36.24
CA SER D 293 -13.62 -18.55 -35.91
C SER D 293 -13.09 -19.53 -36.95
N ALA D 294 -13.97 -20.14 -37.74
CA ALA D 294 -13.52 -21.02 -38.81
C ALA D 294 -12.91 -20.21 -39.96
N VAL D 295 -13.42 -19.02 -40.21
CA VAL D 295 -12.85 -18.17 -41.26
C VAL D 295 -11.50 -17.63 -40.84
N VAL D 296 -11.38 -17.16 -39.58
CA VAL D 296 -10.12 -16.62 -39.10
C VAL D 296 -9.04 -17.70 -39.09
N THR D 297 -9.40 -18.91 -38.67
CA THR D 297 -8.44 -20.01 -38.68
C THR D 297 -7.95 -20.31 -40.08
N ARG D 298 -8.84 -20.29 -41.07
CA ARG D 298 -8.44 -20.53 -42.45
C ARG D 298 -7.53 -19.41 -42.94
N GLU D 299 -7.93 -18.15 -42.73
CA GLU D 299 -7.11 -17.02 -43.15
C GLU D 299 -5.77 -17.01 -42.42
N LEU D 300 -5.76 -17.44 -41.15
CA LEU D 300 -4.52 -17.48 -40.39
C LEU D 300 -3.52 -18.45 -41.03
N ILE D 301 -3.97 -19.68 -41.30
CA ILE D 301 -3.08 -20.69 -41.86
C ILE D 301 -2.61 -20.27 -43.25
N GLN D 302 -3.50 -19.67 -44.04
CA GLN D 302 -3.11 -19.25 -45.39
C GLN D 302 -2.13 -18.08 -45.35
N GLU D 303 -2.25 -17.19 -44.36
CA GLU D 303 -1.28 -16.10 -44.23
C GLU D 303 0.05 -16.60 -43.68
N VAL D 304 0.02 -17.60 -42.81
CA VAL D 304 1.26 -18.19 -42.31
C VAL D 304 2.02 -18.86 -43.45
N ALA D 305 1.29 -19.52 -44.35
CA ALA D 305 1.94 -20.12 -45.52
C ALA D 305 2.56 -19.08 -46.42
N ASP D 306 1.93 -17.89 -46.52
CA ASP D 306 2.49 -16.83 -47.35
C ASP D 306 3.80 -16.31 -46.76
N GLU D 307 3.82 -16.06 -45.45
CA GLU D 307 4.98 -15.42 -44.84
C GLU D 307 6.11 -16.41 -44.58
N ALA D 308 5.78 -17.64 -44.17
CA ALA D 308 6.81 -18.60 -43.80
C ALA D 308 7.28 -19.45 -44.97
N ILE D 309 6.35 -19.88 -45.85
CA ILE D 309 6.70 -20.76 -46.96
C ILE D 309 6.78 -20.01 -48.29
N GLY D 310 6.25 -18.80 -48.37
CA GLY D 310 6.28 -18.04 -49.61
C GLY D 310 5.23 -18.42 -50.62
N THR D 311 4.42 -19.44 -50.35
CA THR D 311 3.39 -19.89 -51.27
C THR D 311 2.35 -20.69 -50.49
N ARG D 312 1.13 -20.71 -51.03
CA ARG D 312 0.07 -21.53 -50.47
C ARG D 312 0.02 -22.92 -51.09
N GLN D 313 0.91 -23.21 -52.03
CA GLN D 313 1.08 -24.54 -52.61
C GLN D 313 2.36 -25.11 -52.03
N VAL D 314 2.22 -25.75 -50.87
CA VAL D 314 3.40 -26.16 -50.07
C VAL D 314 4.10 -27.33 -50.76
N PRO D 315 5.41 -27.26 -50.98
CA PRO D 315 6.13 -28.41 -51.53
C PRO D 315 6.35 -29.47 -50.47
N LEU D 316 5.98 -30.69 -50.78
CA LEU D 316 6.09 -31.82 -49.89
C LEU D 316 7.32 -32.65 -50.25
N PRO D 317 7.89 -33.39 -49.28
CA PRO D 317 9.13 -34.11 -49.54
C PRO D 317 9.02 -35.20 -50.60
N ASP D 318 7.81 -35.68 -50.90
CA ASP D 318 7.63 -36.70 -51.91
C ASP D 318 7.44 -36.12 -53.31
N GLY D 319 7.90 -34.89 -53.54
CA GLY D 319 7.81 -34.27 -54.85
C GLY D 319 6.46 -33.67 -55.19
N THR D 320 5.40 -34.03 -54.48
CA THR D 320 4.08 -33.50 -54.77
C THR D 320 3.91 -32.12 -54.16
N VAL D 321 2.79 -31.48 -54.51
CA VAL D 321 2.46 -30.13 -54.03
C VAL D 321 1.03 -30.15 -53.52
N TYR D 322 0.84 -29.68 -52.29
CA TYR D 322 -0.45 -29.72 -51.62
C TYR D 322 -1.10 -28.33 -51.67
N ASP D 323 -2.36 -28.30 -52.10
CA ASP D 323 -3.07 -27.03 -52.27
C ASP D 323 -3.69 -26.61 -50.95
N LEU D 324 -3.37 -25.40 -50.50
CA LEU D 324 -3.93 -24.84 -49.27
C LEU D 324 -4.75 -23.58 -49.50
N ASP D 325 -4.73 -23.01 -50.70
CA ASP D 325 -5.44 -21.77 -50.97
C ASP D 325 -6.92 -22.03 -51.19
N GLY D 326 -7.68 -20.95 -51.33
CA GLY D 326 -9.09 -21.04 -51.65
C GLY D 326 -9.95 -21.35 -50.44
N GLU D 327 -11.25 -21.40 -50.69
CA GLU D 327 -12.21 -21.75 -49.64
C GLU D 327 -12.19 -23.25 -49.39
N TRP D 328 -12.51 -23.63 -48.15
CA TRP D 328 -12.48 -25.02 -47.72
C TRP D 328 -13.90 -25.49 -47.48
N GLU D 329 -14.16 -26.75 -47.83
CA GLU D 329 -15.51 -27.30 -47.75
C GLU D 329 -15.84 -27.68 -46.31
N SER D 330 -17.10 -27.45 -45.93
CA SER D 330 -17.59 -27.79 -44.61
C SER D 330 -18.68 -28.84 -44.72
N ILE D 331 -18.64 -29.83 -43.82
CA ILE D 331 -19.63 -30.89 -43.76
C ILE D 331 -20.07 -31.07 -42.32
N GLN D 332 -21.28 -31.57 -42.14
CA GLN D 332 -21.77 -31.92 -40.82
C GLN D 332 -21.49 -33.39 -40.54
N MET D 333 -21.34 -33.72 -39.26
CA MET D 333 -20.86 -35.05 -38.88
C MET D 333 -21.95 -36.11 -39.05
N TYR D 334 -23.17 -35.83 -38.60
CA TYR D 334 -24.22 -36.84 -38.67
C TYR D 334 -24.61 -37.18 -40.11
N PRO D 335 -24.85 -36.23 -41.02
CA PRO D 335 -25.18 -36.63 -42.40
C PRO D 335 -24.00 -37.21 -43.16
N SER D 336 -22.77 -36.74 -42.91
CA SER D 336 -21.62 -37.30 -43.62
C SER D 336 -21.37 -38.73 -43.21
N LEU D 337 -21.57 -39.05 -41.92
CA LEU D 337 -21.48 -40.44 -41.49
C LEU D 337 -22.66 -41.25 -42.01
N SER D 338 -23.84 -40.63 -42.08
CA SER D 338 -25.00 -41.32 -42.67
C SER D 338 -24.79 -41.57 -44.15
N GLU D 339 -24.18 -40.61 -44.86
CA GLU D 339 -23.87 -40.80 -46.26
C GLU D 339 -22.86 -41.92 -46.47
N ALA D 340 -21.91 -42.08 -45.53
CA ALA D 340 -20.89 -43.11 -45.68
C ALA D 340 -21.44 -44.50 -45.40
N LEU D 341 -22.50 -44.60 -44.59
CA LEU D 341 -23.06 -45.89 -44.22
C LEU D 341 -24.35 -46.23 -44.95
N GLY D 342 -24.96 -45.26 -45.64
CA GLY D 342 -26.24 -45.47 -46.30
C GLY D 342 -27.43 -45.44 -45.36
N GLU D 343 -27.22 -45.55 -44.06
CA GLU D 343 -28.29 -45.46 -43.08
C GLU D 343 -28.55 -44.00 -42.73
N GLU D 344 -29.40 -43.77 -41.74
CA GLU D 344 -29.68 -42.42 -41.22
C GLU D 344 -29.27 -42.39 -39.76
N ILE D 345 -28.08 -41.86 -39.50
CA ILE D 345 -27.57 -41.73 -38.13
C ILE D 345 -27.93 -40.33 -37.62
N THR D 346 -28.68 -40.29 -36.52
CA THR D 346 -29.17 -39.06 -35.92
C THR D 346 -28.76 -39.03 -34.46
N PRO D 347 -28.90 -37.88 -33.80
CA PRO D 347 -28.73 -37.87 -32.33
C PRO D 347 -29.67 -38.81 -31.62
N ASP D 348 -30.83 -39.10 -32.21
CA ASP D 348 -31.79 -40.05 -31.64
C ASP D 348 -31.41 -41.50 -31.89
N THR D 349 -30.34 -41.76 -32.64
CA THR D 349 -29.93 -43.13 -32.93
C THR D 349 -29.50 -43.82 -31.63
N PRO D 350 -30.11 -44.95 -31.28
CA PRO D 350 -29.73 -45.64 -30.03
C PRO D 350 -28.29 -46.13 -30.09
N ALA D 351 -27.67 -46.21 -28.92
CA ALA D 351 -26.30 -46.70 -28.84
C ALA D 351 -26.21 -48.18 -29.19
N GLU D 352 -27.29 -48.94 -28.97
CA GLU D 352 -27.29 -50.36 -29.28
C GLU D 352 -27.10 -50.59 -30.78
N THR D 353 -27.71 -49.74 -31.61
CA THR D 353 -27.54 -49.87 -33.05
C THR D 353 -26.11 -49.53 -33.45
N LEU D 354 -25.55 -48.47 -32.89
CA LEU D 354 -24.20 -48.05 -33.27
C LEU D 354 -23.14 -49.02 -32.77
N TRP D 355 -23.40 -49.71 -31.65
CA TRP D 355 -22.45 -50.72 -31.19
C TRP D 355 -22.31 -51.86 -32.20
N ALA D 356 -23.43 -52.29 -32.78
CA ALA D 356 -23.37 -53.35 -33.79
C ALA D 356 -22.71 -52.88 -35.07
N ILE D 357 -22.84 -51.58 -35.40
CA ILE D 357 -22.21 -51.06 -36.60
C ILE D 357 -20.70 -51.13 -36.47
N ALA D 358 -20.15 -50.78 -35.30
CA ALA D 358 -18.72 -50.88 -35.09
C ALA D 358 -18.24 -52.32 -35.23
N ASP D 359 -19.06 -53.28 -34.80
CA ASP D 359 -18.71 -54.69 -35.00
C ASP D 359 -18.88 -55.09 -36.46
N ARG D 360 -19.94 -54.60 -37.11
CA ARG D 360 -20.14 -54.91 -38.52
C ARG D 360 -19.07 -54.27 -39.40
N LEU D 361 -18.68 -53.04 -39.07
CA LEU D 361 -17.61 -52.35 -39.79
C LEU D 361 -16.22 -52.87 -39.41
N GLY D 362 -16.13 -53.83 -38.49
CA GLY D 362 -14.85 -54.36 -38.08
C GLY D 362 -14.07 -53.50 -37.13
N LEU D 363 -14.57 -52.31 -36.79
CA LEU D 363 -13.85 -51.42 -35.88
C LEU D 363 -13.87 -51.98 -34.46
N ASP D 364 -12.72 -51.94 -33.80
CA ASP D 364 -12.57 -52.44 -32.44
C ASP D 364 -12.61 -51.24 -31.49
N ILE D 365 -13.79 -50.96 -30.97
CA ILE D 365 -14.00 -49.89 -29.99
C ILE D 365 -14.14 -50.52 -28.61
N PRO D 366 -13.44 -50.00 -27.59
CA PRO D 366 -13.52 -50.63 -26.26
C PRO D 366 -14.92 -50.48 -25.67
N ARG D 367 -15.45 -51.59 -25.15
CA ARG D 367 -16.75 -51.62 -24.53
C ARG D 367 -16.67 -51.44 -23.01
N ASP D 368 -15.49 -51.16 -22.46
CA ASP D 368 -15.30 -51.01 -21.03
C ASP D 368 -15.07 -49.57 -20.57
N ARG D 369 -14.69 -48.67 -21.47
CA ARG D 369 -14.38 -47.30 -21.08
C ARG D 369 -15.62 -46.48 -20.73
N GLY D 370 -16.82 -47.01 -20.96
CA GLY D 370 -18.02 -46.26 -20.68
C GLY D 370 -18.48 -45.35 -21.80
N TYR D 371 -18.17 -45.68 -23.05
CA TYR D 371 -18.59 -44.86 -24.17
C TYR D 371 -20.07 -45.06 -24.46
N GLY D 372 -20.66 -44.08 -25.13
CA GLY D 372 -22.08 -44.08 -25.45
C GLY D 372 -22.32 -43.70 -26.89
N HIS D 373 -23.43 -42.97 -27.10
CA HIS D 373 -23.80 -42.55 -28.45
C HIS D 373 -22.75 -41.63 -29.06
N GLY D 374 -22.35 -40.59 -28.33
CA GLY D 374 -21.45 -39.60 -28.90
C GLY D 374 -20.11 -40.19 -29.31
N LYS D 375 -19.50 -40.98 -28.41
CA LYS D 375 -18.22 -41.60 -28.74
C LYS D 375 -18.34 -42.59 -29.88
N LEU D 376 -19.50 -43.24 -30.00
CA LEU D 376 -19.71 -44.18 -31.11
C LEU D 376 -19.79 -43.44 -32.44
N VAL D 377 -20.56 -42.35 -32.49
CA VAL D 377 -20.65 -41.56 -33.72
C VAL D 377 -19.31 -40.93 -34.05
N GLU D 378 -18.53 -40.56 -33.03
CA GLU D 378 -17.25 -39.89 -33.27
C GLU D 378 -16.18 -40.88 -33.74
N GLU D 379 -16.20 -42.11 -33.21
CA GLU D 379 -15.24 -43.11 -33.65
C GLU D 379 -15.59 -43.68 -35.01
N LEU D 380 -16.89 -43.90 -35.27
CA LEU D 380 -17.32 -44.40 -36.57
C LEU D 380 -17.07 -43.38 -37.68
N TRP D 381 -17.10 -42.08 -37.33
CA TRP D 381 -16.92 -41.05 -38.36
C TRP D 381 -15.46 -40.98 -38.81
N GLU D 382 -14.52 -41.13 -37.88
CA GLU D 382 -13.11 -41.00 -38.21
C GLU D 382 -12.64 -42.11 -39.15
N HIS D 383 -13.22 -43.30 -39.03
CA HIS D 383 -12.89 -44.44 -39.90
C HIS D 383 -13.65 -44.42 -41.21
N THR D 384 -14.91 -43.98 -41.20
CA THR D 384 -15.70 -43.97 -42.43
C THR D 384 -15.44 -42.73 -43.27
N VAL D 385 -15.13 -41.60 -42.63
CA VAL D 385 -14.97 -40.34 -43.35
C VAL D 385 -13.65 -39.68 -42.99
N GLY D 386 -13.33 -39.68 -41.69
CA GLY D 386 -12.18 -38.91 -41.23
C GLY D 386 -10.86 -39.35 -41.84
N ALA D 387 -10.63 -40.66 -41.91
CA ALA D 387 -9.38 -41.17 -42.46
C ALA D 387 -9.32 -41.09 -43.98
N LYS D 388 -10.40 -40.69 -44.64
CA LYS D 388 -10.45 -40.57 -46.09
C LYS D 388 -10.41 -39.12 -46.55
N LEU D 389 -10.25 -38.17 -45.64
CA LEU D 389 -10.21 -36.76 -45.98
C LEU D 389 -8.77 -36.34 -46.30
N TRP D 390 -8.60 -35.64 -47.42
CA TRP D 390 -7.29 -35.17 -47.84
C TRP D 390 -7.24 -33.65 -47.94
N ALA D 391 -8.12 -33.03 -48.75
CA ALA D 391 -8.16 -31.59 -48.86
C ALA D 391 -8.57 -30.98 -47.51
N PRO D 392 -8.26 -29.70 -47.29
CA PRO D 392 -8.70 -29.04 -46.05
C PRO D 392 -10.22 -29.04 -45.96
N THR D 393 -10.74 -29.61 -44.88
CA THR D 393 -12.17 -29.80 -44.72
C THR D 393 -12.56 -29.57 -43.28
N PHE D 394 -13.64 -28.81 -43.08
CA PHE D 394 -14.25 -28.65 -41.76
C PHE D 394 -15.33 -29.72 -41.56
N VAL D 395 -15.42 -30.22 -40.34
CA VAL D 395 -16.53 -31.08 -39.93
C VAL D 395 -17.13 -30.48 -38.66
N LYS D 396 -18.39 -30.06 -38.74
CA LYS D 396 -19.03 -29.32 -37.67
C LYS D 396 -20.24 -30.09 -37.12
N ASP D 397 -20.80 -29.55 -36.04
CA ASP D 397 -21.97 -30.09 -35.37
C ASP D 397 -21.69 -31.50 -34.84
N PHE D 398 -21.10 -31.58 -33.62
CA PHE D 398 -20.67 -32.72 -32.83
C PHE D 398 -21.71 -33.07 -31.77
N PRO D 399 -21.77 -34.33 -31.36
CA PRO D 399 -22.71 -34.72 -30.30
C PRO D 399 -22.34 -34.06 -28.97
N VAL D 400 -23.35 -33.97 -28.10
CA VAL D 400 -23.18 -33.22 -26.85
C VAL D 400 -22.36 -34.01 -25.83
N GLU D 401 -22.35 -35.33 -25.94
CA GLU D 401 -21.66 -36.15 -24.95
C GLU D 401 -20.15 -35.96 -25.00
N THR D 402 -19.59 -35.71 -26.19
CA THR D 402 -18.14 -35.63 -26.38
C THR D 402 -17.61 -34.20 -26.38
N THR D 403 -18.48 -33.20 -26.24
CA THR D 403 -18.09 -31.79 -26.24
C THR D 403 -18.63 -31.13 -24.98
N PRO D 404 -17.96 -31.33 -23.85
CA PRO D 404 -18.50 -30.80 -22.59
C PRO D 404 -18.43 -29.29 -22.48
N LEU D 405 -17.45 -28.66 -23.10
CA LEU D 405 -17.25 -27.22 -23.01
C LEU D 405 -17.81 -26.47 -24.20
N THR D 406 -18.54 -27.15 -25.09
CA THR D 406 -19.09 -26.53 -26.28
C THR D 406 -20.59 -26.29 -26.10
N ARG D 407 -21.04 -25.12 -26.55
CA ARG D 407 -22.45 -24.78 -26.44
C ARG D 407 -23.29 -25.60 -27.42
N SER D 408 -24.53 -25.91 -27.00
CA SER D 408 -25.46 -26.60 -27.89
C SER D 408 -25.76 -25.75 -29.10
N HIS D 409 -26.14 -26.42 -30.19
CA HIS D 409 -26.41 -25.71 -31.44
C HIS D 409 -27.61 -24.78 -31.26
N ARG D 410 -27.54 -23.63 -31.94
CA ARG D 410 -28.59 -22.62 -31.80
C ARG D 410 -29.93 -23.10 -32.33
N SER D 411 -29.95 -24.14 -33.15
CA SER D 411 -31.20 -24.63 -33.74
C SER D 411 -31.28 -26.14 -33.88
N ILE D 412 -30.18 -26.84 -34.15
CA ILE D 412 -30.21 -28.29 -34.35
C ILE D 412 -30.13 -28.97 -32.99
N PRO D 413 -31.07 -29.87 -32.66
CA PRO D 413 -31.03 -30.54 -31.36
C PRO D 413 -30.02 -31.68 -31.34
N GLY D 414 -29.48 -31.91 -30.14
CA GLY D 414 -28.57 -33.01 -29.92
C GLY D 414 -27.15 -32.81 -30.38
N VAL D 415 -26.83 -31.66 -30.97
CA VAL D 415 -25.47 -31.39 -31.45
C VAL D 415 -24.98 -30.08 -30.85
N THR D 416 -23.67 -29.88 -30.92
CA THR D 416 -23.01 -28.70 -30.40
C THR D 416 -22.25 -28.00 -31.52
N GLU D 417 -22.00 -26.70 -31.32
CA GLU D 417 -21.35 -25.87 -32.34
C GLU D 417 -19.84 -25.99 -32.20
N LYS D 418 -19.30 -27.08 -32.76
CA LYS D 418 -17.87 -27.33 -32.76
C LYS D 418 -17.47 -27.82 -34.14
N TRP D 419 -16.38 -27.28 -34.68
CA TRP D 419 -15.84 -27.74 -35.95
C TRP D 419 -14.43 -28.28 -35.75
N ASP D 420 -14.08 -29.29 -36.55
CA ASP D 420 -12.75 -29.85 -36.58
C ASP D 420 -12.18 -29.67 -37.98
N LEU D 421 -10.96 -29.14 -38.06
CA LEU D 421 -10.28 -28.89 -39.32
C LEU D 421 -9.31 -30.04 -39.59
N TYR D 422 -9.58 -30.82 -40.63
CA TYR D 422 -8.74 -31.94 -41.02
C TYR D 422 -7.95 -31.59 -42.27
N VAL D 423 -6.63 -31.78 -42.20
CA VAL D 423 -5.73 -31.52 -43.32
C VAL D 423 -4.85 -32.74 -43.49
N ARG D 424 -5.01 -33.43 -44.61
CA ARG D 424 -4.27 -34.66 -44.92
C ARG D 424 -4.41 -35.68 -43.80
N ARG D 425 -5.68 -36.02 -43.51
CA ARG D 425 -6.09 -37.01 -42.52
C ARG D 425 -5.69 -36.65 -41.10
N ILE D 426 -5.22 -35.44 -40.86
CA ILE D 426 -4.73 -35.02 -39.55
C ILE D 426 -5.61 -33.90 -39.03
N GLU D 427 -6.05 -34.01 -37.78
CA GLU D 427 -6.82 -32.95 -37.13
C GLU D 427 -5.89 -31.79 -36.80
N LEU D 428 -6.04 -30.69 -37.54
CA LEU D 428 -5.16 -29.54 -37.35
C LEU D 428 -5.68 -28.59 -36.29
N ALA D 429 -6.92 -28.12 -36.44
CA ALA D 429 -7.48 -27.12 -35.55
C ALA D 429 -8.91 -27.49 -35.18
N THR D 430 -9.41 -26.85 -34.13
CA THR D 430 -10.79 -27.01 -33.67
C THR D 430 -11.30 -25.67 -33.17
N GLY D 431 -12.62 -25.53 -33.16
CA GLY D 431 -13.23 -24.30 -32.72
C GLY D 431 -14.64 -24.48 -32.17
N TYR D 432 -14.93 -23.83 -31.05
CA TYR D 432 -16.23 -23.92 -30.40
C TYR D 432 -16.96 -22.59 -30.47
N SER D 433 -18.28 -22.67 -30.38
CA SER D 433 -19.10 -21.59 -29.84
C SER D 433 -19.18 -21.86 -28.34
N GLU D 434 -18.48 -21.05 -27.54
CA GLU D 434 -18.21 -21.43 -26.16
C GLU D 434 -19.48 -21.48 -25.33
N LEU D 435 -19.55 -22.49 -24.47
CA LEU D 435 -20.67 -22.62 -23.54
C LEU D 435 -20.52 -21.61 -22.41
N THR D 436 -21.48 -20.68 -22.32
CA THR D 436 -21.44 -19.64 -21.32
C THR D 436 -22.42 -19.84 -20.17
N ASP D 437 -23.40 -20.72 -20.35
CA ASP D 437 -24.39 -20.99 -19.31
C ASP D 437 -23.76 -21.71 -18.14
N PRO D 438 -23.65 -21.10 -16.95
CA PRO D 438 -23.02 -21.81 -15.83
C PRO D 438 -23.82 -22.99 -15.33
N ILE D 439 -25.15 -22.94 -15.44
CA ILE D 439 -25.97 -24.06 -14.98
C ILE D 439 -25.80 -25.26 -15.89
N ILE D 440 -25.81 -25.04 -17.20
CA ILE D 440 -25.61 -26.13 -18.15
C ILE D 440 -24.18 -26.66 -18.07
N GLN D 441 -23.21 -25.76 -17.88
CA GLN D 441 -21.81 -26.19 -17.80
C GLN D 441 -21.59 -27.09 -16.60
N ARG D 442 -22.25 -26.82 -15.47
CA ARG D 442 -22.16 -27.72 -14.34
C ARG D 442 -22.76 -29.08 -14.66
N GLU D 443 -23.85 -29.10 -15.43
CA GLU D 443 -24.42 -30.37 -15.86
C GLU D 443 -23.47 -31.13 -16.76
N ARG D 444 -22.68 -30.42 -17.57
CA ARG D 444 -21.69 -31.08 -18.42
C ARG D 444 -20.59 -31.72 -17.58
N PHE D 445 -20.12 -31.00 -16.55
CA PHE D 445 -19.08 -31.55 -15.68
C PHE D 445 -19.61 -32.73 -14.87
N GLU D 446 -20.88 -32.67 -14.45
CA GLU D 446 -21.47 -33.80 -13.75
C GLU D 446 -21.58 -35.03 -14.64
N ALA D 447 -21.82 -34.83 -15.94
CA ALA D 447 -21.82 -35.95 -16.87
C ALA D 447 -20.40 -36.47 -17.12
N GLN D 448 -19.41 -35.58 -17.11
CA GLN D 448 -18.02 -36.02 -17.26
C GLN D 448 -17.57 -36.83 -16.06
N ALA D 449 -17.87 -36.36 -14.84
CA ALA D 449 -17.57 -37.14 -13.66
C ALA D 449 -18.37 -38.44 -13.63
N ARG D 450 -19.56 -38.43 -14.22
CA ARG D 450 -20.36 -39.65 -14.32
C ARG D 450 -19.68 -40.67 -15.22
N ALA D 451 -19.14 -40.21 -16.36
CA ALA D 451 -18.41 -41.11 -17.25
C ALA D 451 -17.12 -41.59 -16.62
N ALA D 452 -16.48 -40.75 -15.80
CA ALA D 452 -15.25 -41.16 -15.12
C ALA D 452 -15.50 -42.33 -14.18
N ALA D 453 -16.69 -42.40 -13.59
CA ALA D 453 -17.04 -43.54 -12.75
C ALA D 453 -17.36 -44.78 -13.56
N ALA D 454 -17.67 -44.62 -14.84
CA ALA D 454 -17.94 -45.75 -15.73
C ALA D 454 -16.68 -46.31 -16.38
N GLY D 455 -15.51 -45.77 -16.06
CA GLY D 455 -14.25 -46.24 -16.61
C GLY D 455 -13.57 -45.29 -17.55
N ASP D 456 -14.11 -44.10 -17.78
CA ASP D 456 -13.53 -43.14 -18.71
C ASP D 456 -12.46 -42.34 -17.96
N ASP D 457 -11.19 -42.69 -18.19
CA ASP D 457 -10.10 -41.96 -17.55
C ASP D 457 -9.83 -40.63 -18.23
N GLU D 458 -10.14 -40.51 -19.52
CA GLU D 458 -9.93 -39.27 -20.25
C GLU D 458 -10.94 -38.18 -19.88
N ALA D 459 -11.98 -38.51 -19.12
CA ALA D 459 -13.04 -37.55 -18.85
C ALA D 459 -12.52 -36.38 -18.00
N MET D 460 -13.18 -35.25 -18.13
CA MET D 460 -12.78 -34.05 -17.41
C MET D 460 -13.32 -34.07 -15.98
N ALA D 461 -12.66 -33.31 -15.11
CA ALA D 461 -13.07 -33.17 -13.72
C ALA D 461 -13.83 -31.87 -13.53
N LEU D 462 -14.77 -31.89 -12.58
CA LEU D 462 -15.57 -30.72 -12.29
C LEU D 462 -14.71 -29.64 -11.65
N ASP D 463 -14.57 -28.50 -12.34
CA ASP D 463 -13.73 -27.40 -11.87
C ASP D 463 -14.63 -26.34 -11.25
N GLU D 464 -14.69 -26.33 -9.91
CA GLU D 464 -15.49 -25.34 -9.22
C GLU D 464 -14.96 -23.94 -9.42
N ASP D 465 -13.63 -23.78 -9.47
CA ASP D 465 -13.05 -22.46 -9.65
CA ASP D 465 -13.04 -22.46 -9.66
C ASP D 465 -13.36 -21.90 -11.03
N PHE D 466 -13.47 -22.77 -12.05
CA PHE D 466 -13.86 -22.30 -13.37
C PHE D 466 -15.36 -22.05 -13.45
N LEU D 467 -16.16 -22.89 -12.79
CA LEU D 467 -17.60 -22.66 -12.74
C LEU D 467 -17.94 -21.36 -12.02
N ALA D 468 -17.15 -21.00 -11.00
CA ALA D 468 -17.38 -19.74 -10.30
C ALA D 468 -17.13 -18.55 -11.22
N ALA D 469 -16.14 -18.65 -12.11
CA ALA D 469 -15.86 -17.57 -13.04
C ALA D 469 -16.99 -17.41 -14.06
N LEU D 470 -17.56 -18.53 -14.51
CA LEU D 470 -18.69 -18.46 -15.43
C LEU D 470 -19.91 -17.83 -14.76
N GLU D 471 -20.09 -18.09 -13.46
CA GLU D 471 -21.24 -17.54 -12.74
C GLU D 471 -21.17 -16.03 -12.55
N TYR D 472 -20.03 -15.41 -12.86
CA TYR D 472 -19.94 -13.96 -12.89
C TYR D 472 -20.36 -13.38 -14.23
N GLY D 473 -20.48 -14.21 -15.26
CA GLY D 473 -20.92 -13.73 -16.57
C GLY D 473 -19.81 -13.72 -17.58
N MET D 474 -19.88 -14.63 -18.55
CA MET D 474 -18.97 -14.66 -19.69
C MET D 474 -19.74 -14.34 -20.96
N PRO D 475 -19.28 -13.39 -21.75
CA PRO D 475 -19.99 -12.99 -22.97
C PRO D 475 -20.01 -14.13 -23.96
N PRO D 476 -21.00 -14.16 -24.86
CA PRO D 476 -20.96 -15.14 -25.96
C PRO D 476 -19.71 -14.95 -26.79
N SER D 477 -19.04 -16.04 -27.11
CA SER D 477 -17.73 -15.95 -27.73
C SER D 477 -17.40 -17.27 -28.40
N THR D 478 -16.36 -17.24 -29.23
CA THR D 478 -15.87 -18.43 -29.90
C THR D 478 -14.38 -18.58 -29.64
N GLY D 479 -13.95 -19.81 -29.44
CA GLY D 479 -12.55 -20.09 -29.18
C GLY D 479 -12.04 -21.16 -30.12
N THR D 480 -10.73 -21.12 -30.36
CA THR D 480 -10.07 -22.05 -31.26
C THR D 480 -8.89 -22.72 -30.57
N GLY D 481 -8.50 -23.84 -31.12
CA GLY D 481 -7.27 -24.51 -30.73
C GLY D 481 -6.61 -25.12 -31.94
N MET D 482 -5.28 -25.12 -31.93
CA MET D 482 -4.53 -25.62 -33.08
C MET D 482 -3.14 -26.05 -32.64
N GLY D 483 -2.77 -27.28 -33.01
CA GLY D 483 -1.42 -27.75 -32.75
C GLY D 483 -0.45 -27.21 -33.77
N ILE D 484 0.47 -26.35 -33.33
CA ILE D 484 1.40 -25.73 -34.25
C ILE D 484 2.39 -26.76 -34.80
N ASP D 485 2.67 -27.81 -34.02
CA ASP D 485 3.48 -28.90 -34.52
C ASP D 485 2.81 -29.55 -35.73
N ARG D 486 1.51 -29.82 -35.63
CA ARG D 486 0.77 -30.34 -36.76
C ARG D 486 0.63 -29.30 -37.86
N LEU D 487 0.65 -28.01 -37.50
CA LEU D 487 0.68 -26.96 -38.52
C LEU D 487 1.98 -27.02 -39.30
N MET D 488 3.10 -27.27 -38.63
CA MET D 488 4.37 -27.46 -39.32
C MET D 488 4.31 -28.66 -40.25
N MET D 489 3.67 -29.75 -39.80
CA MET D 489 3.51 -30.92 -40.66
C MET D 489 2.68 -30.59 -41.88
N THR D 490 1.65 -29.75 -41.72
CA THR D 490 0.82 -29.35 -42.86
C THR D 490 1.61 -28.53 -43.87
N LEU D 491 2.44 -27.61 -43.39
CA LEU D 491 3.16 -26.70 -44.27
C LEU D 491 4.40 -27.33 -44.90
N THR D 492 4.94 -28.39 -44.30
CA THR D 492 6.19 -28.99 -44.78
C THR D 492 6.06 -30.45 -45.17
N GLY D 493 5.13 -31.20 -44.56
CA GLY D 493 5.03 -32.62 -44.83
C GLY D 493 5.98 -33.48 -44.03
N LEU D 494 6.65 -32.92 -43.04
CA LEU D 494 7.63 -33.64 -42.23
C LEU D 494 6.95 -34.20 -40.97
N SER D 495 7.65 -35.14 -40.34
CA SER D 495 7.15 -35.73 -39.10
C SER D 495 7.15 -34.70 -37.98
N ILE D 496 6.39 -35.00 -36.92
CA ILE D 496 6.25 -34.05 -35.82
C ILE D 496 7.57 -33.88 -35.08
N ARG D 497 8.44 -34.90 -35.10
CA ARG D 497 9.72 -34.80 -34.43
C ARG D 497 10.73 -33.98 -35.22
N GLU D 498 10.62 -34.00 -36.55
CA GLU D 498 11.52 -33.25 -37.43
C GLU D 498 11.25 -31.75 -37.44
N THR D 499 10.19 -31.30 -36.76
CA THR D 499 9.85 -29.89 -36.72
C THR D 499 10.28 -29.20 -35.44
N VAL D 500 10.59 -29.96 -34.38
CA VAL D 500 11.08 -29.41 -33.12
C VAL D 500 12.60 -29.51 -33.11
N LEU D 501 13.24 -28.48 -32.54
CA LEU D 501 14.70 -28.44 -32.53
C LEU D 501 15.28 -29.59 -31.69
N PHE D 502 14.86 -29.68 -30.43
CA PHE D 502 15.39 -30.69 -29.51
C PHE D 502 14.24 -31.50 -28.93
N PRO D 503 13.66 -32.41 -29.70
CA PRO D 503 12.63 -33.29 -29.13
C PRO D 503 13.23 -34.35 -28.23
N ILE D 504 12.94 -34.28 -26.92
CA ILE D 504 13.40 -35.31 -26.01
C ILE D 504 12.77 -36.63 -26.43
N VAL D 505 13.60 -37.62 -26.73
CA VAL D 505 13.15 -38.89 -27.27
C VAL D 505 13.94 -40.02 -26.63
N LYS D 506 13.35 -41.21 -26.65
CA LYS D 506 13.98 -42.40 -26.10
C LYS D 506 14.99 -42.96 -27.08
N LYS E . 8.77 16.87 32.70
CA LYS E . 8.95 18.05 33.53
C LYS E . 8.04 17.97 34.76
O LYS E . 6.99 17.26 34.72
CB LYS E . 8.66 19.32 32.73
CG LYS E . 9.66 19.46 31.58
CD LYS E . 11.00 19.93 32.12
CE LYS E . 11.90 20.34 30.96
NZ LYS E . 12.32 19.17 30.21
OXT LYS E . 8.32 18.62 35.79
O4 KRS F . 0.40 22.02 39.82
C8 KRS F . 1.29 21.24 39.94
C9 KRS F . 1.18 19.85 40.42
C5 KRS F . 2.31 19.06 40.59
C4 KRS F . 2.20 17.75 41.04
C3 KRS F . 0.96 17.23 41.33
O2 KRS F . 0.78 15.95 41.79
C2 KRS F . -0.17 18.00 41.17
C1 KRS F . -0.08 19.30 40.72
O1 KRS F . -1.18 20.06 40.56
O3 KRS F . 2.55 21.66 39.60
C7 KRS F . 3.61 20.73 39.23
C6 KRS F . 3.68 19.61 40.28
C10 KRS F . 4.95 21.44 39.06
C11 KRS F . 4.94 22.58 38.04
O5 KRS F . 4.48 21.96 36.82
C12 KRS F . 5.34 21.01 36.16
C16 KRS F . 4.72 20.50 34.86
C13 KRS F . 6.75 21.60 35.96
C14 KRS F . 6.78 23.08 36.38
C15 KRS F . 6.32 23.23 37.83
N LYS G . 20.88 -19.57 -17.10
CA LYS G . 21.06 -18.39 -16.29
C LYS G . 20.09 -18.41 -15.11
O LYS G . 19.09 -19.17 -15.13
CB LYS G . 20.85 -17.12 -17.12
CG LYS G . 21.75 -17.16 -18.34
CD LYS G . 23.17 -16.76 -17.94
CE LYS G . 24.04 -16.63 -19.18
NZ LYS G . 24.44 -17.94 -19.64
OXT LYS G . 20.30 -17.67 -14.10
O4 KRS H . 12.21 -14.17 -10.58
C8 KRS H . 13.16 -14.86 -10.34
C9 KRS H . 13.14 -16.17 -9.67
C5 KRS H . 14.33 -16.85 -9.38
C4 KRS H . 14.31 -18.08 -8.76
C3 KRS H . 13.10 -18.66 -8.41
O2 KRS H . 13.01 -19.88 -7.79
C2 KRS H . 11.92 -18.01 -8.69
C1 KRS H . 11.93 -16.77 -9.32
O1 KRS H . 10.78 -16.13 -9.59
O3 KRS H . 14.40 -14.40 -10.72
C7 KRS H . 15.53 -15.26 -10.93
C6 KRS H . 15.65 -16.22 -9.75
C10 KRS H . 16.82 -14.48 -11.17
C11 KRS H . 16.77 -13.48 -12.31
O5 KRS H . 16.39 -14.27 -13.47
C12 KRS H . 17.35 -15.22 -13.98
C16 KRS H . 16.83 -15.92 -15.24
C13 KRS H . 18.72 -14.55 -14.19
C14 KRS H . 18.63 -13.03 -13.97
C15 KRS H . 18.08 -12.74 -12.56
C1 EDO I . 29.44 -4.51 -17.08
O1 EDO I . 29.87 -3.99 -15.81
C2 EDO I . 30.66 -4.73 -17.96
O2 EDO I . 31.35 -3.50 -18.15
C1 EDO J . 42.30 -15.48 -21.64
O1 EDO J . 42.94 -14.26 -22.03
C2 EDO J . 42.78 -15.88 -20.26
O2 EDO J . 42.09 -17.07 -19.85
N LYS K . -21.33 11.84 23.59
CA LYS K . -21.59 11.43 22.22
C LYS K . -20.84 10.14 21.90
O LYS K . -21.22 9.40 20.96
CB LYS K . -21.16 12.55 21.26
CG LYS K . -22.01 13.79 21.51
CD LYS K . -23.46 13.53 21.09
CE LYS K . -24.26 14.82 21.19
NZ LYS K . -24.58 15.10 22.58
OXT LYS K . -19.82 9.82 22.59
O4 KRS L . -13.05 6.72 16.71
C8 KRS L . -14.00 6.34 17.33
C9 KRS L . -13.99 5.29 18.38
C5 KRS L . -15.18 4.85 18.96
C4 KRS L . -15.18 3.86 19.93
C3 KRS L . -13.97 3.32 20.35
O2 KRS L . -13.90 2.35 21.32
C2 KRS L . -12.79 3.75 19.79
C1 KRS L . -12.78 4.73 18.82
O1 KRS L . -11.62 5.15 18.27
O3 KRS L . -15.21 6.90 17.07
C7 KRS L . -16.32 6.87 17.99
C6 KRS L . -16.50 5.43 18.49
C10 KRS L . -17.60 7.42 17.38
C11 KRS L . -17.45 8.76 16.66
O5 KRS L . -16.96 9.65 17.69
C12 KRS L . -17.87 10.00 18.75
C16 KRS L . -17.22 10.97 19.75
C13 KRS L . -19.18 10.55 18.16
C14 KRS L . -19.11 10.65 16.63
C15 KRS L . -18.73 9.30 16.03
N LYS M . -8.76 -26.55 -25.38
CA LYS M . -9.02 -27.20 -26.65
C LYS M . -8.13 -28.44 -26.79
O LYS M . -8.41 -29.32 -27.65
CB LYS M . -8.78 -26.24 -27.81
CG LYS M . -9.66 -25.00 -27.65
CD LYS M . -11.08 -25.33 -28.09
CE LYS M . -11.92 -24.04 -28.10
NZ LYS M . -12.21 -23.64 -26.74
OXT LYS M . -7.13 -28.58 -26.04
O4 KRS N . -0.30 -32.25 -31.70
C8 KRS N . -1.24 -32.62 -31.06
C9 KRS N . -1.22 -33.48 -29.85
C5 KRS N . -2.40 -33.86 -29.23
C4 KRS N . -2.38 -34.67 -28.11
C3 KRS N . -1.16 -35.10 -27.60
O2 KRS N . -1.07 -35.89 -26.50
C2 KRS N . 0.01 -34.73 -28.21
C1 KRS N . -0.01 -33.92 -29.32
O1 KRS N . 1.15 -33.54 -29.92
O3 KRS N . -2.49 -32.20 -31.47
C7 KRS N . -3.61 -32.10 -30.56
C6 KRS N . -3.73 -33.41 -29.79
C10 KRS N . -4.90 -31.72 -31.28
C11 KRS N . -4.85 -30.40 -32.06
O5 KRS N . -4.40 -29.43 -31.08
C12 KRS N . -5.32 -29.06 -30.01
C16 KRS N . -4.71 -27.95 -29.13
C13 KRS N . -6.69 -28.69 -30.57
C14 KRS N . -6.66 -28.64 -32.11
C15 KRS N . -6.19 -29.99 -32.68
#